data_1PK2
# 
_entry.id   1PK2 
# 
_audit_conform.dict_name       mmcif_pdbx.dic 
_audit_conform.dict_version    5.397 
_audit_conform.dict_location   http://mmcif.pdb.org/dictionaries/ascii/mmcif_pdbx.dic 
# 
loop_
_database_2.database_id 
_database_2.database_code 
_database_2.pdbx_database_accession 
_database_2.pdbx_DOI 
PDB   1PK2         pdb_00001pk2 10.2210/pdb1pk2/pdb 
WWPDB D_1000175709 ?            ?                   
# 
loop_
_pdbx_audit_revision_history.ordinal 
_pdbx_audit_revision_history.data_content_type 
_pdbx_audit_revision_history.major_revision 
_pdbx_audit_revision_history.minor_revision 
_pdbx_audit_revision_history.revision_date 
1 'Structure model' 1 0 1994-01-31 
2 'Structure model' 1 1 2008-03-24 
3 'Structure model' 1 2 2011-07-13 
4 'Structure model' 1 3 2022-02-23 
5 'Structure model' 2 0 2023-11-15 
6 'Structure model' 2 1 2024-10-23 
# 
_pdbx_audit_revision_details.ordinal             1 
_pdbx_audit_revision_details.revision_ordinal    1 
_pdbx_audit_revision_details.data_content_type   'Structure model' 
_pdbx_audit_revision_details.provider            repository 
_pdbx_audit_revision_details.type                'Initial release' 
_pdbx_audit_revision_details.description         ? 
_pdbx_audit_revision_details.details             ? 
# 
loop_
_pdbx_audit_revision_group.ordinal 
_pdbx_audit_revision_group.revision_ordinal 
_pdbx_audit_revision_group.data_content_type 
_pdbx_audit_revision_group.group 
1 2 'Structure model' 'Version format compliance' 
2 3 'Structure model' 'Version format compliance' 
3 4 'Structure model' 'Database references'       
4 4 'Structure model' 'Derived calculations'      
5 4 'Structure model' Other                       
6 5 'Structure model' 'Atomic model'              
7 5 'Structure model' 'Data collection'           
8 6 'Structure model' 'Structure summary'         
# 
loop_
_pdbx_audit_revision_category.ordinal 
_pdbx_audit_revision_category.revision_ordinal 
_pdbx_audit_revision_category.data_content_type 
_pdbx_audit_revision_category.category 
1  4 'Structure model' database_2                
2  4 'Structure model' pdbx_database_status      
3  4 'Structure model' pdbx_struct_assembly      
4  4 'Structure model' pdbx_struct_oper_list     
5  4 'Structure model' struct_site               
6  5 'Structure model' atom_site                 
7  5 'Structure model' chem_comp_atom            
8  5 'Structure model' chem_comp_bond            
9  6 'Structure model' pdbx_entry_details        
10 6 'Structure model' pdbx_modification_feature 
# 
loop_
_pdbx_audit_revision_item.ordinal 
_pdbx_audit_revision_item.revision_ordinal 
_pdbx_audit_revision_item.data_content_type 
_pdbx_audit_revision_item.item 
1  4 'Structure model' '_database_2.pdbx_DOI'                
2  4 'Structure model' '_database_2.pdbx_database_accession' 
3  4 'Structure model' '_pdbx_database_status.process_site'  
4  4 'Structure model' '_struct_site.pdbx_auth_asym_id'      
5  4 'Structure model' '_struct_site.pdbx_auth_comp_id'      
6  4 'Structure model' '_struct_site.pdbx_auth_seq_id'       
7  5 'Structure model' '_atom_site.Cartn_x'                  
8  5 'Structure model' '_atom_site.Cartn_y'                  
9  5 'Structure model' '_atom_site.Cartn_z'                  
10 5 'Structure model' '_atom_site.auth_atom_id'             
11 5 'Structure model' '_atom_site.label_atom_id'            
# 
_pdbx_database_status.status_code                     REL 
_pdbx_database_status.entry_id                        1PK2 
_pdbx_database_status.recvd_initial_deposition_date   1991-09-16 
_pdbx_database_status.deposit_site                    ? 
_pdbx_database_status.process_site                    BNL 
_pdbx_database_status.status_code_sf                  ? 
_pdbx_database_status.status_code_mr                  REL 
_pdbx_database_status.SG_entry                        ? 
_pdbx_database_status.pdb_format_compatible           Y 
_pdbx_database_status.status_code_cs                  ? 
_pdbx_database_status.status_code_nmr_data            ? 
_pdbx_database_status.methods_development_category    ? 
# 
loop_
_audit_author.name 
_audit_author.pdbx_ordinal 
'Llinas, M.'     1 
'Byeon, I.-J.L.' 2 
# 
loop_
_citation.id 
_citation.title 
_citation.journal_abbrev 
_citation.journal_volume 
_citation.page_first 
_citation.page_last 
_citation.year 
_citation.journal_id_ASTM 
_citation.country 
_citation.journal_id_ISSN 
_citation.journal_id_CSD 
_citation.book_publisher 
_citation.pdbx_database_id_PubMed 
_citation.pdbx_database_id_DOI 
primary 
;Solution structure of the tissue-type plasminogen activator kringle 2 domain complexed to 6-aminohexanoic acid an antifibrinolytic drug.
;
J.Mol.Biol.    222 1035 1051 1991 JMOBAK UK 0022-2836 0070 ? 1762144 '10.1016/0022-2836(91)90592-T' 
1       'Kringle-2 Domain of the Tissue-Type Plasminogen Activator H-NMR Assignments and Secondary Structure' Eur.J.Biochem. 197 
155  ?    1991 EJBCAI IX 0014-2956 0262 ? ?       ?                              
# 
loop_
_citation_author.citation_id 
_citation_author.name 
_citation_author.ordinal 
_citation_author.identifier_ORCID 
primary 'Byeon, I.J.'    1 ? 
primary 'Llinas, M.'     2 ? 
1       'Byeon, I.-J.L.' 3 ? 
1       'Kelley, R.F.'   4 ? 
1       'Llinas, M.'     5 ? 
# 
loop_
_entity.id 
_entity.type 
_entity.src_method 
_entity.pdbx_description 
_entity.formula_weight 
_entity.pdbx_number_of_molecules 
_entity.pdbx_ec 
_entity.pdbx_mutation 
_entity.pdbx_fragment 
_entity.details 
1 polymer     man 'TISSUE-TYPE PLASMINOGEN ACTIVATOR' 9869.960 1 3.4.21.68 ? ? ? 
2 non-polymer syn '6-AMINOHEXANOIC ACID'              131.173  1 ?         ? ? ? 
# 
_entity_poly.entity_id                      1 
_entity_poly.type                           'polypeptide(L)' 
_entity_poly.nstd_linkage                   no 
_entity_poly.nstd_monomer                   no 
_entity_poly.pdbx_seq_one_letter_code       
;SEGNSDCYFGNGSAYRGTHSLTESGASCLPWNSMILIGKVYTAQNPSAQALGLGKHNYCRNPDGDAKPWCHVLKNRRLTW
EYCDVPSCST
;
_entity_poly.pdbx_seq_one_letter_code_can   
;SEGNSDCYFGNGSAYRGTHSLTESGASCLPWNSMILIGKVYTAQNPSAQALGLGKHNYCRNPDGDAKPWCHVLKNRRLTW
EYCDVPSCST
;
_entity_poly.pdbx_strand_id                 A 
_entity_poly.pdbx_target_identifier         ? 
# 
_pdbx_entity_nonpoly.entity_id   2 
_pdbx_entity_nonpoly.name        '6-AMINOHEXANOIC ACID' 
_pdbx_entity_nonpoly.comp_id     ACA 
# 
loop_
_entity_poly_seq.entity_id 
_entity_poly_seq.num 
_entity_poly_seq.mon_id 
_entity_poly_seq.hetero 
1 1  SER n 
1 2  GLU n 
1 3  GLY n 
1 4  ASN n 
1 5  SER n 
1 6  ASP n 
1 7  CYS n 
1 8  TYR n 
1 9  PHE n 
1 10 GLY n 
1 11 ASN n 
1 12 GLY n 
1 13 SER n 
1 14 ALA n 
1 15 TYR n 
1 16 ARG n 
1 17 GLY n 
1 18 THR n 
1 19 HIS n 
1 20 SER n 
1 21 LEU n 
1 22 THR n 
1 23 GLU n 
1 24 SER n 
1 25 GLY n 
1 26 ALA n 
1 27 SER n 
1 28 CYS n 
1 29 LEU n 
1 30 PRO n 
1 31 TRP n 
1 32 ASN n 
1 33 SER n 
1 34 MET n 
1 35 ILE n 
1 36 LEU n 
1 37 ILE n 
1 38 GLY n 
1 39 LYS n 
1 40 VAL n 
1 41 TYR n 
1 42 THR n 
1 43 ALA n 
1 44 GLN n 
1 45 ASN n 
1 46 PRO n 
1 47 SER n 
1 48 ALA n 
1 49 GLN n 
1 50 ALA n 
1 51 LEU n 
1 52 GLY n 
1 53 LEU n 
1 54 GLY n 
1 55 LYS n 
1 56 HIS n 
1 57 ASN n 
1 58 TYR n 
1 59 CYS n 
1 60 ARG n 
1 61 ASN n 
1 62 PRO n 
1 63 ASP n 
1 64 GLY n 
1 65 ASP n 
1 66 ALA n 
1 67 LYS n 
1 68 PRO n 
1 69 TRP n 
1 70 CYS n 
1 71 HIS n 
1 72 VAL n 
1 73 LEU n 
1 74 LYS n 
1 75 ASN n 
1 76 ARG n 
1 77 ARG n 
1 78 LEU n 
1 79 THR n 
1 80 TRP n 
1 81 GLU n 
1 82 TYR n 
1 83 CYS n 
1 84 ASP n 
1 85 VAL n 
1 86 PRO n 
1 87 SER n 
1 88 CYS n 
1 89 SER n 
1 90 THR n 
# 
_entity_src_gen.entity_id                          1 
_entity_src_gen.pdbx_src_id                        1 
_entity_src_gen.pdbx_alt_source_flag               sample 
_entity_src_gen.pdbx_seq_type                      ? 
_entity_src_gen.pdbx_beg_seq_num                   ? 
_entity_src_gen.pdbx_end_seq_num                   ? 
_entity_src_gen.gene_src_common_name               human 
_entity_src_gen.gene_src_genus                     Homo 
_entity_src_gen.pdbx_gene_src_gene                 ? 
_entity_src_gen.gene_src_species                   ? 
_entity_src_gen.gene_src_strain                    ? 
_entity_src_gen.gene_src_tissue                    ? 
_entity_src_gen.gene_src_tissue_fraction           ? 
_entity_src_gen.gene_src_details                   ? 
_entity_src_gen.pdbx_gene_src_fragment             ? 
_entity_src_gen.pdbx_gene_src_scientific_name      'Homo sapiens' 
_entity_src_gen.pdbx_gene_src_ncbi_taxonomy_id     9606 
_entity_src_gen.pdbx_gene_src_variant              ? 
_entity_src_gen.pdbx_gene_src_cell_line            ? 
_entity_src_gen.pdbx_gene_src_atcc                 ? 
_entity_src_gen.pdbx_gene_src_organ                ? 
_entity_src_gen.pdbx_gene_src_organelle            ? 
_entity_src_gen.pdbx_gene_src_cell                 ? 
_entity_src_gen.pdbx_gene_src_cellular_location    ? 
_entity_src_gen.host_org_common_name               ? 
_entity_src_gen.pdbx_host_org_scientific_name      ? 
_entity_src_gen.pdbx_host_org_ncbi_taxonomy_id     ? 
_entity_src_gen.host_org_genus                     ? 
_entity_src_gen.pdbx_host_org_gene                 ? 
_entity_src_gen.pdbx_host_org_organ                ? 
_entity_src_gen.host_org_species                   ? 
_entity_src_gen.pdbx_host_org_tissue               ? 
_entity_src_gen.pdbx_host_org_tissue_fraction      ? 
_entity_src_gen.pdbx_host_org_strain               ? 
_entity_src_gen.pdbx_host_org_variant              ? 
_entity_src_gen.pdbx_host_org_cell_line            ? 
_entity_src_gen.pdbx_host_org_atcc                 ? 
_entity_src_gen.pdbx_host_org_culture_collection   ? 
_entity_src_gen.pdbx_host_org_cell                 ? 
_entity_src_gen.pdbx_host_org_organelle            ? 
_entity_src_gen.pdbx_host_org_cellular_location    ? 
_entity_src_gen.pdbx_host_org_vector_type          ? 
_entity_src_gen.pdbx_host_org_vector               ? 
_entity_src_gen.host_org_details                   ? 
_entity_src_gen.expression_system_id               ? 
_entity_src_gen.plasmid_name                       ? 
_entity_src_gen.plasmid_details                    ? 
_entity_src_gen.pdbx_description                   ? 
# 
loop_
_chem_comp.id 
_chem_comp.type 
_chem_comp.mon_nstd_flag 
_chem_comp.name 
_chem_comp.pdbx_synonyms 
_chem_comp.formula 
_chem_comp.formula_weight 
ACA 'peptide linking'   . '6-AMINOHEXANOIC ACID' 'AMINOCAPROIC ACID' 'C6 H13 N O2'    131.173 
ALA 'L-peptide linking' y ALANINE                ?                   'C3 H7 N O2'     89.093  
ARG 'L-peptide linking' y ARGININE               ?                   'C6 H15 N4 O2 1' 175.209 
ASN 'L-peptide linking' y ASPARAGINE             ?                   'C4 H8 N2 O3'    132.118 
ASP 'L-peptide linking' y 'ASPARTIC ACID'        ?                   'C4 H7 N O4'     133.103 
CYS 'L-peptide linking' y CYSTEINE               ?                   'C3 H7 N O2 S'   121.158 
GLN 'L-peptide linking' y GLUTAMINE              ?                   'C5 H10 N2 O3'   146.144 
GLU 'L-peptide linking' y 'GLUTAMIC ACID'        ?                   'C5 H9 N O4'     147.129 
GLY 'peptide linking'   y GLYCINE                ?                   'C2 H5 N O2'     75.067  
HIS 'L-peptide linking' y HISTIDINE              ?                   'C6 H10 N3 O2 1' 156.162 
ILE 'L-peptide linking' y ISOLEUCINE             ?                   'C6 H13 N O2'    131.173 
LEU 'L-peptide linking' y LEUCINE                ?                   'C6 H13 N O2'    131.173 
LYS 'L-peptide linking' y LYSINE                 ?                   'C6 H15 N2 O2 1' 147.195 
MET 'L-peptide linking' y METHIONINE             ?                   'C5 H11 N O2 S'  149.211 
PHE 'L-peptide linking' y PHENYLALANINE          ?                   'C9 H11 N O2'    165.189 
PRO 'L-peptide linking' y PROLINE                ?                   'C5 H9 N O2'     115.130 
SER 'L-peptide linking' y SERINE                 ?                   'C3 H7 N O3'     105.093 
THR 'L-peptide linking' y THREONINE              ?                   'C4 H9 N O3'     119.119 
TRP 'L-peptide linking' y TRYPTOPHAN             ?                   'C11 H12 N2 O2'  204.225 
TYR 'L-peptide linking' y TYROSINE               ?                   'C9 H11 N O3'    181.189 
VAL 'L-peptide linking' y VALINE                 ?                   'C5 H11 N O2'    117.146 
# 
loop_
_pdbx_poly_seq_scheme.asym_id 
_pdbx_poly_seq_scheme.entity_id 
_pdbx_poly_seq_scheme.seq_id 
_pdbx_poly_seq_scheme.mon_id 
_pdbx_poly_seq_scheme.ndb_seq_num 
_pdbx_poly_seq_scheme.pdb_seq_num 
_pdbx_poly_seq_scheme.auth_seq_num 
_pdbx_poly_seq_scheme.pdb_mon_id 
_pdbx_poly_seq_scheme.auth_mon_id 
_pdbx_poly_seq_scheme.pdb_strand_id 
_pdbx_poly_seq_scheme.pdb_ins_code 
_pdbx_poly_seq_scheme.hetero 
A 1 1  SER 1  1  1  SER SER A . n 
A 1 2  GLU 2  2  2  GLU GLU A . n 
A 1 3  GLY 3  3  3  GLY GLY A . n 
A 1 4  ASN 4  4  4  ASN ASN A . n 
A 1 5  SER 5  5  5  SER SER A . n 
A 1 6  ASP 6  6  6  ASP ASP A . n 
A 1 7  CYS 7  7  7  CYS CYS A . n 
A 1 8  TYR 8  8  8  TYR TYR A . n 
A 1 9  PHE 9  9  9  PHE PHE A . n 
A 1 10 GLY 10 10 10 GLY GLY A . n 
A 1 11 ASN 11 11 11 ASN ASN A . n 
A 1 12 GLY 12 12 12 GLY GLY A . n 
A 1 13 SER 13 13 13 SER SER A . n 
A 1 14 ALA 14 14 14 ALA ALA A . n 
A 1 15 TYR 15 15 15 TYR TYR A . n 
A 1 16 ARG 16 16 16 ARG ARG A . n 
A 1 17 GLY 17 17 17 GLY GLY A . n 
A 1 18 THR 18 18 18 THR THR A . n 
A 1 19 HIS 19 19 19 HIS HIS A . n 
A 1 20 SER 20 20 20 SER SER A . n 
A 1 21 LEU 21 21 21 LEU LEU A . n 
A 1 22 THR 22 22 22 THR THR A . n 
A 1 23 GLU 23 23 23 GLU GLU A . n 
A 1 24 SER 24 24 24 SER SER A . n 
A 1 25 GLY 25 25 25 GLY GLY A . n 
A 1 26 ALA 26 26 26 ALA ALA A . n 
A 1 27 SER 27 27 27 SER SER A . n 
A 1 28 CYS 28 28 28 CYS CYS A . n 
A 1 29 LEU 29 29 29 LEU LEU A . n 
A 1 30 PRO 30 30 30 PRO PRO A . n 
A 1 31 TRP 31 31 31 TRP TRP A . n 
A 1 32 ASN 32 32 32 ASN ASN A . n 
A 1 33 SER 33 33 33 SER SER A . n 
A 1 34 MET 34 34 34 MET MET A . n 
A 1 35 ILE 35 35 35 ILE ILE A . n 
A 1 36 LEU 36 36 36 LEU LEU A . n 
A 1 37 ILE 37 37 37 ILE ILE A . n 
A 1 38 GLY 38 38 38 GLY GLY A . n 
A 1 39 LYS 39 39 39 LYS LYS A . n 
A 1 40 VAL 40 40 40 VAL VAL A . n 
A 1 41 TYR 41 41 41 TYR TYR A . n 
A 1 42 THR 42 42 42 THR THR A . n 
A 1 43 ALA 43 43 43 ALA ALA A . n 
A 1 44 GLN 44 44 44 GLN GLN A . n 
A 1 45 ASN 45 45 45 ASN ASN A . n 
A 1 46 PRO 46 46 46 PRO PRO A . n 
A 1 47 SER 47 47 47 SER SER A . n 
A 1 48 ALA 48 48 48 ALA ALA A . n 
A 1 49 GLN 49 49 49 GLN GLN A . n 
A 1 50 ALA 50 50 50 ALA ALA A . n 
A 1 51 LEU 51 51 51 LEU LEU A . n 
A 1 52 GLY 52 52 52 GLY GLY A . n 
A 1 53 LEU 53 53 53 LEU LEU A . n 
A 1 54 GLY 54 54 54 GLY GLY A . n 
A 1 55 LYS 55 55 55 LYS LYS A . n 
A 1 56 HIS 56 56 56 HIS HIS A . n 
A 1 57 ASN 57 57 57 ASN ASN A . n 
A 1 58 TYR 58 58 58 TYR TYR A . n 
A 1 59 CYS 59 59 59 CYS CYS A . n 
A 1 60 ARG 60 60 60 ARG ARG A . n 
A 1 61 ASN 61 61 61 ASN ASN A . n 
A 1 62 PRO 62 62 62 PRO PRO A . n 
A 1 63 ASP 63 63 63 ASP ASP A . n 
A 1 64 GLY 64 64 64 GLY GLY A . n 
A 1 65 ASP 65 65 65 ASP ASP A . n 
A 1 66 ALA 66 66 66 ALA ALA A . n 
A 1 67 LYS 67 67 67 LYS LYS A . n 
A 1 68 PRO 68 68 68 PRO PRO A . n 
A 1 69 TRP 69 69 69 TRP TRP A . n 
A 1 70 CYS 70 70 70 CYS CYS A . n 
A 1 71 HIS 71 71 71 HIS HIS A . n 
A 1 72 VAL 72 72 72 VAL VAL A . n 
A 1 73 LEU 73 73 73 LEU LEU A . n 
A 1 74 LYS 74 74 74 LYS LYS A . n 
A 1 75 ASN 75 75 75 ASN ASN A . n 
A 1 76 ARG 76 76 76 ARG ARG A . n 
A 1 77 ARG 77 77 77 ARG ARG A . n 
A 1 78 LEU 78 78 78 LEU LEU A . n 
A 1 79 THR 79 79 79 THR THR A . n 
A 1 80 TRP 80 80 80 TRP TRP A . n 
A 1 81 GLU 81 81 81 GLU GLU A . n 
A 1 82 TYR 82 82 82 TYR TYR A . n 
A 1 83 CYS 83 83 83 CYS CYS A . n 
A 1 84 ASP 84 84 84 ASP ASP A . n 
A 1 85 VAL 85 85 85 VAL VAL A . n 
A 1 86 PRO 86 86 86 PRO PRO A . n 
A 1 87 SER 87 87 87 SER SER A . n 
A 1 88 CYS 88 88 88 CYS CYS A . n 
A 1 89 SER 89 89 89 SER SER A . n 
A 1 90 THR 90 90 90 THR THR A . n 
# 
_pdbx_nonpoly_scheme.asym_id         B 
_pdbx_nonpoly_scheme.entity_id       2 
_pdbx_nonpoly_scheme.mon_id          ACA 
_pdbx_nonpoly_scheme.ndb_seq_num     1 
_pdbx_nonpoly_scheme.pdb_seq_num     91 
_pdbx_nonpoly_scheme.auth_seq_num    91 
_pdbx_nonpoly_scheme.pdb_mon_id      ACA 
_pdbx_nonpoly_scheme.auth_mon_id     AHA 
_pdbx_nonpoly_scheme.pdb_strand_id   A 
_pdbx_nonpoly_scheme.pdb_ins_code    . 
# 
_cell.entry_id           1PK2 
_cell.length_a           1.000 
_cell.length_b           1.000 
_cell.length_c           1.000 
_cell.angle_alpha        90.00 
_cell.angle_beta         90.00 
_cell.angle_gamma        90.00 
_cell.Z_PDB              1 
_cell.pdbx_unique_axis   ? 
# 
_symmetry.entry_id                         1PK2 
_symmetry.space_group_name_H-M             'P 1' 
_symmetry.pdbx_full_space_group_name_H-M   ? 
_symmetry.cell_setting                     ? 
_symmetry.Int_Tables_number                1 
# 
_exptl.entry_id          1PK2 
_exptl.method            'SOLUTION NMR' 
_exptl.crystals_number   ? 
# 
_struct.entry_id                  1PK2 
_struct.title                     
;SOLUTION STRUCTURE OF THE TISSUE-TYPE PLASMINOGEN ACTIVATOR KRINGLE 2 DOMAIN COMPLEXED TO 6-AMINOHEXANOIC ACID AN ANTIFIBRINOLYTIC DRUG
;
_struct.pdbx_model_details        ? 
_struct.pdbx_CASP_flag            ? 
_struct.pdbx_model_type_details   ? 
# 
_struct_keywords.entry_id        1PK2 
_struct_keywords.pdbx_keywords   'PLASMINOGEN ACTIVATOR' 
_struct_keywords.text            'PLASMINOGEN ACTIVATOR' 
# 
loop_
_struct_asym.id 
_struct_asym.pdbx_blank_PDB_chainid_flag 
_struct_asym.pdbx_modified 
_struct_asym.entity_id 
_struct_asym.details 
A Y N 1 ? 
B N N 2 ? 
# 
_struct_ref.id                         1 
_struct_ref.db_name                    UNP 
_struct_ref.db_code                    TPA_HUMAN 
_struct_ref.entity_id                  1 
_struct_ref.pdbx_db_accession          P00750 
_struct_ref.pdbx_align_begin           1 
_struct_ref.pdbx_seq_one_letter_code   
;MDAMKRGLCCVLLLCGAVFVSPSQEIHARFRRGARSYQVICRDEKTQMIYQQHQSWLRPVLRSNRVEYCWCNSGRAQCHS
VPVKSCSEPRCFNGGTCQQALYFSDFVCQCPEGFAGKCCEIDTRATCYEDQGISYRGTWSTAESGAECTNWNSSALAQKP
YSGRRPDAIRLGLGNHNYCRNPDRDSKPWCYVFKAGKYSSEFCSTPACSEGNSDCYFGNGSAYRGTHSLTESGASCLPWN
SMILIGKVYTAQNPSAQALGLGKHNYCRNPDGDAKPWCHVLKNRRLTWEYCDVPSCSTCGLRQYSQPQFRIKGGLFADIA
SHPWQAAIFAKHRRSPGERFLCGGILISSCWILSAAHCFQERFPPHHLTVILGRTYRVVPGEEEQKFEVEKYIVHKEFDD
DTYDNDIALLQLKSDSSRCAQESSVVRTVCLPPADLQLPDWTECELSGYGKHEALSPFYSERLKEAHVRLYPSSRCTSQH
LLNRTVTDNMLCAGDTRSGGPQANLHDACQGDSGGPLVCLNDGRMTLVGIISWGLGCGQKDVPGVYTKVTNYLDWIRDNM
RP
;
_struct_ref.pdbx_db_isoform            ? 
# 
_struct_ref_seq.align_id                      1 
_struct_ref_seq.ref_id                        1 
_struct_ref_seq.pdbx_PDB_id_code              1PK2 
_struct_ref_seq.pdbx_strand_id                A 
_struct_ref_seq.seq_align_beg                 1 
_struct_ref_seq.pdbx_seq_align_beg_ins_code   ? 
_struct_ref_seq.seq_align_end                 90 
_struct_ref_seq.pdbx_seq_align_end_ins_code   ? 
_struct_ref_seq.pdbx_db_accession             P00750 
_struct_ref_seq.db_align_beg                  209 
_struct_ref_seq.pdbx_db_align_beg_ins_code    ? 
_struct_ref_seq.db_align_end                  298 
_struct_ref_seq.pdbx_db_align_end_ins_code    ? 
_struct_ref_seq.pdbx_auth_seq_align_beg       1 
_struct_ref_seq.pdbx_auth_seq_align_end       90 
# 
_pdbx_struct_assembly.id                   1 
_pdbx_struct_assembly.details              author_defined_assembly 
_pdbx_struct_assembly.method_details       ? 
_pdbx_struct_assembly.oligomeric_details   monomeric 
_pdbx_struct_assembly.oligomeric_count     1 
# 
_pdbx_struct_assembly_gen.assembly_id       1 
_pdbx_struct_assembly_gen.oper_expression   1 
_pdbx_struct_assembly_gen.asym_id_list      A,B 
# 
_pdbx_struct_oper_list.id                   1 
_pdbx_struct_oper_list.type                 'identity operation' 
_pdbx_struct_oper_list.name                 1_555 
_pdbx_struct_oper_list.symmetry_operation   x,y,z 
_pdbx_struct_oper_list.matrix[1][1]         1.0000000000 
_pdbx_struct_oper_list.matrix[1][2]         0.0000000000 
_pdbx_struct_oper_list.matrix[1][3]         0.0000000000 
_pdbx_struct_oper_list.vector[1]            0.0000000000 
_pdbx_struct_oper_list.matrix[2][1]         0.0000000000 
_pdbx_struct_oper_list.matrix[2][2]         1.0000000000 
_pdbx_struct_oper_list.matrix[2][3]         0.0000000000 
_pdbx_struct_oper_list.vector[2]            0.0000000000 
_pdbx_struct_oper_list.matrix[3][1]         0.0000000000 
_pdbx_struct_oper_list.matrix[3][2]         0.0000000000 
_pdbx_struct_oper_list.matrix[3][3]         1.0000000000 
_pdbx_struct_oper_list.vector[3]            0.0000000000 
# 
_struct_biol.id   1 
# 
loop_
_struct_conf.conf_type_id 
_struct_conf.id 
_struct_conf.pdbx_PDB_helix_id 
_struct_conf.beg_label_comp_id 
_struct_conf.beg_label_asym_id 
_struct_conf.beg_label_seq_id 
_struct_conf.pdbx_beg_PDB_ins_code 
_struct_conf.end_label_comp_id 
_struct_conf.end_label_asym_id 
_struct_conf.end_label_seq_id 
_struct_conf.pdbx_end_PDB_ins_code 
_struct_conf.beg_auth_comp_id 
_struct_conf.beg_auth_asym_id 
_struct_conf.beg_auth_seq_id 
_struct_conf.end_auth_comp_id 
_struct_conf.end_auth_asym_id 
_struct_conf.end_auth_seq_id 
_struct_conf.pdbx_PDB_helix_class 
_struct_conf.details 
_struct_conf.pdbx_PDB_helix_length 
HELX_P HELX_P1 1 SER A 33 ? ILE A 37 ? SER A 33 ILE A 37 5 ? 5 
HELX_P HELX_P2 2 SER A 47 ? GLY A 52 ? SER A 47 GLY A 52 1 ? 6 
# 
_struct_conf_type.id          HELX_P 
_struct_conf_type.criteria    ? 
_struct_conf_type.reference   ? 
# 
loop_
_struct_conn.id 
_struct_conn.conn_type_id 
_struct_conn.pdbx_leaving_atom_flag 
_struct_conn.pdbx_PDB_id 
_struct_conn.ptnr1_label_asym_id 
_struct_conn.ptnr1_label_comp_id 
_struct_conn.ptnr1_label_seq_id 
_struct_conn.ptnr1_label_atom_id 
_struct_conn.pdbx_ptnr1_label_alt_id 
_struct_conn.pdbx_ptnr1_PDB_ins_code 
_struct_conn.pdbx_ptnr1_standard_comp_id 
_struct_conn.ptnr1_symmetry 
_struct_conn.ptnr2_label_asym_id 
_struct_conn.ptnr2_label_comp_id 
_struct_conn.ptnr2_label_seq_id 
_struct_conn.ptnr2_label_atom_id 
_struct_conn.pdbx_ptnr2_label_alt_id 
_struct_conn.pdbx_ptnr2_PDB_ins_code 
_struct_conn.ptnr1_auth_asym_id 
_struct_conn.ptnr1_auth_comp_id 
_struct_conn.ptnr1_auth_seq_id 
_struct_conn.ptnr2_auth_asym_id 
_struct_conn.ptnr2_auth_comp_id 
_struct_conn.ptnr2_auth_seq_id 
_struct_conn.ptnr2_symmetry 
_struct_conn.pdbx_ptnr3_label_atom_id 
_struct_conn.pdbx_ptnr3_label_seq_id 
_struct_conn.pdbx_ptnr3_label_comp_id 
_struct_conn.pdbx_ptnr3_label_asym_id 
_struct_conn.pdbx_ptnr3_label_alt_id 
_struct_conn.pdbx_ptnr3_PDB_ins_code 
_struct_conn.details 
_struct_conn.pdbx_dist_value 
_struct_conn.pdbx_value_order 
_struct_conn.pdbx_role 
disulf1 disulf ? ? A CYS 7  SG ? ? ? 1_555 A CYS 88 SG ? ? A CYS 7  A CYS 88 1_555 ? ? ? ? ? ? ? 2.022 ? ? 
disulf2 disulf ? ? A CYS 28 SG ? ? ? 1_555 A CYS 70 SG ? ? A CYS 28 A CYS 70 1_555 ? ? ? ? ? ? ? 2.010 ? ? 
disulf3 disulf ? ? A CYS 59 SG ? ? ? 1_555 A CYS 83 SG ? ? A CYS 59 A CYS 83 1_555 ? ? ? ? ? ? ? 2.008 ? ? 
# 
_struct_conn_type.id          disulf 
_struct_conn_type.criteria    ? 
_struct_conn_type.reference   ? 
# 
loop_
_pdbx_modification_feature.ordinal 
_pdbx_modification_feature.label_comp_id 
_pdbx_modification_feature.label_asym_id 
_pdbx_modification_feature.label_seq_id 
_pdbx_modification_feature.label_alt_id 
_pdbx_modification_feature.modified_residue_label_comp_id 
_pdbx_modification_feature.modified_residue_label_asym_id 
_pdbx_modification_feature.modified_residue_label_seq_id 
_pdbx_modification_feature.modified_residue_label_alt_id 
_pdbx_modification_feature.auth_comp_id 
_pdbx_modification_feature.auth_asym_id 
_pdbx_modification_feature.auth_seq_id 
_pdbx_modification_feature.PDB_ins_code 
_pdbx_modification_feature.symmetry 
_pdbx_modification_feature.modified_residue_auth_comp_id 
_pdbx_modification_feature.modified_residue_auth_asym_id 
_pdbx_modification_feature.modified_residue_auth_seq_id 
_pdbx_modification_feature.modified_residue_PDB_ins_code 
_pdbx_modification_feature.modified_residue_symmetry 
_pdbx_modification_feature.comp_id_linking_atom 
_pdbx_modification_feature.modified_residue_id_linking_atom 
_pdbx_modification_feature.modified_residue_id 
_pdbx_modification_feature.ref_pcm_id 
_pdbx_modification_feature.ref_comp_id 
_pdbx_modification_feature.type 
_pdbx_modification_feature.category 
1 CYS A 7  ? CYS A 88 ? CYS A 7  ? 1_555 CYS A 88 ? 1_555 SG SG . . . None 'Disulfide bridge' 
2 CYS A 28 ? CYS A 70 ? CYS A 28 ? 1_555 CYS A 70 ? 1_555 SG SG . . . None 'Disulfide bridge' 
3 CYS A 59 ? CYS A 83 ? CYS A 59 ? 1_555 CYS A 83 ? 1_555 SG SG . . . None 'Disulfide bridge' 
# 
_struct_sheet.id               A 
_struct_sheet.type             ? 
_struct_sheet.number_strands   2 
_struct_sheet.details          ? 
# 
_struct_sheet_order.sheet_id     A 
_struct_sheet_order.range_id_1   1 
_struct_sheet_order.range_id_2   2 
_struct_sheet_order.offset       ? 
_struct_sheet_order.sense        anti-parallel 
# 
loop_
_struct_sheet_range.sheet_id 
_struct_sheet_range.id 
_struct_sheet_range.beg_label_comp_id 
_struct_sheet_range.beg_label_asym_id 
_struct_sheet_range.beg_label_seq_id 
_struct_sheet_range.pdbx_beg_PDB_ins_code 
_struct_sheet_range.end_label_comp_id 
_struct_sheet_range.end_label_asym_id 
_struct_sheet_range.end_label_seq_id 
_struct_sheet_range.pdbx_end_PDB_ins_code 
_struct_sheet_range.beg_auth_comp_id 
_struct_sheet_range.beg_auth_asym_id 
_struct_sheet_range.beg_auth_seq_id 
_struct_sheet_range.end_auth_comp_id 
_struct_sheet_range.end_auth_asym_id 
_struct_sheet_range.end_auth_seq_id 
A 1 TRP A 69 ? LYS A 74 ? TRP A 69 LYS A 74 
A 2 ARG A 77 ? TYR A 82 ? ARG A 77 TYR A 82 
# 
_pdbx_struct_sheet_hbond.sheet_id                A 
_pdbx_struct_sheet_hbond.range_id_1              1 
_pdbx_struct_sheet_hbond.range_id_2              2 
_pdbx_struct_sheet_hbond.range_1_label_atom_id   N 
_pdbx_struct_sheet_hbond.range_1_label_comp_id   LYS 
_pdbx_struct_sheet_hbond.range_1_label_asym_id   A 
_pdbx_struct_sheet_hbond.range_1_label_seq_id    74 
_pdbx_struct_sheet_hbond.range_1_PDB_ins_code    ? 
_pdbx_struct_sheet_hbond.range_1_auth_atom_id    N 
_pdbx_struct_sheet_hbond.range_1_auth_comp_id    LYS 
_pdbx_struct_sheet_hbond.range_1_auth_asym_id    A 
_pdbx_struct_sheet_hbond.range_1_auth_seq_id     74 
_pdbx_struct_sheet_hbond.range_2_label_atom_id   O 
_pdbx_struct_sheet_hbond.range_2_label_comp_id   ARG 
_pdbx_struct_sheet_hbond.range_2_label_asym_id   A 
_pdbx_struct_sheet_hbond.range_2_label_seq_id    77 
_pdbx_struct_sheet_hbond.range_2_PDB_ins_code    ? 
_pdbx_struct_sheet_hbond.range_2_auth_atom_id    O 
_pdbx_struct_sheet_hbond.range_2_auth_comp_id    ARG 
_pdbx_struct_sheet_hbond.range_2_auth_asym_id    A 
_pdbx_struct_sheet_hbond.range_2_auth_seq_id     77 
# 
_struct_site.id                   AC1 
_struct_site.pdbx_evidence_code   Software 
_struct_site.pdbx_auth_asym_id    A 
_struct_site.pdbx_auth_comp_id    ACA 
_struct_site.pdbx_auth_seq_id     91 
_struct_site.pdbx_auth_ins_code   ? 
_struct_site.pdbx_num_residues    6 
_struct_site.details              'BINDING SITE FOR RESIDUE ACA A 91' 
# 
loop_
_struct_site_gen.id 
_struct_site_gen.site_id 
_struct_site_gen.pdbx_num_res 
_struct_site_gen.label_comp_id 
_struct_site_gen.label_asym_id 
_struct_site_gen.label_seq_id 
_struct_site_gen.pdbx_auth_ins_code 
_struct_site_gen.auth_comp_id 
_struct_site_gen.auth_asym_id 
_struct_site_gen.auth_seq_id 
_struct_site_gen.label_atom_id 
_struct_site_gen.label_alt_id 
_struct_site_gen.symmetry 
_struct_site_gen.details 
1 AC1 6 ASP A 63 ? ASP A 63 . ? 1_555 ? 
2 AC1 6 TRP A 69 ? TRP A 69 . ? 1_555 ? 
3 AC1 6 HIS A 71 ? HIS A 71 . ? 1_555 ? 
4 AC1 6 LEU A 78 ? LEU A 78 . ? 1_555 ? 
5 AC1 6 THR A 79 ? THR A 79 . ? 1_555 ? 
6 AC1 6 TRP A 80 ? TRP A 80 . ? 1_555 ? 
# 
_pdbx_entry_details.entry_id                   1PK2 
_pdbx_entry_details.compound_details           ? 
_pdbx_entry_details.source_details             ? 
_pdbx_entry_details.nonpolymer_details         ? 
_pdbx_entry_details.sequence_details           ? 
_pdbx_entry_details.has_ligand_of_interest     ? 
_pdbx_entry_details.has_protein_modification   Y 
# 
loop_
_pdbx_validate_rmsd_bond.id 
_pdbx_validate_rmsd_bond.PDB_model_num 
_pdbx_validate_rmsd_bond.auth_atom_id_1 
_pdbx_validate_rmsd_bond.auth_asym_id_1 
_pdbx_validate_rmsd_bond.auth_comp_id_1 
_pdbx_validate_rmsd_bond.auth_seq_id_1 
_pdbx_validate_rmsd_bond.PDB_ins_code_1 
_pdbx_validate_rmsd_bond.label_alt_id_1 
_pdbx_validate_rmsd_bond.auth_atom_id_2 
_pdbx_validate_rmsd_bond.auth_asym_id_2 
_pdbx_validate_rmsd_bond.auth_comp_id_2 
_pdbx_validate_rmsd_bond.auth_seq_id_2 
_pdbx_validate_rmsd_bond.PDB_ins_code_2 
_pdbx_validate_rmsd_bond.label_alt_id_2 
_pdbx_validate_rmsd_bond.bond_value 
_pdbx_validate_rmsd_bond.bond_target_value 
_pdbx_validate_rmsd_bond.bond_deviation 
_pdbx_validate_rmsd_bond.bond_standard_deviation 
_pdbx_validate_rmsd_bond.linker_flag 
1 1 CG A HIS 19 ? ? ND1 A HIS 19 ? ? 1.254 1.369 -0.115 0.015 N 
2 1 CG A HIS 56 ? ? ND1 A HIS 56 ? ? 1.255 1.369 -0.114 0.015 N 
3 1 CG A TRP 69 ? ? CD2 A TRP 69 ? ? 1.327 1.432 -0.105 0.017 N 
4 1 CG A HIS 71 ? ? ND1 A HIS 71 ? ? 1.241 1.369 -0.128 0.015 N 
5 1 CG A TRP 80 ? ? CD2 A TRP 80 ? ? 1.315 1.432 -0.117 0.017 N 
# 
loop_
_pdbx_validate_rmsd_angle.id 
_pdbx_validate_rmsd_angle.PDB_model_num 
_pdbx_validate_rmsd_angle.auth_atom_id_1 
_pdbx_validate_rmsd_angle.auth_asym_id_1 
_pdbx_validate_rmsd_angle.auth_comp_id_1 
_pdbx_validate_rmsd_angle.auth_seq_id_1 
_pdbx_validate_rmsd_angle.PDB_ins_code_1 
_pdbx_validate_rmsd_angle.label_alt_id_1 
_pdbx_validate_rmsd_angle.auth_atom_id_2 
_pdbx_validate_rmsd_angle.auth_asym_id_2 
_pdbx_validate_rmsd_angle.auth_comp_id_2 
_pdbx_validate_rmsd_angle.auth_seq_id_2 
_pdbx_validate_rmsd_angle.PDB_ins_code_2 
_pdbx_validate_rmsd_angle.label_alt_id_2 
_pdbx_validate_rmsd_angle.auth_atom_id_3 
_pdbx_validate_rmsd_angle.auth_asym_id_3 
_pdbx_validate_rmsd_angle.auth_comp_id_3 
_pdbx_validate_rmsd_angle.auth_seq_id_3 
_pdbx_validate_rmsd_angle.PDB_ins_code_3 
_pdbx_validate_rmsd_angle.label_alt_id_3 
_pdbx_validate_rmsd_angle.angle_value 
_pdbx_validate_rmsd_angle.angle_target_value 
_pdbx_validate_rmsd_angle.angle_deviation 
_pdbx_validate_rmsd_angle.angle_standard_deviation 
_pdbx_validate_rmsd_angle.linker_flag 
1  1 CG  A TRP 31 ? ? CD1 A TRP 31 ? ? NE1 A TRP 31 ? ? 103.96 110.10 -6.14 1.00 N 
2  1 NE1 A TRP 31 ? ? CE2 A TRP 31 ? ? CZ2 A TRP 31 ? ? 138.57 130.40 8.17  1.10 N 
3  1 NE1 A TRP 31 ? ? CE2 A TRP 31 ? ? CD2 A TRP 31 ? ? 100.76 107.30 -6.54 1.00 N 
4  1 CD1 A TRP 69 ? ? CG  A TRP 69 ? ? CD2 A TRP 69 ? ? 111.18 106.30 4.88  0.80 N 
5  1 CG  A TRP 69 ? ? CD1 A TRP 69 ? ? NE1 A TRP 69 ? ? 103.22 110.10 -6.88 1.00 N 
6  1 CD1 A TRP 69 ? ? NE1 A TRP 69 ? ? CE2 A TRP 69 ? ? 114.64 109.00 5.64  0.90 N 
7  1 NE1 A TRP 69 ? ? CE2 A TRP 69 ? ? CZ2 A TRP 69 ? ? 139.02 130.40 8.62  1.10 N 
8  1 NE1 A TRP 69 ? ? CE2 A TRP 69 ? ? CD2 A TRP 69 ? ? 100.62 107.30 -6.68 1.00 N 
9  1 CG  A TRP 80 ? ? CD1 A TRP 80 ? ? NE1 A TRP 80 ? ? 103.35 110.10 -6.75 1.00 N 
10 1 NE1 A TRP 80 ? ? CE2 A TRP 80 ? ? CZ2 A TRP 80 ? ? 138.17 130.40 7.77  1.10 N 
11 1 NE1 A TRP 80 ? ? CE2 A TRP 80 ? ? CD2 A TRP 80 ? ? 100.99 107.30 -6.31 1.00 N 
# 
loop_
_pdbx_validate_torsion.id 
_pdbx_validate_torsion.PDB_model_num 
_pdbx_validate_torsion.auth_comp_id 
_pdbx_validate_torsion.auth_asym_id 
_pdbx_validate_torsion.auth_seq_id 
_pdbx_validate_torsion.PDB_ins_code 
_pdbx_validate_torsion.label_alt_id 
_pdbx_validate_torsion.phi 
_pdbx_validate_torsion.psi 
1  1 GLU A 2  ? ? 45.36   -128.74 
2  1 ASP A 6  ? ? -30.75  105.88  
3  1 ASN A 11 ? ? -142.66 14.52   
4  1 SER A 24 ? ? -163.22 16.67   
5  1 ALA A 26 ? ? 162.30  -168.33 
6  1 VAL A 40 ? ? -20.27  -79.67  
7  1 HIS A 56 ? ? -166.67 -169.87 
8  1 ASN A 61 ? ? -119.80 60.26   
9  1 ASP A 65 ? ? -70.56  -167.94 
10 1 ALA A 66 ? ? -69.38  -100.55 
11 1 TRP A 69 ? ? -103.77 -165.62 
12 1 ASN A 75 ? ? -53.06  94.63   
13 1 ARG A 76 ? ? 54.99   16.87   
14 1 TRP A 80 ? ? -175.01 128.33  
15 1 PRO A 86 ? ? -57.41  105.90  
16 1 SER A 89 ? ? 61.93   -78.83  
# 
loop_
_pdbx_validate_planes.id 
_pdbx_validate_planes.PDB_model_num 
_pdbx_validate_planes.auth_comp_id 
_pdbx_validate_planes.auth_asym_id 
_pdbx_validate_planes.auth_seq_id 
_pdbx_validate_planes.PDB_ins_code 
_pdbx_validate_planes.label_alt_id 
_pdbx_validate_planes.rmsd 
_pdbx_validate_planes.type 
1 1 ARG A 16 ? ? 0.314 'SIDE CHAIN' 
2 1 ARG A 60 ? ? 0.299 'SIDE CHAIN' 
3 1 ARG A 76 ? ? 0.316 'SIDE CHAIN' 
# 
_pdbx_nmr_ensemble.entry_id                             1PK2 
_pdbx_nmr_ensemble.conformers_calculated_total_number   ? 
_pdbx_nmr_ensemble.conformers_submitted_total_number    1 
_pdbx_nmr_ensemble.conformer_selection_criteria         ? 
# 
loop_
_chem_comp_atom.comp_id 
_chem_comp_atom.atom_id 
_chem_comp_atom.type_symbol 
_chem_comp_atom.pdbx_aromatic_flag 
_chem_comp_atom.pdbx_stereo_config 
_chem_comp_atom.pdbx_ordinal 
ACA C    C N N 1   
ACA O    O N N 2   
ACA OXT  O N N 3   
ACA C2   C N N 4   
ACA C3   C N N 5   
ACA C4   C N N 6   
ACA C5   C N N 7   
ACA C6   C N N 8   
ACA N    N N N 9   
ACA HXT  H N N 10  
ACA H21  H N N 11  
ACA H22  H N N 12  
ACA H31  H N N 13  
ACA H32  H N N 14  
ACA H41  H N N 15  
ACA H42  H N N 16  
ACA H51  H N N 17  
ACA H52  H N N 18  
ACA H61  H N N 19  
ACA H62  H N N 20  
ACA H    H N N 21  
ACA H2   H N N 22  
ALA N    N N N 23  
ALA CA   C N S 24  
ALA C    C N N 25  
ALA O    O N N 26  
ALA CB   C N N 27  
ALA OXT  O N N 28  
ALA H    H N N 29  
ALA H2   H N N 30  
ALA HA   H N N 31  
ALA HB1  H N N 32  
ALA HB2  H N N 33  
ALA HB3  H N N 34  
ALA HXT  H N N 35  
ARG N    N N N 36  
ARG CA   C N S 37  
ARG C    C N N 38  
ARG O    O N N 39  
ARG CB   C N N 40  
ARG CG   C N N 41  
ARG CD   C N N 42  
ARG NE   N N N 43  
ARG CZ   C N N 44  
ARG NH1  N N N 45  
ARG NH2  N N N 46  
ARG OXT  O N N 47  
ARG H    H N N 48  
ARG H2   H N N 49  
ARG HA   H N N 50  
ARG HB2  H N N 51  
ARG HB3  H N N 52  
ARG HG2  H N N 53  
ARG HG3  H N N 54  
ARG HD2  H N N 55  
ARG HD3  H N N 56  
ARG HE   H N N 57  
ARG HH11 H N N 58  
ARG HH12 H N N 59  
ARG HH21 H N N 60  
ARG HH22 H N N 61  
ARG HXT  H N N 62  
ASN N    N N N 63  
ASN CA   C N S 64  
ASN C    C N N 65  
ASN O    O N N 66  
ASN CB   C N N 67  
ASN CG   C N N 68  
ASN OD1  O N N 69  
ASN ND2  N N N 70  
ASN OXT  O N N 71  
ASN H    H N N 72  
ASN H2   H N N 73  
ASN HA   H N N 74  
ASN HB2  H N N 75  
ASN HB3  H N N 76  
ASN HD21 H N N 77  
ASN HD22 H N N 78  
ASN HXT  H N N 79  
ASP N    N N N 80  
ASP CA   C N S 81  
ASP C    C N N 82  
ASP O    O N N 83  
ASP CB   C N N 84  
ASP CG   C N N 85  
ASP OD1  O N N 86  
ASP OD2  O N N 87  
ASP OXT  O N N 88  
ASP H    H N N 89  
ASP H2   H N N 90  
ASP HA   H N N 91  
ASP HB2  H N N 92  
ASP HB3  H N N 93  
ASP HD2  H N N 94  
ASP HXT  H N N 95  
CYS N    N N N 96  
CYS CA   C N R 97  
CYS C    C N N 98  
CYS O    O N N 99  
CYS CB   C N N 100 
CYS SG   S N N 101 
CYS OXT  O N N 102 
CYS H    H N N 103 
CYS H2   H N N 104 
CYS HA   H N N 105 
CYS HB2  H N N 106 
CYS HB3  H N N 107 
CYS HG   H N N 108 
CYS HXT  H N N 109 
GLN N    N N N 110 
GLN CA   C N S 111 
GLN C    C N N 112 
GLN O    O N N 113 
GLN CB   C N N 114 
GLN CG   C N N 115 
GLN CD   C N N 116 
GLN OE1  O N N 117 
GLN NE2  N N N 118 
GLN OXT  O N N 119 
GLN H    H N N 120 
GLN H2   H N N 121 
GLN HA   H N N 122 
GLN HB2  H N N 123 
GLN HB3  H N N 124 
GLN HG2  H N N 125 
GLN HG3  H N N 126 
GLN HE21 H N N 127 
GLN HE22 H N N 128 
GLN HXT  H N N 129 
GLU N    N N N 130 
GLU CA   C N S 131 
GLU C    C N N 132 
GLU O    O N N 133 
GLU CB   C N N 134 
GLU CG   C N N 135 
GLU CD   C N N 136 
GLU OE1  O N N 137 
GLU OE2  O N N 138 
GLU OXT  O N N 139 
GLU H    H N N 140 
GLU H2   H N N 141 
GLU HA   H N N 142 
GLU HB2  H N N 143 
GLU HB3  H N N 144 
GLU HG2  H N N 145 
GLU HG3  H N N 146 
GLU HE2  H N N 147 
GLU HXT  H N N 148 
GLY N    N N N 149 
GLY CA   C N N 150 
GLY C    C N N 151 
GLY O    O N N 152 
GLY OXT  O N N 153 
GLY H    H N N 154 
GLY H2   H N N 155 
GLY HA2  H N N 156 
GLY HA3  H N N 157 
GLY HXT  H N N 158 
HIS N    N N N 159 
HIS CA   C N S 160 
HIS C    C N N 161 
HIS O    O N N 162 
HIS CB   C N N 163 
HIS CG   C Y N 164 
HIS ND1  N Y N 165 
HIS CD2  C Y N 166 
HIS CE1  C Y N 167 
HIS NE2  N Y N 168 
HIS OXT  O N N 169 
HIS H    H N N 170 
HIS H2   H N N 171 
HIS HA   H N N 172 
HIS HB2  H N N 173 
HIS HB3  H N N 174 
HIS HD1  H N N 175 
HIS HD2  H N N 176 
HIS HE1  H N N 177 
HIS HE2  H N N 178 
HIS HXT  H N N 179 
ILE N    N N N 180 
ILE CA   C N S 181 
ILE C    C N N 182 
ILE O    O N N 183 
ILE CB   C N S 184 
ILE CG1  C N N 185 
ILE CG2  C N N 186 
ILE CD1  C N N 187 
ILE OXT  O N N 188 
ILE H    H N N 189 
ILE H2   H N N 190 
ILE HA   H N N 191 
ILE HB   H N N 192 
ILE HG12 H N N 193 
ILE HG13 H N N 194 
ILE HG21 H N N 195 
ILE HG22 H N N 196 
ILE HG23 H N N 197 
ILE HD11 H N N 198 
ILE HD12 H N N 199 
ILE HD13 H N N 200 
ILE HXT  H N N 201 
LEU N    N N N 202 
LEU CA   C N S 203 
LEU C    C N N 204 
LEU O    O N N 205 
LEU CB   C N N 206 
LEU CG   C N N 207 
LEU CD1  C N N 208 
LEU CD2  C N N 209 
LEU OXT  O N N 210 
LEU H    H N N 211 
LEU H2   H N N 212 
LEU HA   H N N 213 
LEU HB2  H N N 214 
LEU HB3  H N N 215 
LEU HG   H N N 216 
LEU HD11 H N N 217 
LEU HD12 H N N 218 
LEU HD13 H N N 219 
LEU HD21 H N N 220 
LEU HD22 H N N 221 
LEU HD23 H N N 222 
LEU HXT  H N N 223 
LYS N    N N N 224 
LYS CA   C N S 225 
LYS C    C N N 226 
LYS O    O N N 227 
LYS CB   C N N 228 
LYS CG   C N N 229 
LYS CD   C N N 230 
LYS CE   C N N 231 
LYS NZ   N N N 232 
LYS OXT  O N N 233 
LYS H    H N N 234 
LYS H2   H N N 235 
LYS HA   H N N 236 
LYS HB2  H N N 237 
LYS HB3  H N N 238 
LYS HG2  H N N 239 
LYS HG3  H N N 240 
LYS HD2  H N N 241 
LYS HD3  H N N 242 
LYS HE2  H N N 243 
LYS HE3  H N N 244 
LYS HZ1  H N N 245 
LYS HZ2  H N N 246 
LYS HZ3  H N N 247 
LYS HXT  H N N 248 
MET N    N N N 249 
MET CA   C N S 250 
MET C    C N N 251 
MET O    O N N 252 
MET CB   C N N 253 
MET CG   C N N 254 
MET SD   S N N 255 
MET CE   C N N 256 
MET OXT  O N N 257 
MET H    H N N 258 
MET H2   H N N 259 
MET HA   H N N 260 
MET HB2  H N N 261 
MET HB3  H N N 262 
MET HG2  H N N 263 
MET HG3  H N N 264 
MET HE1  H N N 265 
MET HE2  H N N 266 
MET HE3  H N N 267 
MET HXT  H N N 268 
PHE N    N N N 269 
PHE CA   C N S 270 
PHE C    C N N 271 
PHE O    O N N 272 
PHE CB   C N N 273 
PHE CG   C Y N 274 
PHE CD1  C Y N 275 
PHE CD2  C Y N 276 
PHE CE1  C Y N 277 
PHE CE2  C Y N 278 
PHE CZ   C Y N 279 
PHE OXT  O N N 280 
PHE H    H N N 281 
PHE H2   H N N 282 
PHE HA   H N N 283 
PHE HB2  H N N 284 
PHE HB3  H N N 285 
PHE HD1  H N N 286 
PHE HD2  H N N 287 
PHE HE1  H N N 288 
PHE HE2  H N N 289 
PHE HZ   H N N 290 
PHE HXT  H N N 291 
PRO N    N N N 292 
PRO CA   C N S 293 
PRO C    C N N 294 
PRO O    O N N 295 
PRO CB   C N N 296 
PRO CG   C N N 297 
PRO CD   C N N 298 
PRO OXT  O N N 299 
PRO H    H N N 300 
PRO HA   H N N 301 
PRO HB2  H N N 302 
PRO HB3  H N N 303 
PRO HG2  H N N 304 
PRO HG3  H N N 305 
PRO HD2  H N N 306 
PRO HD3  H N N 307 
PRO HXT  H N N 308 
SER N    N N N 309 
SER CA   C N S 310 
SER C    C N N 311 
SER O    O N N 312 
SER CB   C N N 313 
SER OG   O N N 314 
SER OXT  O N N 315 
SER H    H N N 316 
SER H2   H N N 317 
SER HA   H N N 318 
SER HB2  H N N 319 
SER HB3  H N N 320 
SER HG   H N N 321 
SER HXT  H N N 322 
THR N    N N N 323 
THR CA   C N S 324 
THR C    C N N 325 
THR O    O N N 326 
THR CB   C N R 327 
THR OG1  O N N 328 
THR CG2  C N N 329 
THR OXT  O N N 330 
THR H    H N N 331 
THR H2   H N N 332 
THR HA   H N N 333 
THR HB   H N N 334 
THR HG1  H N N 335 
THR HG21 H N N 336 
THR HG22 H N N 337 
THR HG23 H N N 338 
THR HXT  H N N 339 
TRP N    N N N 340 
TRP CA   C N S 341 
TRP C    C N N 342 
TRP O    O N N 343 
TRP CB   C N N 344 
TRP CG   C Y N 345 
TRP CD1  C Y N 346 
TRP CD2  C Y N 347 
TRP NE1  N Y N 348 
TRP CE2  C Y N 349 
TRP CE3  C Y N 350 
TRP CZ2  C Y N 351 
TRP CZ3  C Y N 352 
TRP CH2  C Y N 353 
TRP OXT  O N N 354 
TRP H    H N N 355 
TRP H2   H N N 356 
TRP HA   H N N 357 
TRP HB2  H N N 358 
TRP HB3  H N N 359 
TRP HD1  H N N 360 
TRP HE1  H N N 361 
TRP HE3  H N N 362 
TRP HZ2  H N N 363 
TRP HZ3  H N N 364 
TRP HH2  H N N 365 
TRP HXT  H N N 366 
TYR N    N N N 367 
TYR CA   C N S 368 
TYR C    C N N 369 
TYR O    O N N 370 
TYR CB   C N N 371 
TYR CG   C Y N 372 
TYR CD1  C Y N 373 
TYR CD2  C Y N 374 
TYR CE1  C Y N 375 
TYR CE2  C Y N 376 
TYR CZ   C Y N 377 
TYR OH   O N N 378 
TYR OXT  O N N 379 
TYR H    H N N 380 
TYR H2   H N N 381 
TYR HA   H N N 382 
TYR HB2  H N N 383 
TYR HB3  H N N 384 
TYR HD1  H N N 385 
TYR HD2  H N N 386 
TYR HE1  H N N 387 
TYR HE2  H N N 388 
TYR HH   H N N 389 
TYR HXT  H N N 390 
VAL N    N N N 391 
VAL CA   C N S 392 
VAL C    C N N 393 
VAL O    O N N 394 
VAL CB   C N N 395 
VAL CG1  C N N 396 
VAL CG2  C N N 397 
VAL OXT  O N N 398 
VAL H    H N N 399 
VAL H2   H N N 400 
VAL HA   H N N 401 
VAL HB   H N N 402 
VAL HG11 H N N 403 
VAL HG12 H N N 404 
VAL HG13 H N N 405 
VAL HG21 H N N 406 
VAL HG22 H N N 407 
VAL HG23 H N N 408 
VAL HXT  H N N 409 
# 
loop_
_chem_comp_bond.comp_id 
_chem_comp_bond.atom_id_1 
_chem_comp_bond.atom_id_2 
_chem_comp_bond.value_order 
_chem_comp_bond.pdbx_aromatic_flag 
_chem_comp_bond.pdbx_stereo_config 
_chem_comp_bond.pdbx_ordinal 
ACA C   O    doub N N 1   
ACA C   OXT  sing N N 2   
ACA C   C2   sing N N 3   
ACA OXT HXT  sing N N 4   
ACA C2  C3   sing N N 5   
ACA C2  H21  sing N N 6   
ACA C2  H22  sing N N 7   
ACA C3  C4   sing N N 8   
ACA C3  H31  sing N N 9   
ACA C3  H32  sing N N 10  
ACA C4  C5   sing N N 11  
ACA C4  H41  sing N N 12  
ACA C4  H42  sing N N 13  
ACA C5  C6   sing N N 14  
ACA C5  H51  sing N N 15  
ACA C5  H52  sing N N 16  
ACA C6  N    sing N N 17  
ACA C6  H61  sing N N 18  
ACA C6  H62  sing N N 19  
ACA N   H    sing N N 20  
ACA N   H2   sing N N 21  
ALA N   CA   sing N N 22  
ALA N   H    sing N N 23  
ALA N   H2   sing N N 24  
ALA CA  C    sing N N 25  
ALA CA  CB   sing N N 26  
ALA CA  HA   sing N N 27  
ALA C   O    doub N N 28  
ALA C   OXT  sing N N 29  
ALA CB  HB1  sing N N 30  
ALA CB  HB2  sing N N 31  
ALA CB  HB3  sing N N 32  
ALA OXT HXT  sing N N 33  
ARG N   CA   sing N N 34  
ARG N   H    sing N N 35  
ARG N   H2   sing N N 36  
ARG CA  C    sing N N 37  
ARG CA  CB   sing N N 38  
ARG CA  HA   sing N N 39  
ARG C   O    doub N N 40  
ARG C   OXT  sing N N 41  
ARG CB  CG   sing N N 42  
ARG CB  HB2  sing N N 43  
ARG CB  HB3  sing N N 44  
ARG CG  CD   sing N N 45  
ARG CG  HG2  sing N N 46  
ARG CG  HG3  sing N N 47  
ARG CD  NE   sing N N 48  
ARG CD  HD2  sing N N 49  
ARG CD  HD3  sing N N 50  
ARG NE  CZ   sing N N 51  
ARG NE  HE   sing N N 52  
ARG CZ  NH1  sing N N 53  
ARG CZ  NH2  doub N N 54  
ARG NH1 HH11 sing N N 55  
ARG NH1 HH12 sing N N 56  
ARG NH2 HH21 sing N N 57  
ARG NH2 HH22 sing N N 58  
ARG OXT HXT  sing N N 59  
ASN N   CA   sing N N 60  
ASN N   H    sing N N 61  
ASN N   H2   sing N N 62  
ASN CA  C    sing N N 63  
ASN CA  CB   sing N N 64  
ASN CA  HA   sing N N 65  
ASN C   O    doub N N 66  
ASN C   OXT  sing N N 67  
ASN CB  CG   sing N N 68  
ASN CB  HB2  sing N N 69  
ASN CB  HB3  sing N N 70  
ASN CG  OD1  doub N N 71  
ASN CG  ND2  sing N N 72  
ASN ND2 HD21 sing N N 73  
ASN ND2 HD22 sing N N 74  
ASN OXT HXT  sing N N 75  
ASP N   CA   sing N N 76  
ASP N   H    sing N N 77  
ASP N   H2   sing N N 78  
ASP CA  C    sing N N 79  
ASP CA  CB   sing N N 80  
ASP CA  HA   sing N N 81  
ASP C   O    doub N N 82  
ASP C   OXT  sing N N 83  
ASP CB  CG   sing N N 84  
ASP CB  HB2  sing N N 85  
ASP CB  HB3  sing N N 86  
ASP CG  OD1  doub N N 87  
ASP CG  OD2  sing N N 88  
ASP OD2 HD2  sing N N 89  
ASP OXT HXT  sing N N 90  
CYS N   CA   sing N N 91  
CYS N   H    sing N N 92  
CYS N   H2   sing N N 93  
CYS CA  C    sing N N 94  
CYS CA  CB   sing N N 95  
CYS CA  HA   sing N N 96  
CYS C   O    doub N N 97  
CYS C   OXT  sing N N 98  
CYS CB  SG   sing N N 99  
CYS CB  HB2  sing N N 100 
CYS CB  HB3  sing N N 101 
CYS SG  HG   sing N N 102 
CYS OXT HXT  sing N N 103 
GLN N   CA   sing N N 104 
GLN N   H    sing N N 105 
GLN N   H2   sing N N 106 
GLN CA  C    sing N N 107 
GLN CA  CB   sing N N 108 
GLN CA  HA   sing N N 109 
GLN C   O    doub N N 110 
GLN C   OXT  sing N N 111 
GLN CB  CG   sing N N 112 
GLN CB  HB2  sing N N 113 
GLN CB  HB3  sing N N 114 
GLN CG  CD   sing N N 115 
GLN CG  HG2  sing N N 116 
GLN CG  HG3  sing N N 117 
GLN CD  OE1  doub N N 118 
GLN CD  NE2  sing N N 119 
GLN NE2 HE21 sing N N 120 
GLN NE2 HE22 sing N N 121 
GLN OXT HXT  sing N N 122 
GLU N   CA   sing N N 123 
GLU N   H    sing N N 124 
GLU N   H2   sing N N 125 
GLU CA  C    sing N N 126 
GLU CA  CB   sing N N 127 
GLU CA  HA   sing N N 128 
GLU C   O    doub N N 129 
GLU C   OXT  sing N N 130 
GLU CB  CG   sing N N 131 
GLU CB  HB2  sing N N 132 
GLU CB  HB3  sing N N 133 
GLU CG  CD   sing N N 134 
GLU CG  HG2  sing N N 135 
GLU CG  HG3  sing N N 136 
GLU CD  OE1  doub N N 137 
GLU CD  OE2  sing N N 138 
GLU OE2 HE2  sing N N 139 
GLU OXT HXT  sing N N 140 
GLY N   CA   sing N N 141 
GLY N   H    sing N N 142 
GLY N   H2   sing N N 143 
GLY CA  C    sing N N 144 
GLY CA  HA2  sing N N 145 
GLY CA  HA3  sing N N 146 
GLY C   O    doub N N 147 
GLY C   OXT  sing N N 148 
GLY OXT HXT  sing N N 149 
HIS N   CA   sing N N 150 
HIS N   H    sing N N 151 
HIS N   H2   sing N N 152 
HIS CA  C    sing N N 153 
HIS CA  CB   sing N N 154 
HIS CA  HA   sing N N 155 
HIS C   O    doub N N 156 
HIS C   OXT  sing N N 157 
HIS CB  CG   sing N N 158 
HIS CB  HB2  sing N N 159 
HIS CB  HB3  sing N N 160 
HIS CG  ND1  sing Y N 161 
HIS CG  CD2  doub Y N 162 
HIS ND1 CE1  doub Y N 163 
HIS ND1 HD1  sing N N 164 
HIS CD2 NE2  sing Y N 165 
HIS CD2 HD2  sing N N 166 
HIS CE1 NE2  sing Y N 167 
HIS CE1 HE1  sing N N 168 
HIS NE2 HE2  sing N N 169 
HIS OXT HXT  sing N N 170 
ILE N   CA   sing N N 171 
ILE N   H    sing N N 172 
ILE N   H2   sing N N 173 
ILE CA  C    sing N N 174 
ILE CA  CB   sing N N 175 
ILE CA  HA   sing N N 176 
ILE C   O    doub N N 177 
ILE C   OXT  sing N N 178 
ILE CB  CG1  sing N N 179 
ILE CB  CG2  sing N N 180 
ILE CB  HB   sing N N 181 
ILE CG1 CD1  sing N N 182 
ILE CG1 HG12 sing N N 183 
ILE CG1 HG13 sing N N 184 
ILE CG2 HG21 sing N N 185 
ILE CG2 HG22 sing N N 186 
ILE CG2 HG23 sing N N 187 
ILE CD1 HD11 sing N N 188 
ILE CD1 HD12 sing N N 189 
ILE CD1 HD13 sing N N 190 
ILE OXT HXT  sing N N 191 
LEU N   CA   sing N N 192 
LEU N   H    sing N N 193 
LEU N   H2   sing N N 194 
LEU CA  C    sing N N 195 
LEU CA  CB   sing N N 196 
LEU CA  HA   sing N N 197 
LEU C   O    doub N N 198 
LEU C   OXT  sing N N 199 
LEU CB  CG   sing N N 200 
LEU CB  HB2  sing N N 201 
LEU CB  HB3  sing N N 202 
LEU CG  CD1  sing N N 203 
LEU CG  CD2  sing N N 204 
LEU CG  HG   sing N N 205 
LEU CD1 HD11 sing N N 206 
LEU CD1 HD12 sing N N 207 
LEU CD1 HD13 sing N N 208 
LEU CD2 HD21 sing N N 209 
LEU CD2 HD22 sing N N 210 
LEU CD2 HD23 sing N N 211 
LEU OXT HXT  sing N N 212 
LYS N   CA   sing N N 213 
LYS N   H    sing N N 214 
LYS N   H2   sing N N 215 
LYS CA  C    sing N N 216 
LYS CA  CB   sing N N 217 
LYS CA  HA   sing N N 218 
LYS C   O    doub N N 219 
LYS C   OXT  sing N N 220 
LYS CB  CG   sing N N 221 
LYS CB  HB2  sing N N 222 
LYS CB  HB3  sing N N 223 
LYS CG  CD   sing N N 224 
LYS CG  HG2  sing N N 225 
LYS CG  HG3  sing N N 226 
LYS CD  CE   sing N N 227 
LYS CD  HD2  sing N N 228 
LYS CD  HD3  sing N N 229 
LYS CE  NZ   sing N N 230 
LYS CE  HE2  sing N N 231 
LYS CE  HE3  sing N N 232 
LYS NZ  HZ1  sing N N 233 
LYS NZ  HZ2  sing N N 234 
LYS NZ  HZ3  sing N N 235 
LYS OXT HXT  sing N N 236 
MET N   CA   sing N N 237 
MET N   H    sing N N 238 
MET N   H2   sing N N 239 
MET CA  C    sing N N 240 
MET CA  CB   sing N N 241 
MET CA  HA   sing N N 242 
MET C   O    doub N N 243 
MET C   OXT  sing N N 244 
MET CB  CG   sing N N 245 
MET CB  HB2  sing N N 246 
MET CB  HB3  sing N N 247 
MET CG  SD   sing N N 248 
MET CG  HG2  sing N N 249 
MET CG  HG3  sing N N 250 
MET SD  CE   sing N N 251 
MET CE  HE1  sing N N 252 
MET CE  HE2  sing N N 253 
MET CE  HE3  sing N N 254 
MET OXT HXT  sing N N 255 
PHE N   CA   sing N N 256 
PHE N   H    sing N N 257 
PHE N   H2   sing N N 258 
PHE CA  C    sing N N 259 
PHE CA  CB   sing N N 260 
PHE CA  HA   sing N N 261 
PHE C   O    doub N N 262 
PHE C   OXT  sing N N 263 
PHE CB  CG   sing N N 264 
PHE CB  HB2  sing N N 265 
PHE CB  HB3  sing N N 266 
PHE CG  CD1  doub Y N 267 
PHE CG  CD2  sing Y N 268 
PHE CD1 CE1  sing Y N 269 
PHE CD1 HD1  sing N N 270 
PHE CD2 CE2  doub Y N 271 
PHE CD2 HD2  sing N N 272 
PHE CE1 CZ   doub Y N 273 
PHE CE1 HE1  sing N N 274 
PHE CE2 CZ   sing Y N 275 
PHE CE2 HE2  sing N N 276 
PHE CZ  HZ   sing N N 277 
PHE OXT HXT  sing N N 278 
PRO N   CA   sing N N 279 
PRO N   CD   sing N N 280 
PRO N   H    sing N N 281 
PRO CA  C    sing N N 282 
PRO CA  CB   sing N N 283 
PRO CA  HA   sing N N 284 
PRO C   O    doub N N 285 
PRO C   OXT  sing N N 286 
PRO CB  CG   sing N N 287 
PRO CB  HB2  sing N N 288 
PRO CB  HB3  sing N N 289 
PRO CG  CD   sing N N 290 
PRO CG  HG2  sing N N 291 
PRO CG  HG3  sing N N 292 
PRO CD  HD2  sing N N 293 
PRO CD  HD3  sing N N 294 
PRO OXT HXT  sing N N 295 
SER N   CA   sing N N 296 
SER N   H    sing N N 297 
SER N   H2   sing N N 298 
SER CA  C    sing N N 299 
SER CA  CB   sing N N 300 
SER CA  HA   sing N N 301 
SER C   O    doub N N 302 
SER C   OXT  sing N N 303 
SER CB  OG   sing N N 304 
SER CB  HB2  sing N N 305 
SER CB  HB3  sing N N 306 
SER OG  HG   sing N N 307 
SER OXT HXT  sing N N 308 
THR N   CA   sing N N 309 
THR N   H    sing N N 310 
THR N   H2   sing N N 311 
THR CA  C    sing N N 312 
THR CA  CB   sing N N 313 
THR CA  HA   sing N N 314 
THR C   O    doub N N 315 
THR C   OXT  sing N N 316 
THR CB  OG1  sing N N 317 
THR CB  CG2  sing N N 318 
THR CB  HB   sing N N 319 
THR OG1 HG1  sing N N 320 
THR CG2 HG21 sing N N 321 
THR CG2 HG22 sing N N 322 
THR CG2 HG23 sing N N 323 
THR OXT HXT  sing N N 324 
TRP N   CA   sing N N 325 
TRP N   H    sing N N 326 
TRP N   H2   sing N N 327 
TRP CA  C    sing N N 328 
TRP CA  CB   sing N N 329 
TRP CA  HA   sing N N 330 
TRP C   O    doub N N 331 
TRP C   OXT  sing N N 332 
TRP CB  CG   sing N N 333 
TRP CB  HB2  sing N N 334 
TRP CB  HB3  sing N N 335 
TRP CG  CD1  doub Y N 336 
TRP CG  CD2  sing Y N 337 
TRP CD1 NE1  sing Y N 338 
TRP CD1 HD1  sing N N 339 
TRP CD2 CE2  doub Y N 340 
TRP CD2 CE3  sing Y N 341 
TRP NE1 CE2  sing Y N 342 
TRP NE1 HE1  sing N N 343 
TRP CE2 CZ2  sing Y N 344 
TRP CE3 CZ3  doub Y N 345 
TRP CE3 HE3  sing N N 346 
TRP CZ2 CH2  doub Y N 347 
TRP CZ2 HZ2  sing N N 348 
TRP CZ3 CH2  sing Y N 349 
TRP CZ3 HZ3  sing N N 350 
TRP CH2 HH2  sing N N 351 
TRP OXT HXT  sing N N 352 
TYR N   CA   sing N N 353 
TYR N   H    sing N N 354 
TYR N   H2   sing N N 355 
TYR CA  C    sing N N 356 
TYR CA  CB   sing N N 357 
TYR CA  HA   sing N N 358 
TYR C   O    doub N N 359 
TYR C   OXT  sing N N 360 
TYR CB  CG   sing N N 361 
TYR CB  HB2  sing N N 362 
TYR CB  HB3  sing N N 363 
TYR CG  CD1  doub Y N 364 
TYR CG  CD2  sing Y N 365 
TYR CD1 CE1  sing Y N 366 
TYR CD1 HD1  sing N N 367 
TYR CD2 CE2  doub Y N 368 
TYR CD2 HD2  sing N N 369 
TYR CE1 CZ   doub Y N 370 
TYR CE1 HE1  sing N N 371 
TYR CE2 CZ   sing Y N 372 
TYR CE2 HE2  sing N N 373 
TYR CZ  OH   sing N N 374 
TYR OH  HH   sing N N 375 
TYR OXT HXT  sing N N 376 
VAL N   CA   sing N N 377 
VAL N   H    sing N N 378 
VAL N   H2   sing N N 379 
VAL CA  C    sing N N 380 
VAL CA  CB   sing N N 381 
VAL CA  HA   sing N N 382 
VAL C   O    doub N N 383 
VAL C   OXT  sing N N 384 
VAL CB  CG1  sing N N 385 
VAL CB  CG2  sing N N 386 
VAL CB  HB   sing N N 387 
VAL CG1 HG11 sing N N 388 
VAL CG1 HG12 sing N N 389 
VAL CG1 HG13 sing N N 390 
VAL CG2 HG21 sing N N 391 
VAL CG2 HG22 sing N N 392 
VAL CG2 HG23 sing N N 393 
VAL OXT HXT  sing N N 394 
# 
_atom_sites.entry_id                    1PK2 
_atom_sites.fract_transf_matrix[1][1]   1.000000 
_atom_sites.fract_transf_matrix[1][2]   0.000000 
_atom_sites.fract_transf_matrix[1][3]   0.000000 
_atom_sites.fract_transf_matrix[2][1]   0.000000 
_atom_sites.fract_transf_matrix[2][2]   1.000000 
_atom_sites.fract_transf_matrix[2][3]   0.000000 
_atom_sites.fract_transf_matrix[3][1]   0.000000 
_atom_sites.fract_transf_matrix[3][2]   0.000000 
_atom_sites.fract_transf_matrix[3][3]   1.000000 
_atom_sites.fract_transf_vector[1]      0.00000 
_atom_sites.fract_transf_vector[2]      0.00000 
_atom_sites.fract_transf_vector[3]      0.00000 
# 
loop_
_atom_type.symbol 
C 
H 
N 
O 
S 
# 
loop_
_atom_site.group_PDB 
_atom_site.id 
_atom_site.type_symbol 
_atom_site.label_atom_id 
_atom_site.label_alt_id 
_atom_site.label_comp_id 
_atom_site.label_asym_id 
_atom_site.label_entity_id 
_atom_site.label_seq_id 
_atom_site.pdbx_PDB_ins_code 
_atom_site.Cartn_x 
_atom_site.Cartn_y 
_atom_site.Cartn_z 
_atom_site.occupancy 
_atom_site.B_iso_or_equiv 
_atom_site.pdbx_formal_charge 
_atom_site.auth_seq_id 
_atom_site.auth_comp_id 
_atom_site.auth_asym_id 
_atom_site.auth_atom_id 
_atom_site.pdbx_PDB_model_num 
ATOM   1    N N    . SER A 1 1  ? 3.030   -15.425 14.519  1.00 0.00 ? 1  SER A N    1 
ATOM   2    C CA   . SER A 1 1  ? 3.271   -16.780 15.089  1.00 0.00 ? 1  SER A CA   1 
ATOM   3    C C    . SER A 1 1  ? 2.111   -17.695 14.729  1.00 0.00 ? 1  SER A C    1 
ATOM   4    O O    . SER A 1 1  ? 1.043   -17.220 14.399  1.00 0.00 ? 1  SER A O    1 
ATOM   5    C CB   . SER A 1 1  ? 3.364   -16.692 16.624  1.00 0.00 ? 1  SER A CB   1 
ATOM   6    O OG   . SER A 1 1  ? 2.415   -15.688 16.965  1.00 0.00 ? 1  SER A OG   1 
ATOM   7    H H1   . SER A 1 1  ? 2.727   -14.781 15.281  1.00 0.00 ? 1  SER A H1   1 
ATOM   8    H H2   . SER A 1 1  ? 2.281   -15.480 13.796  1.00 0.00 ? 1  SER A H2   1 
ATOM   9    H H3   . SER A 1 1  ? 3.904   -15.063 14.084  1.00 0.00 ? 1  SER A H3   1 
ATOM   10   H HA   . SER A 1 1  ? 4.188   -17.187 14.663  1.00 0.00 ? 1  SER A HA   1 
ATOM   11   H HB2  . SER A 1 1  ? 3.095   -17.635 17.081  1.00 0.00 ? 1  SER A HB2  1 
ATOM   12   H HB3  . SER A 1 1  ? 4.356   -16.391 16.932  1.00 0.00 ? 1  SER A HB3  1 
ATOM   13   H HG   . SER A 1 1  ? 1.968   -15.960 17.783  1.00 0.00 ? 1  SER A HG   1 
ATOM   14   N N    . GLU A 1 2  ? 2.334   -18.990 14.801  1.00 0.00 ? 2  GLU A N    1 
ATOM   15   C CA   . GLU A 1 2  ? 1.234   -19.942 14.459  1.00 0.00 ? 2  GLU A CA   1 
ATOM   16   C C    . GLU A 1 2  ? 0.531   -19.502 13.164  1.00 0.00 ? 2  GLU A C    1 
ATOM   17   O O    . GLU A 1 2  ? 1.184   -19.263 12.165  1.00 0.00 ? 2  GLU A O    1 
ATOM   18   C CB   . GLU A 1 2  ? 0.231   -19.937 15.626  1.00 0.00 ? 2  GLU A CB   1 
ATOM   19   C CG   . GLU A 1 2  ? -0.643  -21.196 15.550  1.00 0.00 ? 2  GLU A CG   1 
ATOM   20   C CD   . GLU A 1 2  ? -2.083  -20.839 15.912  1.00 0.00 ? 2  GLU A CD   1 
ATOM   21   O OE1  . GLU A 1 2  ? -2.721  -20.247 15.060  1.00 0.00 ? 2  GLU A OE1  1 
ATOM   22   O OE2  . GLU A 1 2  ? -2.461  -21.175 17.018  1.00 0.00 ? 2  GLU A OE2  1 
ATOM   23   H H    . GLU A 1 2  ? 3.211   -19.328 15.075  1.00 0.00 ? 2  GLU A H    1 
ATOM   24   H HA   . GLU A 1 2  ? 1.658   -20.935 14.312  1.00 0.00 ? 2  GLU A HA   1 
ATOM   25   H HB2  . GLU A 1 2  ? 0.767   -19.928 16.564  1.00 0.00 ? 2  GLU A HB2  1 
ATOM   26   H HB3  . GLU A 1 2  ? -0.392  -19.054 15.570  1.00 0.00 ? 2  GLU A HB3  1 
ATOM   27   H HG2  . GLU A 1 2  ? -0.619  -21.602 14.550  1.00 0.00 ? 2  GLU A HG2  1 
ATOM   28   H HG3  . GLU A 1 2  ? -0.277  -21.938 16.244  1.00 0.00 ? 2  GLU A HG3  1 
ATOM   29   N N    . GLY A 1 3  ? -0.780  -19.404 13.198  1.00 0.00 ? 3  GLY A N    1 
ATOM   30   C CA   . GLY A 1 3  ? -1.519  -18.977 11.963  1.00 0.00 ? 3  GLY A CA   1 
ATOM   31   C C    . GLY A 1 3  ? -0.895  -17.692 11.406  1.00 0.00 ? 3  GLY A C    1 
ATOM   32   O O    . GLY A 1 3  ? -0.884  -17.466 10.219  1.00 0.00 ? 3  GLY A O    1 
ATOM   33   H H    . GLY A 1 3  ? -1.272  -19.620 14.021  1.00 0.00 ? 3  GLY A H    1 
ATOM   34   H HA2  . GLY A 1 3  ? -1.457  -19.755 11.217  1.00 0.00 ? 3  GLY A HA2  1 
ATOM   35   H HA3  . GLY A 1 3  ? -2.556  -18.795 12.208  1.00 0.00 ? 3  GLY A HA3  1 
ATOM   36   N N    . ASN A 1 4  ? -0.387  -16.884 12.301  1.00 0.00 ? 4  ASN A N    1 
ATOM   37   C CA   . ASN A 1 4  ? 0.254   -15.601 11.892  1.00 0.00 ? 4  ASN A CA   1 
ATOM   38   C C    . ASN A 1 4  ? -0.623  -14.778 10.946  1.00 0.00 ? 4  ASN A C    1 
ATOM   39   O O    . ASN A 1 4  ? -0.283  -14.582 9.795   1.00 0.00 ? 4  ASN A O    1 
ATOM   40   C CB   . ASN A 1 4  ? 1.574   -15.928 11.180  1.00 0.00 ? 4  ASN A CB   1 
ATOM   41   C CG   . ASN A 1 4  ? 2.447   -14.680 11.159  1.00 0.00 ? 4  ASN A CG   1 
ATOM   42   O OD1  . ASN A 1 4  ? 3.176   -14.410 12.090  1.00 0.00 ? 4  ASN A OD1  1 
ATOM   43   N ND2  . ASN A 1 4  ? 2.395   -13.888 10.132  1.00 0.00 ? 4  ASN A ND2  1 
ATOM   44   H H    . ASN A 1 4  ? -0.422  -17.130 13.250  1.00 0.00 ? 4  ASN A H    1 
ATOM   45   H HA   . ASN A 1 4  ? 0.442   -15.009 12.784  1.00 0.00 ? 4  ASN A HA   1 
ATOM   46   H HB2  . ASN A 1 4  ? 2.089   -16.716 11.706  1.00 0.00 ? 4  ASN A HB2  1 
ATOM   47   H HB3  . ASN A 1 4  ? 1.377   -16.245 10.166  1.00 0.00 ? 4  ASN A HB3  1 
ATOM   48   H HD21 . ASN A 1 4  ? 1.794   -14.095 9.384   1.00 0.00 ? 4  ASN A HD21 1 
ATOM   49   H HD22 . ASN A 1 4  ? 2.951   -13.086 10.107  1.00 0.00 ? 4  ASN A HD22 1 
ATOM   50   N N    . SER A 1 5  ? -1.720  -14.296 11.448  1.00 0.00 ? 5  SER A N    1 
ATOM   51   C CA   . SER A 1 5  ? -2.618  -13.485 10.587  1.00 0.00 ? 5  SER A CA   1 
ATOM   52   C C    . SER A 1 5  ? -1.909  -12.211 10.113  1.00 0.00 ? 5  SER A C    1 
ATOM   53   O O    . SER A 1 5  ? -1.617  -11.327 10.904  1.00 0.00 ? 5  SER A O    1 
ATOM   54   C CB   . SER A 1 5  ? -3.852  -13.094 11.412  1.00 0.00 ? 5  SER A CB   1 
ATOM   55   O OG   . SER A 1 5  ? -4.335  -14.337 11.914  1.00 0.00 ? 5  SER A OG   1 
ATOM   56   H H    . SER A 1 5  ? -1.958  -14.474 12.380  1.00 0.00 ? 5  SER A H    1 
ATOM   57   H HA   . SER A 1 5  ? -2.904  -14.076 9.719   1.00 0.00 ? 5  SER A HA   1 
ATOM   58   H HB2  . SER A 1 5  ? -3.576  -12.440 12.228  1.00 0.00 ? 5  SER A HB2  1 
ATOM   59   H HB3  . SER A 1 5  ? -4.599  -12.625 10.785  1.00 0.00 ? 5  SER A HB3  1 
ATOM   60   H HG   . SER A 1 5  ? -4.862  -14.156 12.700  1.00 0.00 ? 5  SER A HG   1 
ATOM   61   N N    . ASP A 1 6  ? -1.641  -12.157 8.830   1.00 0.00 ? 6  ASP A N    1 
ATOM   62   C CA   . ASP A 1 6  ? -0.951  -10.972 8.234   1.00 0.00 ? 6  ASP A CA   1 
ATOM   63   C C    . ASP A 1 6  ? -1.283  -9.677  8.987   1.00 0.00 ? 6  ASP A C    1 
ATOM   64   O O    . ASP A 1 6  ? -2.371  -9.144  8.863   1.00 0.00 ? 6  ASP A O    1 
ATOM   65   C CB   . ASP A 1 6  ? -1.441  -10.834 6.779   1.00 0.00 ? 6  ASP A CB   1 
ATOM   66   C CG   . ASP A 1 6  ? -1.428  -12.203 6.093   1.00 0.00 ? 6  ASP A CG   1 
ATOM   67   O OD1  . ASP A 1 6  ? -2.294  -12.991 6.434   1.00 0.00 ? 6  ASP A OD1  1 
ATOM   68   O OD2  . ASP A 1 6  ? -0.550  -12.379 5.265   1.00 0.00 ? 6  ASP A OD2  1 
ATOM   69   H H    . ASP A 1 6  ? -1.896  -12.903 8.249   1.00 0.00 ? 6  ASP A H    1 
ATOM   70   H HA   . ASP A 1 6  ? 0.124   -11.133 8.265   1.00 0.00 ? 6  ASP A HA   1 
ATOM   71   H HB2  . ASP A 1 6  ? -2.447  -10.443 6.767   1.00 0.00 ? 6  ASP A HB2  1 
ATOM   72   H HB3  . ASP A 1 6  ? -0.795  -10.165 6.242   1.00 0.00 ? 6  ASP A HB3  1 
ATOM   73   N N    . CYS A 1 7  ? -0.336  -9.190  9.756   1.00 0.00 ? 7  CYS A N    1 
ATOM   74   C CA   . CYS A 1 7  ? -0.595  -7.936  10.515  1.00 0.00 ? 7  CYS A CA   1 
ATOM   75   C C    . CYS A 1 7  ? 0.620   -6.998  10.512  1.00 0.00 ? 7  CYS A C    1 
ATOM   76   O O    . CYS A 1 7  ? 1.625   -7.264  9.875   1.00 0.00 ? 7  CYS A O    1 
ATOM   77   C CB   . CYS A 1 7  ? -0.938  -8.317  11.973  1.00 0.00 ? 7  CYS A CB   1 
ATOM   78   S SG   . CYS A 1 7  ? 0.416   -8.831  13.060  1.00 0.00 ? 7  CYS A SG   1 
ATOM   79   H H    . CYS A 1 7  ? 0.526   -9.648  9.831   1.00 0.00 ? 7  CYS A H    1 
ATOM   80   H HA   . CYS A 1 7  ? -1.431  -7.419  10.051  1.00 0.00 ? 7  CYS A HA   1 
ATOM   81   H HB2  . CYS A 1 7  ? -1.419  -7.470  12.435  1.00 0.00 ? 7  CYS A HB2  1 
ATOM   82   H HB3  . CYS A 1 7  ? -1.657  -9.123  11.946  1.00 0.00 ? 7  CYS A HB3  1 
ATOM   83   N N    . TYR A 1 8  ? 0.486   -5.913  11.237  1.00 0.00 ? 8  TYR A N    1 
ATOM   84   C CA   . TYR A 1 8  ? 1.588   -4.918  11.320  1.00 0.00 ? 8  TYR A CA   1 
ATOM   85   C C    . TYR A 1 8  ? 1.643   -4.280  12.713  1.00 0.00 ? 8  TYR A C    1 
ATOM   86   O O    . TYR A 1 8  ? 0.686   -4.344  13.463  1.00 0.00 ? 8  TYR A O    1 
ATOM   87   C CB   . TYR A 1 8  ? 1.293   -3.806  10.294  1.00 0.00 ? 8  TYR A CB   1 
ATOM   88   C CG   . TYR A 1 8  ? 0.086   -2.985  10.778  1.00 0.00 ? 8  TYR A CG   1 
ATOM   89   C CD1  . TYR A 1 8  ? -1.200  -3.441  10.570  1.00 0.00 ? 8  TYR A CD1  1 
ATOM   90   C CD2  . TYR A 1 8  ? 0.269   -1.799  11.463  1.00 0.00 ? 8  TYR A CD2  1 
ATOM   91   C CE1  . TYR A 1 8  ? -2.283  -2.725  11.041  1.00 0.00 ? 8  TYR A CE1  1 
ATOM   92   C CE2  . TYR A 1 8  ? -0.818  -1.085  11.933  1.00 0.00 ? 8  TYR A CE2  1 
ATOM   93   C CZ   . TYR A 1 8  ? -2.098  -1.543  11.728  1.00 0.00 ? 8  TYR A CZ   1 
ATOM   94   O OH   . TYR A 1 8  ? -3.183  -0.847  12.229  1.00 0.00 ? 8  TYR A OH   1 
ATOM   95   H H    . TYR A 1 8  ? -0.345  -5.759  11.732  1.00 0.00 ? 8  TYR A H    1 
ATOM   96   H HA   . TYR A 1 8  ? 2.538   -5.407  11.107  1.00 0.00 ? 8  TYR A HA   1 
ATOM   97   H HB2  . TYR A 1 8  ? 2.150   -3.158  10.199  1.00 0.00 ? 8  TYR A HB2  1 
ATOM   98   H HB3  . TYR A 1 8  ? 1.068   -4.241  9.331   1.00 0.00 ? 8  TYR A HB3  1 
ATOM   99   H HD1  . TYR A 1 8  ? -1.359  -4.361  10.033  1.00 0.00 ? 8  TYR A HD1  1 
ATOM   100  H HD2  . TYR A 1 8  ? 1.268   -1.425  11.629  1.00 0.00 ? 8  TYR A HD2  1 
ATOM   101  H HE1  . TYR A 1 8  ? -3.285  -3.093  10.867  1.00 0.00 ? 8  TYR A HE1  1 
ATOM   102  H HE2  . TYR A 1 8  ? -0.662  -0.159  12.465  1.00 0.00 ? 8  TYR A HE2  1 
ATOM   103  H HH   . TYR A 1 8  ? -3.355  -1.171  13.122  1.00 0.00 ? 8  TYR A HH   1 
ATOM   104  N N    . PHE A 1 9  ? 2.758   -3.680  13.029  1.00 0.00 ? 9  PHE A N    1 
ATOM   105  C CA   . PHE A 1 9  ? 2.891   -3.032  14.361  1.00 0.00 ? 9  PHE A CA   1 
ATOM   106  C C    . PHE A 1 9  ? 2.953   -1.514  14.192  1.00 0.00 ? 9  PHE A C    1 
ATOM   107  O O    . PHE A 1 9  ? 3.644   -1.011  13.321  1.00 0.00 ? 9  PHE A O    1 
ATOM   108  C CB   . PHE A 1 9  ? 4.185   -3.546  15.040  1.00 0.00 ? 9  PHE A CB   1 
ATOM   109  C CG   . PHE A 1 9  ? 5.410   -2.805  14.489  1.00 0.00 ? 9  PHE A CG   1 
ATOM   110  C CD1  . PHE A 1 9  ? 6.013   -3.217  13.312  1.00 0.00 ? 9  PHE A CD1  1 
ATOM   111  C CD2  . PHE A 1 9  ? 5.938   -1.719  15.168  1.00 0.00 ? 9  PHE A CD2  1 
ATOM   112  C CE1  . PHE A 1 9  ? 7.121   -2.555  12.824  1.00 0.00 ? 9  PHE A CE1  1 
ATOM   113  C CE2  . PHE A 1 9  ? 7.045   -1.058  14.676  1.00 0.00 ? 9  PHE A CE2  1 
ATOM   114  C CZ   . PHE A 1 9  ? 7.635   -1.476  13.506  1.00 0.00 ? 9  PHE A CZ   1 
ATOM   115  H H    . PHE A 1 9  ? 3.500   -3.653  12.395  1.00 0.00 ? 9  PHE A H    1 
ATOM   116  H HA   . PHE A 1 9  ? 2.015   -3.280  14.961  1.00 0.00 ? 9  PHE A HA   1 
ATOM   117  H HB2  . PHE A 1 9  ? 4.124   -3.384  16.106  1.00 0.00 ? 9  PHE A HB2  1 
ATOM   118  H HB3  . PHE A 1 9  ? 4.298   -4.605  14.852  1.00 0.00 ? 9  PHE A HB3  1 
ATOM   119  H HD1  . PHE A 1 9  ? 5.614   -4.065  12.775  1.00 0.00 ? 9  PHE A HD1  1 
ATOM   120  H HD2  . PHE A 1 9  ? 5.479   -1.386  16.088  1.00 0.00 ? 9  PHE A HD2  1 
ATOM   121  H HE1  . PHE A 1 9  ? 7.585   -2.885  11.908  1.00 0.00 ? 9  PHE A HE1  1 
ATOM   122  H HE2  . PHE A 1 9  ? 7.451   -0.211  15.212  1.00 0.00 ? 9  PHE A HE2  1 
ATOM   123  H HZ   . PHE A 1 9  ? 8.500   -0.956  13.120  1.00 0.00 ? 9  PHE A HZ   1 
ATOM   124  N N    . GLY A 1 10 ? 2.213   -0.810  15.010  1.00 0.00 ? 10 GLY A N    1 
ATOM   125  C CA   . GLY A 1 10 ? 2.216   0.684   14.907  1.00 0.00 ? 10 GLY A CA   1 
ATOM   126  C C    . GLY A 1 10 ? 1.725   1.122   13.522  1.00 0.00 ? 10 GLY A C    1 
ATOM   127  O O    . GLY A 1 10 ? 0.575   1.468   13.349  1.00 0.00 ? 10 GLY A O    1 
ATOM   128  H H    . GLY A 1 10 ? 1.662   -1.260  15.687  1.00 0.00 ? 10 GLY A H    1 
ATOM   129  H HA2  . GLY A 1 10 ? 1.563   1.096   15.663  1.00 0.00 ? 10 GLY A HA2  1 
ATOM   130  H HA3  . GLY A 1 10 ? 3.219   1.054   15.065  1.00 0.00 ? 10 GLY A HA3  1 
ATOM   131  N N    . ASN A 1 11 ? 2.611   1.087   12.562  1.00 0.00 ? 11 ASN A N    1 
ATOM   132  C CA   . ASN A 1 11 ? 2.221   1.494   11.185  1.00 0.00 ? 11 ASN A CA   1 
ATOM   133  C C    . ASN A 1 11 ? 2.903   0.622   10.131  1.00 0.00 ? 11 ASN A C    1 
ATOM   134  O O    . ASN A 1 11 ? 2.919   0.957   8.961   1.00 0.00 ? 11 ASN A O    1 
ATOM   135  C CB   . ASN A 1 11 ? 2.659   2.952   10.976  1.00 0.00 ? 11 ASN A CB   1 
ATOM   136  C CG   . ASN A 1 11 ? 4.157   3.099   11.286  1.00 0.00 ? 11 ASN A CG   1 
ATOM   137  O OD1  . ASN A 1 11 ? 4.879   2.128   11.453  1.00 0.00 ? 11 ASN A OD1  1 
ATOM   138  N ND2  . ASN A 1 11 ? 4.662   4.290   11.369  1.00 0.00 ? 11 ASN A ND2  1 
ATOM   139  H H    . ASN A 1 11 ? 3.528   0.796   12.751  1.00 0.00 ? 11 ASN A H    1 
ATOM   140  H HA   . ASN A 1 11 ? 1.143   1.397   11.077  1.00 0.00 ? 11 ASN A HA   1 
ATOM   141  H HB2  . ASN A 1 11 ? 2.481   3.240   9.953   1.00 0.00 ? 11 ASN A HB2  1 
ATOM   142  H HB3  . ASN A 1 11 ? 2.096   3.599   11.630  1.00 0.00 ? 11 ASN A HB3  1 
ATOM   143  H HD21 . ASN A 1 11 ? 4.090   5.076   11.231  1.00 0.00 ? 11 ASN A HD21 1 
ATOM   144  H HD22 . ASN A 1 11 ? 5.614   4.404   11.565  1.00 0.00 ? 11 ASN A HD22 1 
ATOM   145  N N    . GLY A 1 12 ? 3.454   -0.485  10.560  1.00 0.00 ? 12 GLY A N    1 
ATOM   146  C CA   . GLY A 1 12 ? 4.138   -1.381  9.578   1.00 0.00 ? 12 GLY A CA   1 
ATOM   147  C C    . GLY A 1 12 ? 5.080   -0.553  8.709   1.00 0.00 ? 12 GLY A C    1 
ATOM   148  O O    . GLY A 1 12 ? 5.068   -0.653  7.505   1.00 0.00 ? 12 GLY A O    1 
ATOM   149  H H    . GLY A 1 12 ? 3.423   -0.719  11.513  1.00 0.00 ? 12 GLY A H    1 
ATOM   150  H HA2  . GLY A 1 12 ? 4.703   -2.134  10.107  1.00 0.00 ? 12 GLY A HA2  1 
ATOM   151  H HA3  . GLY A 1 12 ? 3.400   -1.858  8.950   1.00 0.00 ? 12 GLY A HA3  1 
ATOM   152  N N    . SER A 1 13 ? 5.862   0.262   9.352   1.00 0.00 ? 13 SER A N    1 
ATOM   153  C CA   . SER A 1 13 ? 6.822   1.121   8.608   1.00 0.00 ? 13 SER A CA   1 
ATOM   154  C C    . SER A 1 13 ? 7.961   0.298   8.020   1.00 0.00 ? 13 SER A C    1 
ATOM   155  O O    . SER A 1 13 ? 8.073   0.164   6.819   1.00 0.00 ? 13 SER A O    1 
ATOM   156  C CB   . SER A 1 13 ? 7.405   2.135   9.600   1.00 0.00 ? 13 SER A CB   1 
ATOM   157  O OG   . SER A 1 13 ? 7.687   1.354   10.757  1.00 0.00 ? 13 SER A OG   1 
ATOM   158  H H    . SER A 1 13 ? 5.815   0.314   10.326  1.00 0.00 ? 13 SER A H    1 
ATOM   159  H HA   . SER A 1 13 ? 6.298   1.627   7.801   1.00 0.00 ? 13 SER A HA   1 
ATOM   160  H HB2  . SER A 1 13 ? 8.313   2.575   9.212   1.00 0.00 ? 13 SER A HB2  1 
ATOM   161  H HB3  . SER A 1 13 ? 6.682   2.904   9.832   1.00 0.00 ? 13 SER A HB3  1 
ATOM   162  H HG   . SER A 1 13 ? 6.931   1.434   11.359  1.00 0.00 ? 13 SER A HG   1 
ATOM   163  N N    . ALA A 1 14 ? 8.790   -0.224  8.882   1.00 0.00 ? 14 ALA A N    1 
ATOM   164  C CA   . ALA A 1 14 ? 9.935   -1.046  8.404   1.00 0.00 ? 14 ALA A CA   1 
ATOM   165  C C    . ALA A 1 14 ? 9.467   -2.426  7.938   1.00 0.00 ? 14 ALA A C    1 
ATOM   166  O O    . ALA A 1 14 ? 9.887   -2.907  6.904   1.00 0.00 ? 14 ALA A O    1 
ATOM   167  C CB   . ALA A 1 14 ? 10.918  -1.221  9.575   1.00 0.00 ? 14 ALA A CB   1 
ATOM   168  H H    . ALA A 1 14 ? 8.666   -0.059  9.842   1.00 0.00 ? 14 ALA A H    1 
ATOM   169  H HA   . ALA A 1 14 ? 10.415  -0.535  7.570   1.00 0.00 ? 14 ALA A HA   1 
ATOM   170  H HB1  . ALA A 1 14 ? 10.373  -1.465  10.475  1.00 0.00 ? 14 ALA A HB1  1 
ATOM   171  H HB2  . ALA A 1 14 ? 11.469  -0.306  9.728   1.00 0.00 ? 14 ALA A HB2  1 
ATOM   172  H HB3  . ALA A 1 14 ? 11.612  -2.021  9.352   1.00 0.00 ? 14 ALA A HB3  1 
ATOM   173  N N    . TYR A 1 15 ? 8.616   -3.042  8.714   1.00 0.00 ? 15 TYR A N    1 
ATOM   174  C CA   . TYR A 1 15 ? 8.115   -4.388  8.327   1.00 0.00 ? 15 TYR A CA   1 
ATOM   175  C C    . TYR A 1 15 ? 7.428   -4.351  6.960   1.00 0.00 ? 15 TYR A C    1 
ATOM   176  O O    . TYR A 1 15 ? 6.911   -3.329  6.542   1.00 0.00 ? 15 TYR A O    1 
ATOM   177  C CB   . TYR A 1 15 ? 7.102   -4.854  9.387   1.00 0.00 ? 15 TYR A CB   1 
ATOM   178  C CG   . TYR A 1 15 ? 6.682   -6.299  9.086   1.00 0.00 ? 15 TYR A CG   1 
ATOM   179  C CD1  . TYR A 1 15 ? 7.604   -7.324  9.152   1.00 0.00 ? 15 TYR A CD1  1 
ATOM   180  C CD2  . TYR A 1 15 ? 5.379   -6.596  8.741   1.00 0.00 ? 15 TYR A CD2  1 
ATOM   181  C CE1  . TYR A 1 15 ? 7.230   -8.623  8.878   1.00 0.00 ? 15 TYR A CE1  1 
ATOM   182  C CE2  . TYR A 1 15 ? 5.007   -7.899  8.466   1.00 0.00 ? 15 TYR A CE2  1 
ATOM   183  C CZ   . TYR A 1 15 ? 5.933   -8.919  8.534   1.00 0.00 ? 15 TYR A CZ   1 
ATOM   184  O OH   . TYR A 1 15 ? 5.566   -10.219 8.271   1.00 0.00 ? 15 TYR A OH   1 
ATOM   185  H H    . TYR A 1 15 ? 8.312   -2.620  9.541   1.00 0.00 ? 15 TYR A H    1 
ATOM   186  H HA   . TYR A 1 15 ? 8.960   -5.072  8.276   1.00 0.00 ? 15 TYR A HA   1 
ATOM   187  H HB2  . TYR A 1 15 ? 7.554   -4.814  10.367  1.00 0.00 ? 15 TYR A HB2  1 
ATOM   188  H HB3  . TYR A 1 15 ? 6.230   -4.215  9.368   1.00 0.00 ? 15 TYR A HB3  1 
ATOM   189  H HD1  . TYR A 1 15 ? 8.626   -7.108  9.424   1.00 0.00 ? 15 TYR A HD1  1 
ATOM   190  H HD2  . TYR A 1 15 ? 4.646   -5.807  8.685   1.00 0.00 ? 15 TYR A HD2  1 
ATOM   191  H HE1  . TYR A 1 15 ? 7.960   -9.415  8.931   1.00 0.00 ? 15 TYR A HE1  1 
ATOM   192  H HE2  . TYR A 1 15 ? 3.985   -8.120  8.197   1.00 0.00 ? 15 TYR A HE2  1 
ATOM   193  H HH   . TYR A 1 15 ? 4.776   -10.411 8.780   1.00 0.00 ? 15 TYR A HH   1 
ATOM   194  N N    . ARG A 1 16 ? 7.434   -5.475  6.292   1.00 0.00 ? 16 ARG A N    1 
ATOM   195  C CA   . ARG A 1 16 ? 6.792   -5.536  4.952   1.00 0.00 ? 16 ARG A CA   1 
ATOM   196  C C    . ARG A 1 16 ? 5.416   -6.188  5.038   1.00 0.00 ? 16 ARG A C    1 
ATOM   197  O O    . ARG A 1 16 ? 5.289   -7.326  5.443   1.00 0.00 ? 16 ARG A O    1 
ATOM   198  C CB   . ARG A 1 16 ? 7.680   -6.386  4.019   1.00 0.00 ? 16 ARG A CB   1 
ATOM   199  C CG   . ARG A 1 16 ? 9.111   -5.825  4.013   1.00 0.00 ? 16 ARG A CG   1 
ATOM   200  C CD   . ARG A 1 16 ? 10.051  -6.853  3.371   1.00 0.00 ? 16 ARG A CD   1 
ATOM   201  N NE   . ARG A 1 16 ? 9.934   -6.748  1.880   1.00 0.00 ? 16 ARG A NE   1 
ATOM   202  C CZ   . ARG A 1 16 ? 9.815   -7.816  1.172   1.00 0.00 ? 16 ARG A CZ   1 
ATOM   203  N NH1  . ARG A 1 16 ? 8.647   -8.309  0.991   1.00 0.00 ? 16 ARG A NH1  1 
ATOM   204  N NH2  . ARG A 1 16 ? 10.868  -8.334  0.661   1.00 0.00 ? 16 ARG A NH2  1 
ATOM   205  H H    . ARG A 1 16 ? 7.849   -6.275  6.678   1.00 0.00 ? 16 ARG A H    1 
ATOM   206  H HA   . ARG A 1 16 ? 6.681   -4.526  4.565   1.00 0.00 ? 16 ARG A HA   1 
ATOM   207  H HB2  . ARG A 1 16 ? 7.693   -7.409  4.367   1.00 0.00 ? 16 ARG A HB2  1 
ATOM   208  H HB3  . ARG A 1 16 ? 7.277   -6.361  3.017   1.00 0.00 ? 16 ARG A HB3  1 
ATOM   209  H HG2  . ARG A 1 16 ? 9.139   -4.905  3.451   1.00 0.00 ? 16 ARG A HG2  1 
ATOM   210  H HG3  . ARG A 1 16 ? 9.429   -5.628  5.027   1.00 0.00 ? 16 ARG A HG3  1 
ATOM   211  H HD2  . ARG A 1 16 ? 11.074  -6.650  3.667   1.00 0.00 ? 16 ARG A HD2  1 
ATOM   212  H HD3  . ARG A 1 16 ? 9.778   -7.852  3.689   1.00 0.00 ? 16 ARG A HD3  1 
ATOM   213  H HE   . ARG A 1 16 ? 9.948   -5.873  1.444   1.00 0.00 ? 16 ARG A HE   1 
ATOM   214  H HH11 . ARG A 1 16 ? 7.853   -7.863  1.395   1.00 0.00 ? 16 ARG A HH11 1 
ATOM   215  H HH12 . ARG A 1 16 ? 8.532   -9.142  0.453   1.00 0.00 ? 16 ARG A HH12 1 
ATOM   216  H HH21 . ARG A 1 16 ? 11.754  -7.909  0.820   1.00 0.00 ? 16 ARG A HH21 1 
ATOM   217  H HH22 . ARG A 1 16 ? 10.801  -9.159  0.107   1.00 0.00 ? 16 ARG A HH22 1 
ATOM   218  N N    . GLY A 1 17 ? 4.404   -5.451  4.664   1.00 0.00 ? 17 GLY A N    1 
ATOM   219  C CA   . GLY A 1 17 ? 3.020   -6.015  4.716   1.00 0.00 ? 17 GLY A CA   1 
ATOM   220  C C    . GLY A 1 17 ? 2.775   -6.944  3.519   1.00 0.00 ? 17 GLY A C    1 
ATOM   221  O O    . GLY A 1 17 ? 3.444   -6.847  2.504   1.00 0.00 ? 17 GLY A O    1 
ATOM   222  H H    . GLY A 1 17 ? 4.548   -4.535  4.360   1.00 0.00 ? 17 GLY A H    1 
ATOM   223  H HA2  . GLY A 1 17 ? 2.897   -6.578  5.633   1.00 0.00 ? 17 GLY A HA2  1 
ATOM   224  H HA3  . GLY A 1 17 ? 2.303   -5.209  4.694   1.00 0.00 ? 17 GLY A HA3  1 
ATOM   225  N N    . THR A 1 18 ? 1.815   -7.817  3.667   1.00 0.00 ? 18 THR A N    1 
ATOM   226  C CA   . THR A 1 18 ? 1.490   -8.776  2.560   1.00 0.00 ? 18 THR A CA   1 
ATOM   227  C C    . THR A 1 18 ? 0.163   -8.432  1.880   1.00 0.00 ? 18 THR A C    1 
ATOM   228  O O    . THR A 1 18 ? -0.184  -9.018  0.872   1.00 0.00 ? 18 THR A O    1 
ATOM   229  C CB   . THR A 1 18 ? 1.348   -10.172 3.177   1.00 0.00 ? 18 THR A CB   1 
ATOM   230  O OG1  . THR A 1 18 ? 0.608   -9.974  4.362   1.00 0.00 ? 18 THR A OG1  1 
ATOM   231  C CG2  . THR A 1 18 ? 2.701   -10.705 3.664   1.00 0.00 ? 18 THR A CG2  1 
ATOM   232  H H    . THR A 1 18 ? 1.315   -7.860  4.511   1.00 0.00 ? 18 THR A H    1 
ATOM   233  H HA   . THR A 1 18 ? 2.286   -8.759  1.820   1.00 0.00 ? 18 THR A HA   1 
ATOM   234  H HB   . THR A 1 18 ? 0.836   -10.862 2.508   1.00 0.00 ? 18 THR A HB   1 
ATOM   235  H HG1  . THR A 1 18 ? 0.236   -10.829 4.629   1.00 0.00 ? 18 THR A HG1  1 
ATOM   236  H HG21 . THR A 1 18 ? 2.544   -11.525 4.349   1.00 0.00 ? 18 THR A HG21 1 
ATOM   237  H HG22 . THR A 1 18 ? 3.240   -9.918  4.171   1.00 0.00 ? 18 THR A HG22 1 
ATOM   238  H HG23 . THR A 1 18 ? 3.281   -11.050 2.822   1.00 0.00 ? 18 THR A HG23 1 
ATOM   239  N N    . HIS A 1 19 ? -0.555  -7.493  2.438   1.00 0.00 ? 19 HIS A N    1 
ATOM   240  C CA   . HIS A 1 19 ? -1.864  -7.110  1.825   1.00 0.00 ? 19 HIS A CA   1 
ATOM   241  C C    . HIS A 1 19 ? -1.695  -6.167  0.616   1.00 0.00 ? 19 HIS A C    1 
ATOM   242  O O    . HIS A 1 19 ? -0.774  -5.366  0.554   1.00 0.00 ? 19 HIS A O    1 
ATOM   243  C CB   . HIS A 1 19 ? -2.709  -6.416  2.898   1.00 0.00 ? 19 HIS A CB   1 
ATOM   244  C CG   . HIS A 1 19 ? -4.183  -6.521  2.512   1.00 0.00 ? 19 HIS A CG   1 
ATOM   245  N ND1  . HIS A 1 19 ? -4.753  -7.572  2.135   1.00 0.00 ? 19 HIS A ND1  1 
ATOM   246  C CD2  . HIS A 1 19 ? -5.150  -5.543  2.467   1.00 0.00 ? 19 HIS A CD2  1 
ATOM   247  C CE1  . HIS A 1 19 ? -5.974  -7.354  1.853   1.00 0.00 ? 19 HIS A CE1  1 
ATOM   248  N NE2  . HIS A 1 19 ? -6.315  -6.082  2.036   1.00 0.00 ? 19 HIS A NE2  1 
ATOM   249  H H    . HIS A 1 19 ? -0.240  -7.052  3.251   1.00 0.00 ? 19 HIS A H    1 
ATOM   250  H HA   . HIS A 1 19 ? -2.357  -8.018  1.482   1.00 0.00 ? 19 HIS A HA   1 
ATOM   251  H HB2  . HIS A 1 19 ? -2.556  -6.898  3.855   1.00 0.00 ? 19 HIS A HB2  1 
ATOM   252  H HB3  . HIS A 1 19 ? -2.431  -5.375  2.974   1.00 0.00 ? 19 HIS A HB3  1 
ATOM   253  H HD1  . HIS A 1 19 ? -4.321  -8.455  2.089   1.00 0.00 ? 19 HIS A HD1  1 
ATOM   254  H HD2  . HIS A 1 19 ? -5.003  -4.511  2.747   1.00 0.00 ? 19 HIS A HD2  1 
ATOM   255  H HE1  . HIS A 1 19 ? -6.659  -8.116  1.503   1.00 0.00 ? 19 HIS A HE1  1 
ATOM   256  N N    . SER A 1 20 ? -2.617  -6.275  -0.319  1.00 0.00 ? 20 SER A N    1 
ATOM   257  C CA   . SER A 1 20 ? -2.556  -5.410  -1.544  1.00 0.00 ? 20 SER A CA   1 
ATOM   258  C C    . SER A 1 20 ? -3.952  -4.855  -1.946  1.00 0.00 ? 20 SER A C    1 
ATOM   259  O O    . SER A 1 20 ? -4.312  -4.864  -3.113  1.00 0.00 ? 20 SER A O    1 
ATOM   260  C CB   . SER A 1 20 ? -2.015  -6.278  -2.702  1.00 0.00 ? 20 SER A CB   1 
ATOM   261  O OG   . SER A 1 20 ? -2.710  -7.513  -2.575  1.00 0.00 ? 20 SER A OG   1 
ATOM   262  H H    . SER A 1 20 ? -3.341  -6.926  -0.216  1.00 0.00 ? 20 SER A H    1 
ATOM   263  H HA   . SER A 1 20 ? -1.877  -4.570  -1.353  1.00 0.00 ? 20 SER A HA   1 
ATOM   264  H HB2  . SER A 1 20 ? -2.233  -5.820  -3.656  1.00 0.00 ? 20 SER A HB2  1 
ATOM   265  H HB3  . SER A 1 20 ? -0.956  -6.439  -2.598  1.00 0.00 ? 20 SER A HB3  1 
ATOM   266  H HG   . SER A 1 20 ? -3.186  -7.674  -3.393  1.00 0.00 ? 20 SER A HG   1 
ATOM   267  N N    . LEU A 1 21 ? -4.714  -4.393  -0.971  1.00 0.00 ? 21 LEU A N    1 
ATOM   268  C CA   . LEU A 1 21 ? -6.082  -3.835  -1.288  1.00 0.00 ? 21 LEU A CA   1 
ATOM   269  C C    . LEU A 1 21 ? -6.575  -2.916  -0.169  1.00 0.00 ? 21 LEU A C    1 
ATOM   270  O O    . LEU A 1 21 ? -6.223  -3.091  0.981   1.00 0.00 ? 21 LEU A O    1 
ATOM   271  C CB   . LEU A 1 21 ? -7.076  -4.988  -1.411  1.00 0.00 ? 21 LEU A CB   1 
ATOM   272  C CG   . LEU A 1 21 ? -8.450  -4.412  -1.805  1.00 0.00 ? 21 LEU A CG   1 
ATOM   273  C CD1  . LEU A 1 21 ? -8.896  -5.035  -3.133  1.00 0.00 ? 21 LEU A CD1  1 
ATOM   274  C CD2  . LEU A 1 21 ? -9.471  -4.769  -0.719  1.00 0.00 ? 21 LEU A CD2  1 
ATOM   275  H H    . LEU A 1 21 ? -4.396  -4.421  -0.033  1.00 0.00 ? 21 LEU A H    1 
ATOM   276  H HA   . LEU A 1 21 ? -6.036  -3.265  -2.227  1.00 0.00 ? 21 LEU A HA   1 
ATOM   277  H HB2  . LEU A 1 21 ? -6.739  -5.683  -2.166  1.00 0.00 ? 21 LEU A HB2  1 
ATOM   278  H HB3  . LEU A 1 21 ? -7.154  -5.505  -0.463  1.00 0.00 ? 21 LEU A HB3  1 
ATOM   279  H HG   . LEU A 1 21 ? -8.391  -3.345  -1.911  1.00 0.00 ? 21 LEU A HG   1 
ATOM   280  H HD11 . LEU A 1 21 ? -9.307  -6.018  -2.955  1.00 0.00 ? 21 LEU A HD11 1 
ATOM   281  H HD12 . LEU A 1 21 ? -8.049  -5.121  -3.799  1.00 0.00 ? 21 LEU A HD12 1 
ATOM   282  H HD13 . LEU A 1 21 ? -9.649  -4.413  -3.594  1.00 0.00 ? 21 LEU A HD13 1 
ATOM   283  H HD21 . LEU A 1 21 ? -9.725  -5.817  -0.785  1.00 0.00 ? 21 LEU A HD21 1 
ATOM   284  H HD22 . LEU A 1 21 ? -10.365 -4.177  -0.851  1.00 0.00 ? 21 LEU A HD22 1 
ATOM   285  H HD23 . LEU A 1 21 ? -9.053  -4.567  0.257   1.00 0.00 ? 21 LEU A HD23 1 
ATOM   286  N N    . THR A 1 22 ? -7.407  -1.972  -0.516  1.00 0.00 ? 22 THR A N    1 
ATOM   287  C CA   . THR A 1 22 ? -7.917  -1.053  0.524   1.00 0.00 ? 22 THR A CA   1 
ATOM   288  C C    . THR A 1 22 ? -9.119  -1.623  1.262   1.00 0.00 ? 22 THR A C    1 
ATOM   289  O O    . THR A 1 22 ? -9.900  -2.369  0.710   1.00 0.00 ? 22 THR A O    1 
ATOM   290  C CB   . THR A 1 22 ? -8.282  0.263   -0.103  1.00 0.00 ? 22 THR A CB   1 
ATOM   291  O OG1  . THR A 1 22 ? -9.337  -0.009  -1.012  1.00 0.00 ? 22 THR A OG1  1 
ATOM   292  C CG2  . THR A 1 22 ? -7.129  0.777   -0.971  1.00 0.00 ? 22 THR A CG2  1 
ATOM   293  H H    . THR A 1 22 ? -7.695  -1.875  -1.448  1.00 0.00 ? 22 THR A H    1 
ATOM   294  H HA   . THR A 1 22 ? -7.146  -0.901  1.233   1.00 0.00 ? 22 THR A HA   1 
ATOM   295  H HB   . THR A 1 22 ? -8.575  0.969   0.659   1.00 0.00 ? 22 THR A HB   1 
ATOM   296  H HG1  . THR A 1 22 ? -8.945  -0.253  -1.861  1.00 0.00 ? 22 THR A HG1  1 
ATOM   297  H HG21 . THR A 1 22 ? -7.254  1.833   -1.152  1.00 0.00 ? 22 THR A HG21 1 
ATOM   298  H HG22 . THR A 1 22 ? -7.114  0.252   -1.915  1.00 0.00 ? 22 THR A HG22 1 
ATOM   299  H HG23 . THR A 1 22 ? -6.190  0.617   -0.461  1.00 0.00 ? 22 THR A HG23 1 
ATOM   300  N N    . GLU A 1 23 ? -9.230  -1.239  2.513   1.00 0.00 ? 23 GLU A N    1 
ATOM   301  C CA   . GLU A 1 23 ? -10.363 -1.720  3.374   1.00 0.00 ? 23 GLU A CA   1 
ATOM   302  C C    . GLU A 1 23 ? -11.682 -1.874  2.609   1.00 0.00 ? 23 GLU A C    1 
ATOM   303  O O    . GLU A 1 23 ? -12.360 -2.871  2.750   1.00 0.00 ? 23 GLU A O    1 
ATOM   304  C CB   . GLU A 1 23 ? -10.568 -0.712  4.528   1.00 0.00 ? 23 GLU A CB   1 
ATOM   305  C CG   . GLU A 1 23 ? -10.567 0.730   3.985   1.00 0.00 ? 23 GLU A CG   1 
ATOM   306  C CD   . GLU A 1 23 ? -10.949 1.695   5.117   1.00 0.00 ? 23 GLU A CD   1 
ATOM   307  O OE1  . GLU A 1 23 ? -10.080 1.927   5.952   1.00 0.00 ? 23 GLU A OE1  1 
ATOM   308  O OE2  . GLU A 1 23 ? -12.087 2.140   5.089   1.00 0.00 ? 23 GLU A OE2  1 
ATOM   309  H H    . GLU A 1 23 ? -8.560  -0.628  2.891   1.00 0.00 ? 23 GLU A H    1 
ATOM   310  H HA   . GLU A 1 23 ? -10.094 -2.695  3.776   1.00 0.00 ? 23 GLU A HA   1 
ATOM   311  H HB2  . GLU A 1 23 ? -11.512 -0.912  5.015   1.00 0.00 ? 23 GLU A HB2  1 
ATOM   312  H HB3  . GLU A 1 23 ? -9.772  -0.825  5.250   1.00 0.00 ? 23 GLU A HB3  1 
ATOM   313  H HG2  . GLU A 1 23 ? -9.585  0.985   3.619   1.00 0.00 ? 23 GLU A HG2  1 
ATOM   314  H HG3  . GLU A 1 23 ? -11.282 0.825   3.186   1.00 0.00 ? 23 GLU A HG3  1 
ATOM   315  N N    . SER A 1 24 ? -12.031 -0.895  1.825   1.00 0.00 ? 24 SER A N    1 
ATOM   316  C CA   . SER A 1 24 ? -13.309 -1.009  1.065   1.00 0.00 ? 24 SER A CA   1 
ATOM   317  C C    . SER A 1 24 ? -13.381 -0.013  -0.089  1.00 0.00 ? 24 SER A C    1 
ATOM   318  O O    . SER A 1 24 ? -14.444 0.227   -0.630  1.00 0.00 ? 24 SER A O    1 
ATOM   319  C CB   . SER A 1 24 ? -14.472 -0.729  2.033   1.00 0.00 ? 24 SER A CB   1 
ATOM   320  O OG   . SER A 1 24 ? -14.300 0.635   2.402   1.00 0.00 ? 24 SER A OG   1 
ATOM   321  H H    . SER A 1 24 ? -11.466 -0.101  1.742   1.00 0.00 ? 24 SER A H    1 
ATOM   322  H HA   . SER A 1 24 ? -13.386 -2.016  0.659   1.00 0.00 ? 24 SER A HA   1 
ATOM   323  H HB2  . SER A 1 24 ? -15.424 -0.864  1.538   1.00 0.00 ? 24 SER A HB2  1 
ATOM   324  H HB3  . SER A 1 24 ? -14.407 -1.365  2.904   1.00 0.00 ? 24 SER A HB3  1 
ATOM   325  H HG   . SER A 1 24 ? -13.591 0.684   3.057   1.00 0.00 ? 24 SER A HG   1 
ATOM   326  N N    . GLY A 1 25 ? -12.254 0.532   -0.462  1.00 0.00 ? 25 GLY A N    1 
ATOM   327  C CA   . GLY A 1 25 ? -12.257 1.517   -1.586  1.00 0.00 ? 25 GLY A CA   1 
ATOM   328  C C    . GLY A 1 25 ? -12.164 0.788   -2.928  1.00 0.00 ? 25 GLY A C    1 
ATOM   329  O O    . GLY A 1 25 ? -12.949 1.029   -3.821  1.00 0.00 ? 25 GLY A O    1 
ATOM   330  H H    . GLY A 1 25 ? -11.415 0.289   -0.017  1.00 0.00 ? 25 GLY A H    1 
ATOM   331  H HA2  . GLY A 1 25 ? -13.170 2.092   -1.557  1.00 0.00 ? 25 GLY A HA2  1 
ATOM   332  H HA3  . GLY A 1 25 ? -11.411 2.182   -1.483  1.00 0.00 ? 25 GLY A HA3  1 
ATOM   333  N N    . ALA A 1 26 ? -11.206 -0.102  -3.019  1.00 0.00 ? 26 ALA A N    1 
ATOM   334  C CA   . ALA A 1 26 ? -10.999 -0.890  -4.274  1.00 0.00 ? 26 ALA A CA   1 
ATOM   335  C C    . ALA A 1 26 ? -9.599  -1.508  -4.280  1.00 0.00 ? 26 ALA A C    1 
ATOM   336  O O    . ALA A 1 26 ? -8.916  -1.516  -3.266  1.00 0.00 ? 26 ALA A O    1 
ATOM   337  C CB   . ALA A 1 26 ? -11.122 0.061   -5.483  1.00 0.00 ? 26 ALA A CB   1 
ATOM   338  H H    . ALA A 1 26 ? -10.623 -0.256  -2.250  1.00 0.00 ? 26 ALA A H    1 
ATOM   339  H HA   . ALA A 1 26 ? -11.739 -1.687  -4.325  1.00 0.00 ? 26 ALA A HA   1 
ATOM   340  H HB1  . ALA A 1 26 ? -12.153 0.116   -5.799  1.00 0.00 ? 26 ALA A HB1  1 
ATOM   341  H HB2  . ALA A 1 26 ? -10.520 -0.304  -6.301  1.00 0.00 ? 26 ALA A HB2  1 
ATOM   342  H HB3  . ALA A 1 26 ? -10.783 1.045   -5.208  1.00 0.00 ? 26 ALA A HB3  1 
ATOM   343  N N    . SER A 1 27 ? -9.200  -2.022  -5.411  1.00 0.00 ? 27 SER A N    1 
ATOM   344  C CA   . SER A 1 27 ? -7.849  -2.641  -5.497  1.00 0.00 ? 27 SER A CA   1 
ATOM   345  C C    . SER A 1 27 ? -6.770  -1.566  -5.546  1.00 0.00 ? 27 SER A C    1 
ATOM   346  O O    . SER A 1 27 ? -7.054  -0.393  -5.713  1.00 0.00 ? 27 SER A O    1 
ATOM   347  C CB   . SER A 1 27 ? -7.779  -3.500  -6.775  1.00 0.00 ? 27 SER A CB   1 
ATOM   348  O OG   . SER A 1 27 ? -7.859  -2.559  -7.841  1.00 0.00 ? 27 SER A OG   1 
ATOM   349  H H    . SER A 1 27 ? -9.784  -2.002  -6.195  1.00 0.00 ? 27 SER A H    1 
ATOM   350  H HA   . SER A 1 27 ? -7.680  -3.254  -4.601  1.00 0.00 ? 27 SER A HA   1 
ATOM   351  H HB2  . SER A 1 27 ? -6.843  -4.041  -6.821  1.00 0.00 ? 27 SER A HB2  1 
ATOM   352  H HB3  . SER A 1 27 ? -8.613  -4.186  -6.819  1.00 0.00 ? 27 SER A HB3  1 
ATOM   353  H HG   . SER A 1 27 ? -7.221  -2.817  -8.518  1.00 0.00 ? 27 SER A HG   1 
ATOM   354  N N    . CYS A 1 28 ? -5.553  -1.998  -5.411  1.00 0.00 ? 28 CYS A N    1 
ATOM   355  C CA   . CYS A 1 28 ? -4.410  -1.051  -5.436  1.00 0.00 ? 28 CYS A CA   1 
ATOM   356  C C    . CYS A 1 28 ? -3.791  -0.889  -6.818  1.00 0.00 ? 28 CYS A C    1 
ATOM   357  O O    . CYS A 1 28 ? -3.386  -1.858  -7.428  1.00 0.00 ? 28 CYS A O    1 
ATOM   358  C CB   . CYS A 1 28 ? -3.358  -1.631  -4.500  1.00 0.00 ? 28 CYS A CB   1 
ATOM   359  S SG   . CYS A 1 28 ? -3.946  -2.167  -2.879  1.00 0.00 ? 28 CYS A SG   1 
ATOM   360  H H    . CYS A 1 28 ? -5.387  -2.956  -5.288  1.00 0.00 ? 28 CYS A H    1 
ATOM   361  H HA   . CYS A 1 28 ? -4.740  -0.091  -5.081  1.00 0.00 ? 28 CYS A HA   1 
ATOM   362  H HB2  . CYS A 1 28 ? -2.905  -2.483  -4.985  1.00 0.00 ? 28 CYS A HB2  1 
ATOM   363  H HB3  . CYS A 1 28 ? -2.587  -0.892  -4.350  1.00 0.00 ? 28 CYS A HB3  1 
ATOM   364  N N    . LEU A 1 29 ? -3.728  0.343   -7.291  1.00 0.00 ? 29 LEU A N    1 
ATOM   365  C CA   . LEU A 1 29 ? -3.134  0.571   -8.628  1.00 0.00 ? 29 LEU A CA   1 
ATOM   366  C C    . LEU A 1 29 ? -1.704  0.018   -8.637  1.00 0.00 ? 29 LEU A C    1 
ATOM   367  O O    . LEU A 1 29 ? -0.942  0.249   -7.711  1.00 0.00 ? 29 LEU A O    1 
ATOM   368  C CB   . LEU A 1 29 ? -3.050  2.101   -8.893  1.00 0.00 ? 29 LEU A CB   1 
ATOM   369  C CG   . LEU A 1 29 ? -4.443  2.794   -8.845  1.00 0.00 ? 29 LEU A CG   1 
ATOM   370  C CD1  . LEU A 1 29 ? -4.749  3.379   -10.227 1.00 0.00 ? 29 LEU A CD1  1 
ATOM   371  C CD2  . LEU A 1 29 ? -5.567  1.807   -8.477  1.00 0.00 ? 29 LEU A CD2  1 
ATOM   372  H H    . LEU A 1 29 ? -4.075  1.099   -6.771  1.00 0.00 ? 29 LEU A H    1 
ATOM   373  H HA   . LEU A 1 29 ? -3.727  0.065   -9.383  1.00 0.00 ? 29 LEU A HA   1 
ATOM   374  H HB2  . LEU A 1 29 ? -2.409  2.550   -8.149  1.00 0.00 ? 29 LEU A HB2  1 
ATOM   375  H HB3  . LEU A 1 29 ? -2.607  2.264   -9.866  1.00 0.00 ? 29 LEU A HB3  1 
ATOM   376  H HG   . LEU A 1 29 ? -4.413  3.601   -8.116  1.00 0.00 ? 29 LEU A HG   1 
ATOM   377  H HD11 . LEU A 1 29 ? -3.995  4.104   -10.492 1.00 0.00 ? 29 LEU A HD11 1 
ATOM   378  H HD12 . LEU A 1 29 ? -5.716  3.860   -10.213 1.00 0.00 ? 29 LEU A HD12 1 
ATOM   379  H HD13 . LEU A 1 29 ? -4.759  2.588   -10.964 1.00 0.00 ? 29 LEU A HD13 1 
ATOM   380  H HD21 . LEU A 1 29 ? -5.412  0.865   -8.976  1.00 0.00 ? 29 LEU A HD21 1 
ATOM   381  H HD22 . LEU A 1 29 ? -6.519  2.214   -8.785  1.00 0.00 ? 29 LEU A HD22 1 
ATOM   382  H HD23 . LEU A 1 29 ? -5.583  1.650   -7.412  1.00 0.00 ? 29 LEU A HD23 1 
ATOM   383  N N    . PRO A 1 30 ? -1.354  -0.705  -9.680  1.00 0.00 ? 30 PRO A N    1 
ATOM   384  C CA   . PRO A 1 30 ? -0.016  -1.272  -9.778  1.00 0.00 ? 30 PRO A CA   1 
ATOM   385  C C    . PRO A 1 30 ? 1.035   -0.176  -9.600  1.00 0.00 ? 30 PRO A C    1 
ATOM   386  O O    . PRO A 1 30 ? 1.050   0.803   -10.331 1.00 0.00 ? 30 PRO A O    1 
ATOM   387  C CB   . PRO A 1 30 ? 0.053   -1.876  -11.199 1.00 0.00 ? 30 PRO A CB   1 
ATOM   388  C CG   . PRO A 1 30 ? -1.376  -1.759  -11.818 1.00 0.00 ? 30 PRO A CG   1 
ATOM   389  C CD   . PRO A 1 30 ? -2.247  -0.982  -10.814 1.00 0.00 ? 30 PRO A CD   1 
ATOM   390  H HA   . PRO A 1 30 ? 0.115   -2.036  -9.016  1.00 0.00 ? 30 PRO A HA   1 
ATOM   391  H HB2  . PRO A 1 30 ? 0.766   -1.331  -11.802 1.00 0.00 ? 30 PRO A HB2  1 
ATOM   392  H HB3  . PRO A 1 30 ? 0.349   -2.915  -11.144 1.00 0.00 ? 30 PRO A HB3  1 
ATOM   393  H HG2  . PRO A 1 30 ? -1.329  -1.230  -12.757 1.00 0.00 ? 30 PRO A HG2  1 
ATOM   394  H HG3  . PRO A 1 30 ? -1.790  -2.745  -11.979 1.00 0.00 ? 30 PRO A HG3  1 
ATOM   395  H HD2  . PRO A 1 30 ? -2.594  -0.055  -11.250 1.00 0.00 ? 30 PRO A HD2  1 
ATOM   396  H HD3  . PRO A 1 30 ? -3.084  -1.584  -10.491 1.00 0.00 ? 30 PRO A HD3  1 
ATOM   397  N N    . TRP A 1 31 ? 1.894   -0.352  -8.629  1.00 0.00 ? 31 TRP A N    1 
ATOM   398  C CA   . TRP A 1 31 ? 2.940   0.677   -8.397  1.00 0.00 ? 31 TRP A CA   1 
ATOM   399  C C    . TRP A 1 31 ? 3.690   0.988   -9.694  1.00 0.00 ? 31 TRP A C    1 
ATOM   400  O O    . TRP A 1 31 ? 3.876   2.131   -10.049 1.00 0.00 ? 31 TRP A O    1 
ATOM   401  C CB   . TRP A 1 31 ? 3.951   0.139   -7.369  1.00 0.00 ? 31 TRP A CB   1 
ATOM   402  C CG   . TRP A 1 31 ? 3.269   -0.172  -6.024  1.00 0.00 ? 31 TRP A CG   1 
ATOM   403  C CD1  . TRP A 1 31 ? 3.368   -1.348  -5.411  1.00 0.00 ? 31 TRP A CD1  1 
ATOM   404  C CD2  . TRP A 1 31 ? 2.610   0.700   -5.264  1.00 0.00 ? 31 TRP A CD2  1 
ATOM   405  N NE1  . TRP A 1 31 ? 2.745   -1.154  -4.235  1.00 0.00 ? 31 TRP A NE1  1 
ATOM   406  C CE2  . TRP A 1 31 ? 2.244   0.108   -4.062  1.00 0.00 ? 31 TRP A CE2  1 
ATOM   407  C CE3  . TRP A 1 31 ? 2.282   2.031   -5.488  1.00 0.00 ? 31 TRP A CE3  1 
ATOM   408  C CZ2  . TRP A 1 31 ? 1.572   0.829   -3.101  1.00 0.00 ? 31 TRP A CZ2  1 
ATOM   409  C CZ3  . TRP A 1 31 ? 1.603   2.752   -4.521  1.00 0.00 ? 31 TRP A CZ3  1 
ATOM   410  C CH2  . TRP A 1 31 ? 1.249   2.153   -3.330  1.00 0.00 ? 31 TRP A CH2  1 
ATOM   411  H H    . TRP A 1 31 ? 1.857   -1.160  -8.067  1.00 0.00 ? 31 TRP A H    1 
ATOM   412  H HA   . TRP A 1 31 ? 2.467   1.586   -8.042  1.00 0.00 ? 31 TRP A HA   1 
ATOM   413  H HB2  . TRP A 1 31 ? 4.403   -0.767  -7.749  1.00 0.00 ? 31 TRP A HB2  1 
ATOM   414  H HB3  . TRP A 1 31 ? 4.725   0.872   -7.205  1.00 0.00 ? 31 TRP A HB3  1 
ATOM   415  H HD1  . TRP A 1 31 ? 3.852   -2.242  -5.772  1.00 0.00 ? 31 TRP A HD1  1 
ATOM   416  H HE1  . TRP A 1 31 ? 2.635   -1.863  -3.563  1.00 0.00 ? 31 TRP A HE1  1 
ATOM   417  H HE3  . TRP A 1 31 ? 2.559   2.508   -6.410  1.00 0.00 ? 31 TRP A HE3  1 
ATOM   418  H HZ2  . TRP A 1 31 ? 1.321   0.363   -2.152  1.00 0.00 ? 31 TRP A HZ2  1 
ATOM   419  H HZ3  . TRP A 1 31 ? 1.357   3.791   -4.697  1.00 0.00 ? 31 TRP A HZ3  1 
ATOM   420  H HH2  . TRP A 1 31 ? 0.719   2.720   -2.577  1.00 0.00 ? 31 TRP A HH2  1 
ATOM   421  N N    . ASN A 1 32 ? 4.106   -0.040  -10.378 1.00 0.00 ? 32 ASN A N    1 
ATOM   422  C CA   . ASN A 1 32 ? 4.846   0.173   -11.654 1.00 0.00 ? 32 ASN A CA   1 
ATOM   423  C C    . ASN A 1 32 ? 3.883   0.452   -12.810 1.00 0.00 ? 32 ASN A C    1 
ATOM   424  O O    . ASN A 1 32 ? 4.277   0.465   -13.961 1.00 0.00 ? 32 ASN A O    1 
ATOM   425  C CB   . ASN A 1 32 ? 5.657   -1.105  -11.971 1.00 0.00 ? 32 ASN A CB   1 
ATOM   426  C CG   . ASN A 1 32 ? 4.729   -2.319  -11.987 1.00 0.00 ? 32 ASN A CG   1 
ATOM   427  O OD1  . ASN A 1 32 ? 3.680   -2.322  -11.385 1.00 0.00 ? 32 ASN A OD1  1 
ATOM   428  N ND2  . ASN A 1 32 ? 5.080   -3.369  -12.661 1.00 0.00 ? 32 ASN A ND2  1 
ATOM   429  H H    . ASN A 1 32 ? 3.923   -0.950  -10.060 1.00 0.00 ? 32 ASN A H    1 
ATOM   430  H HA   . ASN A 1 32 ? 5.508   1.028   -11.536 1.00 0.00 ? 32 ASN A HA   1 
ATOM   431  H HB2  . ASN A 1 32 ? 6.128   -1.008  -12.939 1.00 0.00 ? 32 ASN A HB2  1 
ATOM   432  H HB3  . ASN A 1 32 ? 6.418   -1.252  -11.221 1.00 0.00 ? 32 ASN A HB3  1 
ATOM   433  H HD21 . ASN A 1 32 ? 5.928   -3.376  -13.151 1.00 0.00 ? 32 ASN A HD21 1 
ATOM   434  H HD22 . ASN A 1 32 ? 4.497   -4.154  -12.677 1.00 0.00 ? 32 ASN A HD22 1 
ATOM   435  N N    . SER A 1 33 ? 2.641   0.686   -12.475 1.00 0.00 ? 33 SER A N    1 
ATOM   436  C CA   . SER A 1 33 ? 1.623   0.968   -13.531 1.00 0.00 ? 33 SER A CA   1 
ATOM   437  C C    . SER A 1 33 ? 2.014   2.175   -14.372 1.00 0.00 ? 33 SER A C    1 
ATOM   438  O O    . SER A 1 33 ? 2.690   3.078   -13.903 1.00 0.00 ? 33 SER A O    1 
ATOM   439  C CB   . SER A 1 33 ? 0.280   1.276   -12.847 1.00 0.00 ? 33 SER A CB   1 
ATOM   440  O OG   . SER A 1 33 ? -0.622  1.492   -13.928 1.00 0.00 ? 33 SER A OG   1 
ATOM   441  H H    . SER A 1 33 ? 2.382   0.685   -11.533 1.00 0.00 ? 33 SER A H    1 
ATOM   442  H HA   . SER A 1 33 ? 1.535   0.099   -14.179 1.00 0.00 ? 33 SER A HA   1 
ATOM   443  H HB2  . SER A 1 33 ? -0.045  0.440   -12.252 1.00 0.00 ? 33 SER A HB2  1 
ATOM   444  H HB3  . SER A 1 33 ? 0.356   2.165   -12.236 1.00 0.00 ? 33 SER A HB3  1 
ATOM   445  H HG   . SER A 1 33 ? -1.460  1.061   -13.710 1.00 0.00 ? 33 SER A HG   1 
ATOM   446  N N    . MET A 1 34 ? 1.569   2.175   -15.596 1.00 0.00 ? 34 MET A N    1 
ATOM   447  C CA   . MET A 1 34 ? 1.895   3.306   -16.495 1.00 0.00 ? 34 MET A CA   1 
ATOM   448  C C    . MET A 1 34 ? 1.095   4.551   -16.110 1.00 0.00 ? 34 MET A C    1 
ATOM   449  O O    . MET A 1 34 ? 1.576   5.656   -16.220 1.00 0.00 ? 34 MET A O    1 
ATOM   450  C CB   . MET A 1 34 ? 1.524   2.897   -17.935 1.00 0.00 ? 34 MET A CB   1 
ATOM   451  C CG   . MET A 1 34 ? 2.392   1.707   -18.370 1.00 0.00 ? 34 MET A CG   1 
ATOM   452  S SD   . MET A 1 34 ? 1.564   0.354   -19.248 1.00 0.00 ? 34 MET A SD   1 
ATOM   453  C CE   . MET A 1 34 ? 2.584   0.379   -20.748 1.00 0.00 ? 34 MET A CE   1 
ATOM   454  H H    . MET A 1 34 ? 1.019   1.428   -15.919 1.00 0.00 ? 34 MET A H    1 
ATOM   455  H HA   . MET A 1 34 ? 2.957   3.530   -16.415 1.00 0.00 ? 34 MET A HA   1 
ATOM   456  H HB2  . MET A 1 34 ? 0.481   2.617   -17.976 1.00 0.00 ? 34 MET A HB2  1 
ATOM   457  H HB3  . MET A 1 34 ? 1.690   3.731   -18.604 1.00 0.00 ? 34 MET A HB3  1 
ATOM   458  H HG2  . MET A 1 34 ? 3.179   2.080   -19.008 1.00 0.00 ? 34 MET A HG2  1 
ATOM   459  H HG3  . MET A 1 34 ? 2.857   1.287   -17.490 1.00 0.00 ? 34 MET A HG3  1 
ATOM   460  H HE1  . MET A 1 34 ? 3.488   -0.190  -20.579 1.00 0.00 ? 34 MET A HE1  1 
ATOM   461  H HE2  . MET A 1 34 ? 2.841   1.399   -20.993 1.00 0.00 ? 34 MET A HE2  1 
ATOM   462  H HE3  . MET A 1 34 ? 2.032   -0.060  -21.566 1.00 0.00 ? 34 MET A HE3  1 
ATOM   463  N N    . ILE A 1 35 ? -0.107  4.344   -15.643 1.00 0.00 ? 35 ILE A N    1 
ATOM   464  C CA   . ILE A 1 35 ? -0.948  5.509   -15.248 1.00 0.00 ? 35 ILE A CA   1 
ATOM   465  C C    . ILE A 1 35 ? -0.288  6.316   -14.123 1.00 0.00 ? 35 ILE A C    1 
ATOM   466  O O    . ILE A 1 35 ? -0.652  7.449   -13.873 1.00 0.00 ? 35 ILE A O    1 
ATOM   467  C CB   . ILE A 1 35 ? -2.313  4.983   -14.778 1.00 0.00 ? 35 ILE A CB   1 
ATOM   468  C CG1  . ILE A 1 35 ? -2.967  4.171   -15.899 1.00 0.00 ? 35 ILE A CG1  1 
ATOM   469  C CG2  . ILE A 1 35 ? -3.222  6.185   -14.459 1.00 0.00 ? 35 ILE A CG2  1 
ATOM   470  C CD1  . ILE A 1 35 ? -3.948  3.159   -15.294 1.00 0.00 ? 35 ILE A CD1  1 
ATOM   471  H H    . ILE A 1 35 ? -0.447  3.428   -15.542 1.00 0.00 ? 35 ILE A H    1 
ATOM   472  H HA   . ILE A 1 35 ? -1.067  6.160   -16.114 1.00 0.00 ? 35 ILE A HA   1 
ATOM   473  H HB   . ILE A 1 35 ? -2.176  4.348   -13.900 1.00 0.00 ? 35 ILE A HB   1 
ATOM   474  H HG12 . ILE A 1 35 ? -3.497  4.835   -16.566 1.00 0.00 ? 35 ILE A HG12 1 
ATOM   475  H HG13 . ILE A 1 35 ? -2.207  3.645   -16.459 1.00 0.00 ? 35 ILE A HG13 1 
ATOM   476  H HG21 . ILE A 1 35 ? -4.234  5.846   -14.296 1.00 0.00 ? 35 ILE A HG21 1 
ATOM   477  H HG22 . ILE A 1 35 ? -3.211  6.882   -15.286 1.00 0.00 ? 35 ILE A HG22 1 
ATOM   478  H HG23 . ILE A 1 35 ? -2.870  6.685   -13.569 1.00 0.00 ? 35 ILE A HG23 1 
ATOM   479  H HD11 . ILE A 1 35 ? -3.409  2.291   -14.946 1.00 0.00 ? 35 ILE A HD11 1 
ATOM   480  H HD12 . ILE A 1 35 ? -4.667  2.856   -16.041 1.00 0.00 ? 35 ILE A HD12 1 
ATOM   481  H HD13 . ILE A 1 35 ? -4.470  3.609   -14.461 1.00 0.00 ? 35 ILE A HD13 1 
ATOM   482  N N    . LEU A 1 36 ? 0.679   5.725   -13.470 1.00 0.00 ? 36 LEU A N    1 
ATOM   483  C CA   . LEU A 1 36 ? 1.365   6.453   -12.364 1.00 0.00 ? 36 LEU A CA   1 
ATOM   484  C C    . LEU A 1 36 ? 2.700   7.056   -12.839 1.00 0.00 ? 36 LEU A C    1 
ATOM   485  O O    . LEU A 1 36 ? 3.575   7.342   -12.036 1.00 0.00 ? 36 LEU A O    1 
ATOM   486  C CB   . LEU A 1 36 ? 1.636   5.453   -11.224 1.00 0.00 ? 36 LEU A CB   1 
ATOM   487  C CG   . LEU A 1 36 ? 0.302   5.036   -10.591 1.00 0.00 ? 36 LEU A CG   1 
ATOM   488  C CD1  . LEU A 1 36 ? 0.553   3.910   -9.582  1.00 0.00 ? 36 LEU A CD1  1 
ATOM   489  C CD2  . LEU A 1 36 ? -0.315  6.239   -9.863  1.00 0.00 ? 36 LEU A CD2  1 
ATOM   490  H H    . LEU A 1 36 ? 0.945   4.810   -13.701 1.00 0.00 ? 36 LEU A H    1 
ATOM   491  H HA   . LEU A 1 36 ? 0.721   7.262   -12.022 1.00 0.00 ? 36 LEU A HA   1 
ATOM   492  H HB2  . LEU A 1 36 ? 2.142   4.581   -11.615 1.00 0.00 ? 36 LEU A HB2  1 
ATOM   493  H HB3  . LEU A 1 36 ? 2.259   5.917   -10.476 1.00 0.00 ? 36 LEU A HB3  1 
ATOM   494  H HG   . LEU A 1 36 ? -0.373  4.689   -11.361 1.00 0.00 ? 36 LEU A HG   1 
ATOM   495  H HD11 . LEU A 1 36 ? 0.788   4.331   -8.614  1.00 0.00 ? 36 LEU A HD11 1 
ATOM   496  H HD12 . LEU A 1 36 ? 1.380   3.299   -9.913  1.00 0.00 ? 36 LEU A HD12 1 
ATOM   497  H HD13 . LEU A 1 36 ? -0.330  3.294   -9.495  1.00 0.00 ? 36 LEU A HD13 1 
ATOM   498  H HD21 . LEU A 1 36 ? -0.778  5.912   -8.943  1.00 0.00 ? 36 LEU A HD21 1 
ATOM   499  H HD22 . LEU A 1 36 ? -1.064  6.698   -10.492 1.00 0.00 ? 36 LEU A HD22 1 
ATOM   500  H HD23 . LEU A 1 36 ? 0.452   6.964   -9.635  1.00 0.00 ? 36 LEU A HD23 1 
ATOM   501  N N    . ILE A 1 37 ? 2.832   7.237   -14.137 1.00 0.00 ? 37 ILE A N    1 
ATOM   502  C CA   . ILE A 1 37 ? 4.100   7.821   -14.680 1.00 0.00 ? 37 ILE A CA   1 
ATOM   503  C C    . ILE A 1 37 ? 4.507   9.061   -13.882 1.00 0.00 ? 37 ILE A C    1 
ATOM   504  O O    . ILE A 1 37 ? 3.852   10.088  -13.944 1.00 0.00 ? 37 ILE A O    1 
ATOM   505  C CB   . ILE A 1 37 ? 3.866   8.218   -16.152 1.00 0.00 ? 37 ILE A CB   1 
ATOM   506  C CG1  . ILE A 1 37 ? 4.030   6.997   -17.050 1.00 0.00 ? 37 ILE A CG1  1 
ATOM   507  C CG2  . ILE A 1 37 ? 4.919   9.269   -16.573 1.00 0.00 ? 37 ILE A CG2  1 
ATOM   508  C CD1  . ILE A 1 37 ? 3.152   7.164   -18.295 1.00 0.00 ? 37 ILE A CD1  1 
ATOM   509  H H    . ILE A 1 37 ? 2.105   6.983   -14.747 1.00 0.00 ? 37 ILE A H    1 
ATOM   510  H HA   . ILE A 1 37 ? 4.892   7.077   -14.600 1.00 0.00 ? 37 ILE A HA   1 
ATOM   511  H HB   . ILE A 1 37 ? 2.853   8.614   -16.261 1.00 0.00 ? 37 ILE A HB   1 
ATOM   512  H HG12 . ILE A 1 37 ? 5.066   6.901   -17.347 1.00 0.00 ? 37 ILE A HG12 1 
ATOM   513  H HG13 . ILE A 1 37 ? 3.734   6.107   -16.513 1.00 0.00 ? 37 ILE A HG13 1 
ATOM   514  H HG21 . ILE A 1 37 ? 4.645   10.240  -16.186 1.00 0.00 ? 37 ILE A HG21 1 
ATOM   515  H HG22 . ILE A 1 37 ? 4.971   9.320   -17.651 1.00 0.00 ? 37 ILE A HG22 1 
ATOM   516  H HG23 . ILE A 1 37 ? 5.888   8.993   -16.185 1.00 0.00 ? 37 ILE A HG23 1 
ATOM   517  H HD11 . ILE A 1 37 ? 2.109   7.105   -18.016 1.00 0.00 ? 37 ILE A HD11 1 
ATOM   518  H HD12 . ILE A 1 37 ? 3.375   6.385   -19.007 1.00 0.00 ? 37 ILE A HD12 1 
ATOM   519  H HD13 . ILE A 1 37 ? 3.343   8.125   -18.749 1.00 0.00 ? 37 ILE A HD13 1 
ATOM   520  N N    . GLY A 1 38 ? 5.583   8.938   -13.142 1.00 0.00 ? 38 GLY A N    1 
ATOM   521  C CA   . GLY A 1 38 ? 6.055   10.100  -12.325 1.00 0.00 ? 38 GLY A CA   1 
ATOM   522  C C    . GLY A 1 38 ? 4.914   10.630  -11.462 1.00 0.00 ? 38 GLY A C    1 
ATOM   523  O O    . GLY A 1 38 ? 4.630   11.812  -11.465 1.00 0.00 ? 38 GLY A O    1 
ATOM   524  H H    . GLY A 1 38 ? 6.071   8.091   -13.121 1.00 0.00 ? 38 GLY A H    1 
ATOM   525  H HA2  . GLY A 1 38 ? 6.870   9.787   -11.689 1.00 0.00 ? 38 GLY A HA2  1 
ATOM   526  H HA3  . GLY A 1 38 ? 6.396   10.886  -12.984 1.00 0.00 ? 38 GLY A HA3  1 
ATOM   527  N N    . LYS A 1 39 ? 4.279   9.740   -10.738 1.00 0.00 ? 39 LYS A N    1 
ATOM   528  C CA   . LYS A 1 39 ? 3.153   10.182  -9.873  1.00 0.00 ? 39 LYS A CA   1 
ATOM   529  C C    . LYS A 1 39 ? 3.418   9.925   -8.379  1.00 0.00 ? 39 LYS A C    1 
ATOM   530  O O    . LYS A 1 39 ? 4.378   9.268   -8.009  1.00 0.00 ? 39 LYS A O    1 
ATOM   531  C CB   . LYS A 1 39 ? 1.895   9.410   -10.305 1.00 0.00 ? 39 LYS A CB   1 
ATOM   532  C CG   . LYS A 1 39 ? 0.677   9.992   -9.582  1.00 0.00 ? 39 LYS A CG   1 
ATOM   533  C CD   . LYS A 1 39 ? -0.573  9.814   -10.445 1.00 0.00 ? 39 LYS A CD   1 
ATOM   534  C CE   . LYS A 1 39 ? -1.798  10.181  -9.610  1.00 0.00 ? 39 LYS A CE   1 
ATOM   535  N NZ   . LYS A 1 39 ? -3.043  9.956   -10.393 1.00 0.00 ? 39 LYS A NZ   1 
ATOM   536  H H    . LYS A 1 39 ? 4.537   8.791   -10.775 1.00 0.00 ? 39 LYS A H    1 
ATOM   537  H HA   . LYS A 1 39 ? 3.008   11.250  -10.015 1.00 0.00 ? 39 LYS A HA   1 
ATOM   538  H HB2  . LYS A 1 39 ? 1.764   9.504   -11.374 1.00 0.00 ? 39 LYS A HB2  1 
ATOM   539  H HB3  . LYS A 1 39 ? 2.005   8.366   -10.054 1.00 0.00 ? 39 LYS A HB3  1 
ATOM   540  H HG2  . LYS A 1 39 ? 0.539   9.483   -8.639  1.00 0.00 ? 39 LYS A HG2  1 
ATOM   541  H HG3  . LYS A 1 39 ? 0.836   11.045  -9.396  1.00 0.00 ? 39 LYS A HG3  1 
ATOM   542  H HD2  . LYS A 1 39 ? -0.513  10.461  -11.311 1.00 0.00 ? 39 LYS A HD2  1 
ATOM   543  H HD3  . LYS A 1 39 ? -0.649  8.789   -10.774 1.00 0.00 ? 39 LYS A HD3  1 
ATOM   544  H HE2  . LYS A 1 39 ? -1.824  9.572   -8.717  1.00 0.00 ? 39 LYS A HE2  1 
ATOM   545  H HE3  . LYS A 1 39 ? -1.741  11.225  -9.325  1.00 0.00 ? 39 LYS A HE3  1 
ATOM   546  H HZ1  . LYS A 1 39 ? -3.553  9.131   -10.012 1.00 0.00 ? 39 LYS A HZ1  1 
ATOM   547  H HZ2  . LYS A 1 39 ? -2.799  9.785   -11.389 1.00 0.00 ? 39 LYS A HZ2  1 
ATOM   548  H HZ3  . LYS A 1 39 ? -3.652  10.799  -10.322 1.00 0.00 ? 39 LYS A HZ3  1 
ATOM   549  N N    . VAL A 1 40 ? 2.530   10.469  -7.566  1.00 0.00 ? 40 VAL A N    1 
ATOM   550  C CA   . VAL A 1 40 ? 2.621   10.329  -6.072  1.00 0.00 ? 40 VAL A CA   1 
ATOM   551  C C    . VAL A 1 40 ? 3.488   9.144   -5.614  1.00 0.00 ? 40 VAL A C    1 
ATOM   552  O O    . VAL A 1 40 ? 4.634   9.324   -5.241  1.00 0.00 ? 40 VAL A O    1 
ATOM   553  C CB   . VAL A 1 40 ? 1.183   10.140  -5.522  1.00 0.00 ? 40 VAL A CB   1 
ATOM   554  C CG1  . VAL A 1 40 ? 1.190   10.348  -4.005  1.00 0.00 ? 40 VAL A CG1  1 
ATOM   555  C CG2  . VAL A 1 40 ? 0.248   11.179  -6.156  1.00 0.00 ? 40 VAL A CG2  1 
ATOM   556  H H    . VAL A 1 40 ? 1.795   10.986  -7.947  1.00 0.00 ? 40 VAL A H    1 
ATOM   557  H HA   . VAL A 1 40 ? 3.054   11.241  -5.670  1.00 0.00 ? 40 VAL A HA   1 
ATOM   558  H HB   . VAL A 1 40 ? 0.826   9.140   -5.752  1.00 0.00 ? 40 VAL A HB   1 
ATOM   559  H HG11 . VAL A 1 40 ? 0.607   9.575   -3.528  1.00 0.00 ? 40 VAL A HG11 1 
ATOM   560  H HG12 . VAL A 1 40 ? 0.764   11.310  -3.766  1.00 0.00 ? 40 VAL A HG12 1 
ATOM   561  H HG13 . VAL A 1 40 ? 2.205   10.308  -3.634  1.00 0.00 ? 40 VAL A HG13 1 
ATOM   562  H HG21 . VAL A 1 40 ? -0.693  11.194  -5.625  1.00 0.00 ? 40 VAL A HG21 1 
ATOM   563  H HG22 . VAL A 1 40 ? 0.066   10.928  -7.188  1.00 0.00 ? 40 VAL A HG22 1 
ATOM   564  H HG23 . VAL A 1 40 ? 0.700   12.160  -6.102  1.00 0.00 ? 40 VAL A HG23 1 
ATOM   565  N N    . TYR A 1 41 ? 2.933   7.959   -5.646  1.00 0.00 ? 41 TYR A N    1 
ATOM   566  C CA   . TYR A 1 41 ? 3.727   6.779   -5.210  1.00 0.00 ? 41 TYR A CA   1 
ATOM   567  C C    . TYR A 1 41 ? 3.677   5.662   -6.235  1.00 0.00 ? 41 TYR A C    1 
ATOM   568  O O    . TYR A 1 41 ? 2.614   5.217   -6.624  1.00 0.00 ? 41 TYR A O    1 
ATOM   569  C CB   . TYR A 1 41 ? 3.141   6.286   -3.878  1.00 0.00 ? 41 TYR A CB   1 
ATOM   570  C CG   . TYR A 1 41 ? 3.352   7.378   -2.834  1.00 0.00 ? 41 TYR A CG   1 
ATOM   571  C CD1  . TYR A 1 41 ? 4.628   7.775   -2.493  1.00 0.00 ? 41 TYR A CD1  1 
ATOM   572  C CD2  . TYR A 1 41 ? 2.278   8.011   -2.253  1.00 0.00 ? 41 TYR A CD2  1 
ATOM   573  C CE1  . TYR A 1 41 ? 4.827   8.794   -1.587  1.00 0.00 ? 41 TYR A CE1  1 
ATOM   574  C CE2  . TYR A 1 41 ? 2.475   9.031   -1.346  1.00 0.00 ? 41 TYR A CE2  1 
ATOM   575  C CZ   . TYR A 1 41 ? 3.751   9.431   -1.004  1.00 0.00 ? 41 TYR A CZ   1 
ATOM   576  O OH   . TYR A 1 41 ? 3.944   10.441  -0.090  1.00 0.00 ? 41 TYR A OH   1 
ATOM   577  H H    . TYR A 1 41 ? 2.017   7.851   -5.961  1.00 0.00 ? 41 TYR A H    1 
ATOM   578  H HA   . TYR A 1 41 ? 4.756   7.087   -5.083  1.00 0.00 ? 41 TYR A HA   1 
ATOM   579  H HB2  . TYR A 1 41 ? 2.087   6.086   -3.987  1.00 0.00 ? 41 TYR A HB2  1 
ATOM   580  H HB3  . TYR A 1 41 ? 3.649   5.386   -3.562  1.00 0.00 ? 41 TYR A HB3  1 
ATOM   581  H HD1  . TYR A 1 41 ? 5.476   7.282   -2.941  1.00 0.00 ? 41 TYR A HD1  1 
ATOM   582  H HD2  . TYR A 1 41 ? 1.276   7.704   -2.506  1.00 0.00 ? 41 TYR A HD2  1 
ATOM   583  H HE1  . TYR A 1 41 ? 5.835   9.099   -1.335  1.00 0.00 ? 41 TYR A HE1  1 
ATOM   584  H HE2  . TYR A 1 41 ? 1.622   9.532   -0.908  1.00 0.00 ? 41 TYR A HE2  1 
ATOM   585  H HH   . TYR A 1 41 ? 3.263   10.356  0.591   1.00 0.00 ? 41 TYR A HH   1 
ATOM   586  N N    . THR A 1 42 ? 4.837   5.226   -6.659  1.00 0.00 ? 42 THR A N    1 
ATOM   587  C CA   . THR A 1 42 ? 4.874   4.126   -7.674  1.00 0.00 ? 42 THR A CA   1 
ATOM   588  C C    . THR A 1 42 ? 6.232   3.431   -7.713  1.00 0.00 ? 42 THR A C    1 
ATOM   589  O O    . THR A 1 42 ? 7.189   3.872   -7.097  1.00 0.00 ? 42 THR A O    1 
ATOM   590  C CB   . THR A 1 42 ? 4.572   4.713   -9.080  1.00 0.00 ? 42 THR A CB   1 
ATOM   591  O OG1  . THR A 1 42 ? 5.764   4.570   -9.832  1.00 0.00 ? 42 THR A OG1  1 
ATOM   592  C CG2  . THR A 1 42 ? 4.344   6.232   -9.031  1.00 0.00 ? 42 THR A CG2  1 
ATOM   593  H H    . THR A 1 42 ? 5.680   5.598   -6.285  1.00 0.00 ? 42 THR A H    1 
ATOM   594  H HA   . THR A 1 42 ? 4.122   3.389   -7.409  1.00 0.00 ? 42 THR A HA   1 
ATOM   595  H HB   . THR A 1 42 ? 3.755   4.184   -9.560  1.00 0.00 ? 42 THR A HB   1 
ATOM   596  H HG1  . THR A 1 42 ? 5.988   5.432   -10.199 1.00 0.00 ? 42 THR A HG1  1 
ATOM   597  H HG21 . THR A 1 42 ? 3.355   6.440   -8.648  1.00 0.00 ? 42 THR A HG21 1 
ATOM   598  H HG22 . THR A 1 42 ? 4.433   6.646   -10.023 1.00 0.00 ? 42 THR A HG22 1 
ATOM   599  H HG23 . THR A 1 42 ? 5.076   6.693   -8.388  1.00 0.00 ? 42 THR A HG23 1 
ATOM   600  N N    . ALA A 1 43 ? 6.282   2.357   -8.450  1.00 0.00 ? 43 ALA A N    1 
ATOM   601  C CA   . ALA A 1 43 ? 7.550   1.598   -8.564  1.00 0.00 ? 43 ALA A CA   1 
ATOM   602  C C    . ALA A 1 43 ? 8.386   2.168   -9.712  1.00 0.00 ? 43 ALA A C    1 
ATOM   603  O O    . ALA A 1 43 ? 9.564   1.899   -9.827  1.00 0.00 ? 43 ALA A O    1 
ATOM   604  C CB   . ALA A 1 43 ? 7.213   0.126   -8.847  1.00 0.00 ? 43 ALA A CB   1 
ATOM   605  H H    . ALA A 1 43 ? 5.482   2.064   -8.939  1.00 0.00 ? 43 ALA A H    1 
ATOM   606  H HA   . ALA A 1 43 ? 8.112   1.702   -7.634  1.00 0.00 ? 43 ALA A HA   1 
ATOM   607  H HB1  . ALA A 1 43 ? 6.767   -0.318  -7.972  1.00 0.00 ? 43 ALA A HB1  1 
ATOM   608  H HB2  . ALA A 1 43 ? 8.115   -0.412  -9.100  1.00 0.00 ? 43 ALA A HB2  1 
ATOM   609  H HB3  . ALA A 1 43 ? 6.520   0.062   -9.669  1.00 0.00 ? 43 ALA A HB3  1 
ATOM   610  N N    . GLN A 1 44 ? 7.742   2.955   -10.543 1.00 0.00 ? 44 GLN A N    1 
ATOM   611  C CA   . GLN A 1 44 ? 8.452   3.571   -11.696 1.00 0.00 ? 44 GLN A CA   1 
ATOM   612  C C    . GLN A 1 44 ? 8.888   4.978   -11.310 1.00 0.00 ? 44 GLN A C    1 
ATOM   613  O O    . GLN A 1 44 ? 9.455   5.710   -12.097 1.00 0.00 ? 44 GLN A O    1 
ATOM   614  C CB   . GLN A 1 44 ? 7.482   3.654   -12.887 1.00 0.00 ? 44 GLN A CB   1 
ATOM   615  C CG   . GLN A 1 44 ? 7.124   2.234   -13.352 1.00 0.00 ? 44 GLN A CG   1 
ATOM   616  C CD   . GLN A 1 44 ? 7.351   2.110   -14.860 1.00 0.00 ? 44 GLN A CD   1 
ATOM   617  O OE1  . GLN A 1 44 ? 8.410   2.410   -15.373 1.00 0.00 ? 44 GLN A OE1  1 
ATOM   618  N NE2  . GLN A 1 44 ? 6.386   1.669   -15.601 1.00 0.00 ? 44 GLN A NE2  1 
ATOM   619  H H    . GLN A 1 44 ? 6.788   3.144   -10.397 1.00 0.00 ? 44 GLN A H    1 
ATOM   620  H HA   . GLN A 1 44 ? 9.332   2.978   -11.942 1.00 0.00 ? 44 GLN A HA   1 
ATOM   621  H HB2  . GLN A 1 44 ? 6.582   4.175   -12.588 1.00 0.00 ? 44 GLN A HB2  1 
ATOM   622  H HB3  . GLN A 1 44 ? 7.949   4.195   -13.699 1.00 0.00 ? 44 GLN A HB3  1 
ATOM   623  H HG2  . GLN A 1 44 ? 7.741   1.511   -12.839 1.00 0.00 ? 44 GLN A HG2  1 
ATOM   624  H HG3  . GLN A 1 44 ? 6.087   2.032   -13.137 1.00 0.00 ? 44 GLN A HG3  1 
ATOM   625  H HE21 . GLN A 1 44 ? 5.528   1.422   -15.191 1.00 0.00 ? 44 GLN A HE21 1 
ATOM   626  H HE22 . GLN A 1 44 ? 6.511   1.586   -16.565 1.00 0.00 ? 44 GLN A HE22 1 
ATOM   627  N N    . ASN A 1 45 ? 8.595   5.320   -10.084 1.00 0.00 ? 45 ASN A N    1 
ATOM   628  C CA   . ASN A 1 45 ? 8.958   6.655   -9.566  1.00 0.00 ? 45 ASN A CA   1 
ATOM   629  C C    . ASN A 1 45 ? 10.452  6.683   -9.234  1.00 0.00 ? 45 ASN A C    1 
ATOM   630  O O    . ASN A 1 45 ? 10.979  5.732   -8.698  1.00 0.00 ? 45 ASN A O    1 
ATOM   631  C CB   . ASN A 1 45 ? 8.151   6.869   -8.265  1.00 0.00 ? 45 ASN A CB   1 
ATOM   632  C CG   . ASN A 1 45 ? 8.260   8.321   -7.801  1.00 0.00 ? 45 ASN A CG   1 
ATOM   633  O OD1  . ASN A 1 45 ? 9.321   8.797   -7.463  1.00 0.00 ? 45 ASN A OD1  1 
ATOM   634  N ND2  . ASN A 1 45 ? 7.189   9.057   -7.763  1.00 0.00 ? 45 ASN A ND2  1 
ATOM   635  H H    . ASN A 1 45 ? 8.146   4.674   -9.495  1.00 0.00 ? 45 ASN A H    1 
ATOM   636  H HA   . ASN A 1 45 ? 8.726   7.411   -10.310 1.00 0.00 ? 45 ASN A HA   1 
ATOM   637  H HB2  . ASN A 1 45 ? 7.112   6.626   -8.430  1.00 0.00 ? 45 ASN A HB2  1 
ATOM   638  H HB3  . ASN A 1 45 ? 8.542   6.227   -7.494  1.00 0.00 ? 45 ASN A HB3  1 
ATOM   639  H HD21 . ASN A 1 45 ? 6.320   8.683   -8.027  1.00 0.00 ? 45 ASN A HD21 1 
ATOM   640  H HD22 . ASN A 1 45 ? 7.248   9.987   -7.465  1.00 0.00 ? 45 ASN A HD22 1 
ATOM   641  N N    . PRO A 1 46 ? 11.110  7.775   -9.557  1.00 0.00 ? 46 PRO A N    1 
ATOM   642  C CA   . PRO A 1 46 ? 12.543  7.905   -9.281  1.00 0.00 ? 46 PRO A CA   1 
ATOM   643  C C    . PRO A 1 46 ? 12.846  7.657   -7.797  1.00 0.00 ? 46 PRO A C    1 
ATOM   644  O O    . PRO A 1 46 ? 13.964  7.352   -7.429  1.00 0.00 ? 46 PRO A O    1 
ATOM   645  C CB   . PRO A 1 46 ? 12.884  9.364   -9.663  1.00 0.00 ? 46 PRO A CB   1 
ATOM   646  C CG   . PRO A 1 46 ? 11.595  10.001  -10.270 1.00 0.00 ? 46 PRO A CG   1 
ATOM   647  C CD   . PRO A 1 46 ? 10.482  8.940   -10.202 1.00 0.00 ? 46 PRO A CD   1 
ATOM   648  H HA   . PRO A 1 46 ? 13.100  7.200   -9.893  1.00 0.00 ? 46 PRO A HA   1 
ATOM   649  H HB2  . PRO A 1 46 ? 13.191  9.916   -8.785  1.00 0.00 ? 46 PRO A HB2  1 
ATOM   650  H HB3  . PRO A 1 46 ? 13.681  9.378   -10.393 1.00 0.00 ? 46 PRO A HB3  1 
ATOM   651  H HG2  . PRO A 1 46 ? 11.309  10.872  -9.698  1.00 0.00 ? 46 PRO A HG2  1 
ATOM   652  H HG3  . PRO A 1 46 ? 11.772  10.285  -11.297 1.00 0.00 ? 46 PRO A HG3  1 
ATOM   653  H HD2  . PRO A 1 46 ? 9.656   9.296   -9.609  1.00 0.00 ? 46 PRO A HD2  1 
ATOM   654  H HD3  . PRO A 1 46 ? 10.145  8.678   -11.196 1.00 0.00 ? 46 PRO A HD3  1 
ATOM   655  N N    . SER A 1 47 ? 11.832  7.791   -6.980  1.00 0.00 ? 47 SER A N    1 
ATOM   656  C CA   . SER A 1 47 ? 12.024  7.570   -5.520  1.00 0.00 ? 47 SER A CA   1 
ATOM   657  C C    . SER A 1 47 ? 11.451  6.224   -5.086  1.00 0.00 ? 47 SER A C    1 
ATOM   658  O O    . SER A 1 47 ? 11.253  5.994   -3.909  1.00 0.00 ? 47 SER A O    1 
ATOM   659  C CB   . SER A 1 47 ? 11.277  8.681   -4.765  1.00 0.00 ? 47 SER A CB   1 
ATOM   660  O OG   . SER A 1 47 ? 11.972  9.866   -5.119  1.00 0.00 ? 47 SER A OG   1 
ATOM   661  H H    . SER A 1 47 ? 10.949  8.037   -7.332  1.00 0.00 ? 47 SER A H    1 
ATOM   662  H HA   . SER A 1 47 ? 13.088  7.593   -5.289  1.00 0.00 ? 47 SER A HA   1 
ATOM   663  H HB2  . SER A 1 47 ? 10.248  8.739   -5.088  1.00 0.00 ? 47 SER A HB2  1 
ATOM   664  H HB3  . SER A 1 47 ? 11.328  8.521   -3.697  1.00 0.00 ? 47 SER A HB3  1 
ATOM   665  H HG   . SER A 1 47 ? 11.959  9.943   -6.079  1.00 0.00 ? 47 SER A HG   1 
ATOM   666  N N    . ALA A 1 48 ? 11.203  5.357   -6.046  1.00 0.00 ? 48 ALA A N    1 
ATOM   667  C CA   . ALA A 1 48 ? 10.639  4.008   -5.715  1.00 0.00 ? 48 ALA A CA   1 
ATOM   668  C C    . ALA A 1 48 ? 11.199  3.484   -4.390  1.00 0.00 ? 48 ALA A C    1 
ATOM   669  O O    . ALA A 1 48 ? 10.466  2.937   -3.576  1.00 0.00 ? 48 ALA A O    1 
ATOM   670  C CB   . ALA A 1 48 ? 11.016  3.034   -6.844  1.00 0.00 ? 48 ALA A CB   1 
ATOM   671  H H    . ALA A 1 48 ? 11.392  5.592   -6.979  1.00 0.00 ? 48 ALA A H    1 
ATOM   672  H HA   . ALA A 1 48 ? 9.555   4.093   -5.627  1.00 0.00 ? 48 ALA A HA   1 
ATOM   673  H HB1  . ALA A 1 48 ? 12.093  2.962   -6.923  1.00 0.00 ? 48 ALA A HB1  1 
ATOM   674  H HB2  . ALA A 1 48 ? 10.615  3.393   -7.782  1.00 0.00 ? 48 ALA A HB2  1 
ATOM   675  H HB3  . ALA A 1 48 ? 10.609  2.056   -6.635  1.00 0.00 ? 48 ALA A HB3  1 
ATOM   676  N N    . GLN A 1 49 ? 12.487  3.665   -4.198  1.00 0.00 ? 49 GLN A N    1 
ATOM   677  C CA   . GLN A 1 49 ? 13.112  3.190   -2.935  1.00 0.00 ? 49 GLN A CA   1 
ATOM   678  C C    . GLN A 1 49 ? 12.417  3.837   -1.733  1.00 0.00 ? 49 GLN A C    1 
ATOM   679  O O    . GLN A 1 49 ? 11.865  3.154   -0.891  1.00 0.00 ? 49 GLN A O    1 
ATOM   680  C CB   . GLN A 1 49 ? 14.602  3.600   -2.940  1.00 0.00 ? 49 GLN A CB   1 
ATOM   681  C CG   . GLN A 1 49 ? 15.348  2.809   -4.028  1.00 0.00 ? 49 GLN A CG   1 
ATOM   682  C CD   . GLN A 1 49 ? 16.855  2.862   -3.760  1.00 0.00 ? 49 GLN A CD   1 
ATOM   683  O OE1  . GLN A 1 49 ? 17.565  3.686   -4.294  1.00 0.00 ? 49 GLN A OE1  1 
ATOM   684  N NE2  . GLN A 1 49 ? 17.381  2.005   -2.941  1.00 0.00 ? 49 GLN A NE2  1 
ATOM   685  H H    . GLN A 1 49 ? 13.030  4.109   -4.882  1.00 0.00 ? 49 GLN A H    1 
ATOM   686  H HA   . GLN A 1 49 ? 13.002  2.108   -2.869  1.00 0.00 ? 49 GLN A HA   1 
ATOM   687  H HB2  . GLN A 1 49 ? 14.685  4.660   -3.142  1.00 0.00 ? 49 GLN A HB2  1 
ATOM   688  H HB3  . GLN A 1 49 ? 15.038  3.390   -1.974  1.00 0.00 ? 49 GLN A HB3  1 
ATOM   689  H HG2  . GLN A 1 49 ? 15.022  1.779   -4.022  1.00 0.00 ? 49 GLN A HG2  1 
ATOM   690  H HG3  . GLN A 1 49 ? 15.147  3.240   -4.996  1.00 0.00 ? 49 GLN A HG3  1 
ATOM   691  H HE21 . GLN A 1 49 ? 16.818  1.335   -2.505  1.00 0.00 ? 49 GLN A HE21 1 
ATOM   692  H HE22 . GLN A 1 49 ? 18.341  2.030   -2.761  1.00 0.00 ? 49 GLN A HE22 1 
ATOM   693  N N    . ALA A 1 50 ? 12.445  5.146   -1.687  1.00 0.00 ? 50 ALA A N    1 
ATOM   694  C CA   . ALA A 1 50 ? 11.793  5.858   -0.553  1.00 0.00 ? 50 ALA A CA   1 
ATOM   695  C C    . ALA A 1 50 ? 10.296  5.547   -0.527  1.00 0.00 ? 50 ALA A C    1 
ATOM   696  O O    . ALA A 1 50 ? 9.686   5.464   0.523   1.00 0.00 ? 50 ALA A O    1 
ATOM   697  C CB   . ALA A 1 50 ? 11.993  7.368   -0.760  1.00 0.00 ? 50 ALA A CB   1 
ATOM   698  H H    . ALA A 1 50 ? 12.884  5.654   -2.401  1.00 0.00 ? 50 ALA A H    1 
ATOM   699  H HA   . ALA A 1 50 ? 12.241  5.528   0.382   1.00 0.00 ? 50 ALA A HA   1 
ATOM   700  H HB1  . ALA A 1 50 ? 11.759  7.896   0.152   1.00 0.00 ? 50 ALA A HB1  1 
ATOM   701  H HB2  . ALA A 1 50 ? 11.345  7.718   -1.550  1.00 0.00 ? 50 ALA A HB2  1 
ATOM   702  H HB3  . ALA A 1 50 ? 13.021  7.565   -1.031  1.00 0.00 ? 50 ALA A HB3  1 
ATOM   703  N N    . LEU A 1 51 ? 9.737   5.386   -1.693  1.00 0.00 ? 51 LEU A N    1 
ATOM   704  C CA   . LEU A 1 51 ? 8.293   5.078   -1.780  1.00 0.00 ? 51 LEU A CA   1 
ATOM   705  C C    . LEU A 1 51 ? 8.004   3.783   -1.026  1.00 0.00 ? 51 LEU A C    1 
ATOM   706  O O    . LEU A 1 51 ? 6.956   3.622   -0.431  1.00 0.00 ? 51 LEU A O    1 
ATOM   707  C CB   . LEU A 1 51 ? 7.935   4.896   -3.260  1.00 0.00 ? 51 LEU A CB   1 
ATOM   708  C CG   . LEU A 1 51 ? 8.228   6.199   -4.039  1.00 0.00 ? 51 LEU A CG   1 
ATOM   709  C CD1  . LEU A 1 51 ? 7.125   6.413   -5.058  1.00 0.00 ? 51 LEU A CD1  1 
ATOM   710  C CD2  . LEU A 1 51 ? 8.263   7.415   -3.093  1.00 0.00 ? 51 LEU A CD2  1 
ATOM   711  H H    . LEU A 1 51 ? 10.270  5.473   -2.507  1.00 0.00 ? 51 LEU A H    1 
ATOM   712  H HA   . LEU A 1 51 ? 7.715   5.887   -1.349  1.00 0.00 ? 51 LEU A HA   1 
ATOM   713  H HB2  . LEU A 1 51 ? 8.516   4.090   -3.676  1.00 0.00 ? 51 LEU A HB2  1 
ATOM   714  H HB3  . LEU A 1 51 ? 6.887   4.652   -3.345  1.00 0.00 ? 51 LEU A HB3  1 
ATOM   715  H HG   . LEU A 1 51 ? 9.169   6.112   -4.549  1.00 0.00 ? 51 LEU A HG   1 
ATOM   716  H HD11 . LEU A 1 51 ? 7.385   5.924   -5.979  1.00 0.00 ? 51 LEU A HD11 1 
ATOM   717  H HD12 . LEU A 1 51 ? 6.994   7.471   -5.239  1.00 0.00 ? 51 LEU A HD12 1 
ATOM   718  H HD13 . LEU A 1 51 ? 6.205   6.000   -4.682  1.00 0.00 ? 51 LEU A HD13 1 
ATOM   719  H HD21 . LEU A 1 51 ? 7.366   7.441   -2.496  1.00 0.00 ? 51 LEU A HD21 1 
ATOM   720  H HD22 . LEU A 1 51 ? 8.327   8.325   -3.673  1.00 0.00 ? 51 LEU A HD22 1 
ATOM   721  H HD23 . LEU A 1 51 ? 9.121   7.351   -2.445  1.00 0.00 ? 51 LEU A HD23 1 
ATOM   722  N N    . GLY A 1 52 ? 8.967   2.888   -1.057  1.00 0.00 ? 52 GLY A N    1 
ATOM   723  C CA   . GLY A 1 52 ? 8.797   1.576   -0.352  1.00 0.00 ? 52 GLY A CA   1 
ATOM   724  C C    . GLY A 1 52 ? 7.992   0.606   -1.216  1.00 0.00 ? 52 GLY A C    1 
ATOM   725  O O    . GLY A 1 52 ? 7.527   -0.407  -0.750  1.00 0.00 ? 52 GLY A O    1 
ATOM   726  H H    . GLY A 1 52 ? 9.805   3.086   -1.535  1.00 0.00 ? 52 GLY A H    1 
ATOM   727  H HA2  . GLY A 1 52 ? 9.770   1.151   -0.151  1.00 0.00 ? 52 GLY A HA2  1 
ATOM   728  H HA3  . GLY A 1 52 ? 8.279   1.736   0.584   1.00 0.00 ? 52 GLY A HA3  1 
ATOM   729  N N    . LEU A 1 53 ? 7.858   0.938   -2.459  1.00 0.00 ? 53 LEU A N    1 
ATOM   730  C CA   . LEU A 1 53 ? 7.091   0.068   -3.389  1.00 0.00 ? 53 LEU A CA   1 
ATOM   731  C C    . LEU A 1 53 ? 8.002   -0.929  -4.108  1.00 0.00 ? 53 LEU A C    1 
ATOM   732  O O    . LEU A 1 53 ? 9.112   -1.181  -3.693  1.00 0.00 ? 53 LEU A O    1 
ATOM   733  C CB   . LEU A 1 53 ? 6.428   0.996   -4.428  1.00 0.00 ? 53 LEU A CB   1 
ATOM   734  C CG   . LEU A 1 53 ? 5.202   1.698   -3.812  1.00 0.00 ? 53 LEU A CG   1 
ATOM   735  C CD1  . LEU A 1 53 ? 5.489   2.137   -2.378  1.00 0.00 ? 53 LEU A CD1  1 
ATOM   736  C CD2  . LEU A 1 53 ? 4.877   2.933   -4.644  1.00 0.00 ? 53 LEU A CD2  1 
ATOM   737  H H    . LEU A 1 53 ? 8.266   1.763   -2.788  1.00 0.00 ? 53 LEU A H    1 
ATOM   738  H HA   . LEU A 1 53 ? 6.334   -0.490  -2.829  1.00 0.00 ? 53 LEU A HA   1 
ATOM   739  H HB2  . LEU A 1 53 ? 7.142   1.742   -4.750  1.00 0.00 ? 53 LEU A HB2  1 
ATOM   740  H HB3  . LEU A 1 53 ? 6.117   0.424   -5.282  1.00 0.00 ? 53 LEU A HB3  1 
ATOM   741  H HG   . LEU A 1 53 ? 4.363   1.028   -3.818  1.00 0.00 ? 53 LEU A HG   1 
ATOM   742  H HD11 . LEU A 1 53 ? 5.630   1.273   -1.753  1.00 0.00 ? 53 LEU A HD11 1 
ATOM   743  H HD12 . LEU A 1 53 ? 4.659   2.715   -2.001  1.00 0.00 ? 53 LEU A HD12 1 
ATOM   744  H HD13 . LEU A 1 53 ? 6.377   2.740   -2.358  1.00 0.00 ? 53 LEU A HD13 1 
ATOM   745  H HD21 . LEU A 1 53 ? 4.026   3.443   -4.221  1.00 0.00 ? 53 LEU A HD21 1 
ATOM   746  H HD22 . LEU A 1 53 ? 4.649   2.639   -5.653  1.00 0.00 ? 53 LEU A HD22 1 
ATOM   747  H HD23 . LEU A 1 53 ? 5.725   3.601   -4.652  1.00 0.00 ? 53 LEU A HD23 1 
ATOM   748  N N    . GLY A 1 54 ? 7.492   -1.487  -5.164  1.00 0.00 ? 54 GLY A N    1 
ATOM   749  C CA   . GLY A 1 54 ? 8.275   -2.474  -5.954  1.00 0.00 ? 54 GLY A CA   1 
ATOM   750  C C    . GLY A 1 54 ? 7.428   -2.954  -7.128  1.00 0.00 ? 54 GLY A C    1 
ATOM   751  O O    . GLY A 1 54 ? 6.338   -2.459  -7.346  1.00 0.00 ? 54 GLY A O    1 
ATOM   752  H H    . GLY A 1 54 ? 6.581   -1.265  -5.437  1.00 0.00 ? 54 GLY A H    1 
ATOM   753  H HA2  . GLY A 1 54 ? 9.177   -2.007  -6.326  1.00 0.00 ? 54 GLY A HA2  1 
ATOM   754  H HA3  . GLY A 1 54 ? 8.535   -3.314  -5.328  1.00 0.00 ? 54 GLY A HA3  1 
ATOM   755  N N    . LYS A 1 55 ? 7.930   -3.902  -7.864  1.00 0.00 ? 55 LYS A N    1 
ATOM   756  C CA   . LYS A 1 55 ? 7.149   -4.412  -9.022  1.00 0.00 ? 55 LYS A CA   1 
ATOM   757  C C    . LYS A 1 55 ? 5.963   -5.264  -8.544  1.00 0.00 ? 55 LYS A C    1 
ATOM   758  O O    . LYS A 1 55 ? 5.966   -6.478  -8.681  1.00 0.00 ? 55 LYS A O    1 
ATOM   759  C CB   . LYS A 1 55 ? 8.084   -5.273  -9.890  1.00 0.00 ? 55 LYS A CB   1 
ATOM   760  C CG   . LYS A 1 55 ? 7.474   -5.424  -11.292 1.00 0.00 ? 55 LYS A CG   1 
ATOM   761  C CD   . LYS A 1 55 ? 8.500   -6.086  -12.225 1.00 0.00 ? 55 LYS A CD   1 
ATOM   762  C CE   . LYS A 1 55 ? 8.838   -7.490  -11.710 1.00 0.00 ? 55 LYS A CE   1 
ATOM   763  N NZ   . LYS A 1 55 ? 7.585   -8.230  -11.366 1.00 0.00 ? 55 LYS A NZ   1 
ATOM   764  H H    . LYS A 1 55 ? 8.811   -4.273  -7.658  1.00 0.00 ? 55 LYS A H    1 
ATOM   765  H HA   . LYS A 1 55 ? 6.765   -3.563  -9.589  1.00 0.00 ? 55 LYS A HA   1 
ATOM   766  H HB2  . LYS A 1 55 ? 9.051   -4.795  -9.965  1.00 0.00 ? 55 LYS A HB2  1 
ATOM   767  H HB3  . LYS A 1 55 ? 8.207   -6.246  -9.437  1.00 0.00 ? 55 LYS A HB3  1 
ATOM   768  H HG2  . LYS A 1 55 ? 6.583   -6.033  -11.237 1.00 0.00 ? 55 LYS A HG2  1 
ATOM   769  H HG3  . LYS A 1 55 ? 7.210   -4.451  -11.678 1.00 0.00 ? 55 LYS A HG3  1 
ATOM   770  H HD2  . LYS A 1 55 ? 8.090   -6.156  -13.224 1.00 0.00 ? 55 LYS A HD2  1 
ATOM   771  H HD3  . LYS A 1 55 ? 9.400   -5.487  -12.257 1.00 0.00 ? 55 LYS A HD3  1 
ATOM   772  H HE2  . LYS A 1 55 ? 9.377   -8.036  -12.474 1.00 0.00 ? 55 LYS A HE2  1 
ATOM   773  H HE3  . LYS A 1 55 ? 9.460   -7.413  -10.828 1.00 0.00 ? 55 LYS A HE3  1 
ATOM   774  H HZ1  . LYS A 1 55 ? 7.157   -7.814  -10.509 1.00 0.00 ? 55 LYS A HZ1  1 
ATOM   775  H HZ2  . LYS A 1 55 ? 7.809   -9.233  -11.191 1.00 0.00 ? 55 LYS A HZ2  1 
ATOM   776  H HZ3  . LYS A 1 55 ? 6.912   -8.159  -12.159 1.00 0.00 ? 55 LYS A HZ3  1 
ATOM   777  N N    . HIS A 1 56 ? 4.965   -4.601  -7.996  1.00 0.00 ? 56 HIS A N    1 
ATOM   778  C CA   . HIS A 1 56 ? 3.768   -5.338  -7.498  1.00 0.00 ? 56 HIS A CA   1 
ATOM   779  C C    . HIS A 1 56 ? 2.592   -4.386  -7.203  1.00 0.00 ? 56 HIS A C    1 
ATOM   780  O O    . HIS A 1 56 ? 2.628   -3.216  -7.549  1.00 0.00 ? 56 HIS A O    1 
ATOM   781  C CB   . HIS A 1 56 ? 4.170   -6.055  -6.195  1.00 0.00 ? 56 HIS A CB   1 
ATOM   782  C CG   . HIS A 1 56 ? 4.815   -5.056  -5.216  1.00 0.00 ? 56 HIS A CG   1 
ATOM   783  N ND1  . HIS A 1 56 ? 4.201   -4.159  -4.589  1.00 0.00 ? 56 HIS A ND1  1 
ATOM   784  C CD2  . HIS A 1 56 ? 6.122   -4.973  -4.778  1.00 0.00 ? 56 HIS A CD2  1 
ATOM   785  C CE1  . HIS A 1 56 ? 4.978   -3.529  -3.799  1.00 0.00 ? 56 HIS A CE1  1 
ATOM   786  N NE2  . HIS A 1 56 ? 6.227   -3.982  -3.855  1.00 0.00 ? 56 HIS A NE2  1 
ATOM   787  H H    . HIS A 1 56 ? 5.007   -3.622  -7.915  1.00 0.00 ? 56 HIS A H    1 
ATOM   788  H HA   . HIS A 1 56 ? 3.456   -6.058  -8.252  1.00 0.00 ? 56 HIS A HA   1 
ATOM   789  H HB2  . HIS A 1 56 ? 3.298   -6.492  -5.733  1.00 0.00 ? 56 HIS A HB2  1 
ATOM   790  H HB3  . HIS A 1 56 ? 4.879   -6.839  -6.418  1.00 0.00 ? 56 HIS A HB3  1 
ATOM   791  H HD1  . HIS A 1 56 ? 3.261   -3.943  -4.720  1.00 0.00 ? 56 HIS A HD1  1 
ATOM   792  H HD2  . HIS A 1 56 ? 6.935   -5.597  -5.119  1.00 0.00 ? 56 HIS A HD2  1 
ATOM   793  H HE1  . HIS A 1 56 ? 4.649   -2.742  -3.124  1.00 0.00 ? 56 HIS A HE1  1 
ATOM   794  N N    . ASN A 1 57 ? 1.569   -4.918  -6.567  1.00 0.00 ? 57 ASN A N    1 
ATOM   795  C CA   . ASN A 1 57 ? 0.377   -4.081  -6.231  1.00 0.00 ? 57 ASN A CA   1 
ATOM   796  C C    . ASN A 1 57 ? 0.139   -4.049  -4.714  1.00 0.00 ? 57 ASN A C    1 
ATOM   797  O O    . ASN A 1 57 ? -0.938  -3.722  -4.256  1.00 0.00 ? 57 ASN A O    1 
ATOM   798  C CB   . ASN A 1 57 ? -0.850  -4.706  -6.917  1.00 0.00 ? 57 ASN A CB   1 
ATOM   799  C CG   . ASN A 1 57 ? -0.992  -6.164  -6.474  1.00 0.00 ? 57 ASN A CG   1 
ATOM   800  O OD1  . ASN A 1 57 ? -0.103  -6.968  -6.648  1.00 0.00 ? 57 ASN A OD1  1 
ATOM   801  N ND2  . ASN A 1 57 ? -2.086  -6.545  -5.900  1.00 0.00 ? 57 ASN A ND2  1 
ATOM   802  H H    . ASN A 1 57 ? 1.580   -5.872  -6.327  1.00 0.00 ? 57 ASN A H    1 
ATOM   803  H HA   . ASN A 1 57 ? 0.543   -3.064  -6.584  1.00 0.00 ? 57 ASN A HA   1 
ATOM   804  H HB2  . ASN A 1 57 ? -1.740  -4.160  -6.644  1.00 0.00 ? 57 ASN A HB2  1 
ATOM   805  H HB3  . ASN A 1 57 ? -0.726  -4.672  -7.989  1.00 0.00 ? 57 ASN A HB3  1 
ATOM   806  H HD21 . ASN A 1 57 ? -2.812  -5.905  -5.752  1.00 0.00 ? 57 ASN A HD21 1 
ATOM   807  H HD22 . ASN A 1 57 ? -2.183  -7.475  -5.609  1.00 0.00 ? 57 ASN A HD22 1 
ATOM   808  N N    . TYR A 1 58 ? 1.150   -4.409  -3.977  1.00 0.00 ? 58 TYR A N    1 
ATOM   809  C CA   . TYR A 1 58 ? 1.036   -4.415  -2.489  1.00 0.00 ? 58 TYR A CA   1 
ATOM   810  C C    . TYR A 1 58 ? 0.775   -3.025  -1.912  1.00 0.00 ? 58 TYR A C    1 
ATOM   811  O O    . TYR A 1 58 ? 1.035   -2.020  -2.539  1.00 0.00 ? 58 TYR A O    1 
ATOM   812  C CB   . TYR A 1 58 ? 2.371   -4.920  -1.926  1.00 0.00 ? 58 TYR A CB   1 
ATOM   813  C CG   . TYR A 1 58 ? 2.460   -6.444  -2.082  1.00 0.00 ? 58 TYR A CG   1 
ATOM   814  C CD1  . TYR A 1 58 ? 1.568   -7.271  -1.428  1.00 0.00 ? 58 TYR A CD1  1 
ATOM   815  C CD2  . TYR A 1 58 ? 3.433   -7.009  -2.877  1.00 0.00 ? 58 TYR A CD2  1 
ATOM   816  C CE1  . TYR A 1 58 ? 1.652   -8.643  -1.572  1.00 0.00 ? 58 TYR A CE1  1 
ATOM   817  C CE2  . TYR A 1 58 ? 3.515   -8.380  -3.019  1.00 0.00 ? 58 TYR A CE2  1 
ATOM   818  C CZ   . TYR A 1 58 ? 2.627   -9.205  -2.367  1.00 0.00 ? 58 TYR A CZ   1 
ATOM   819  O OH   . TYR A 1 58 ? 2.707   -10.571 -2.513  1.00 0.00 ? 58 TYR A OH   1 
ATOM   820  H H    . TYR A 1 58 ? 1.976   -4.698  -4.397  1.00 0.00 ? 58 TYR A H    1 
ATOM   821  H HA   . TYR A 1 58 ? 0.228   -5.072  -2.197  1.00 0.00 ? 58 TYR A HA   1 
ATOM   822  H HB2  . TYR A 1 58 ? 3.169   -4.467  -2.467  1.00 0.00 ? 58 TYR A HB2  1 
ATOM   823  H HB3  . TYR A 1 58 ? 2.461   -4.652  -0.890  1.00 0.00 ? 58 TYR A HB3  1 
ATOM   824  H HD1  . TYR A 1 58 ? 0.800   -6.844  -0.799  1.00 0.00 ? 58 TYR A HD1  1 
ATOM   825  H HD2  . TYR A 1 58 ? 4.143   -6.377  -3.385  1.00 0.00 ? 58 TYR A HD2  1 
ATOM   826  H HE1  . TYR A 1 58 ? 0.950   -9.280  -1.056  1.00 0.00 ? 58 TYR A HE1  1 
ATOM   827  H HE2  . TYR A 1 58 ? 4.279   -8.811  -3.649  1.00 0.00 ? 58 TYR A HE2  1 
ATOM   828  H HH   . TYR A 1 58 ? 1.821   -10.928 -2.437  1.00 0.00 ? 58 TYR A HH   1 
ATOM   829  N N    . CYS A 1 59 ? 0.249   -3.013  -0.719  1.00 0.00 ? 59 CYS A N    1 
ATOM   830  C CA   . CYS A 1 59 ? -0.050  -1.732  -0.044  1.00 0.00 ? 59 CYS A CA   1 
ATOM   831  C C    . CYS A 1 59 ? 1.151   -1.295  0.787   1.00 0.00 ? 59 CYS A C    1 
ATOM   832  O O    . CYS A 1 59 ? 1.822   -2.119  1.370   1.00 0.00 ? 59 CYS A O    1 
ATOM   833  C CB   . CYS A 1 59 ? -1.238  -1.970  0.874   1.00 0.00 ? 59 CYS A CB   1 
ATOM   834  S SG   . CYS A 1 59 ? -2.762  -2.542  0.093   1.00 0.00 ? 59 CYS A SG   1 
ATOM   835  H H    . CYS A 1 59 ? 0.047   -3.859  -0.264  1.00 0.00 ? 59 CYS A H    1 
ATOM   836  H HA   . CYS A 1 59 ? -0.272  -0.971  -0.790  1.00 0.00 ? 59 CYS A HA   1 
ATOM   837  H HB2  . CYS A 1 59 ? -0.954  -2.706  1.612   1.00 0.00 ? 59 CYS A HB2  1 
ATOM   838  H HB3  . CYS A 1 59 ? -1.454  -1.057  1.391   1.00 0.00 ? 59 CYS A HB3  1 
ATOM   839  N N    . ARG A 1 60 ? 1.389   -0.012  0.849   1.00 0.00 ? 60 ARG A N    1 
ATOM   840  C CA   . ARG A 1 60 ? 2.552   0.478   1.642   1.00 0.00 ? 60 ARG A CA   1 
ATOM   841  C C    . ARG A 1 60 ? 2.238   1.813   2.321   1.00 0.00 ? 60 ARG A C    1 
ATOM   842  O O    . ARG A 1 60 ? 1.203   2.394   2.089   1.00 0.00 ? 60 ARG A O    1 
ATOM   843  C CB   . ARG A 1 60 ? 3.732   0.711   0.662   1.00 0.00 ? 60 ARG A CB   1 
ATOM   844  C CG   . ARG A 1 60 ? 3.900   -0.501  -0.272  1.00 0.00 ? 60 ARG A CG   1 
ATOM   845  C CD   . ARG A 1 60 ? 4.489   -1.666  0.516   1.00 0.00 ? 60 ARG A CD   1 
ATOM   846  N NE   . ARG A 1 60 ? 5.932   -1.388  0.779   1.00 0.00 ? 60 ARG A NE   1 
ATOM   847  C CZ   . ARG A 1 60 ? 6.723   -2.353  1.075   1.00 0.00 ? 60 ARG A CZ   1 
ATOM   848  N NH1  . ARG A 1 60 ? 6.662   -2.868  2.242   1.00 0.00 ? 60 ARG A NH1  1 
ATOM   849  N NH2  . ARG A 1 60 ? 7.574   -2.741  0.194   1.00 0.00 ? 60 ARG A NH2  1 
ATOM   850  H H    . ARG A 1 60 ? 0.794   0.629   0.400   1.00 0.00 ? 60 ARG A H    1 
ATOM   851  H HA   . ARG A 1 60 ? 2.815   -0.257  2.395   1.00 0.00 ? 60 ARG A HA   1 
ATOM   852  H HB2  . ARG A 1 60 ? 3.535   1.592   0.068   1.00 0.00 ? 60 ARG A HB2  1 
ATOM   853  H HB3  . ARG A 1 60 ? 4.645   0.863   1.221   1.00 0.00 ? 60 ARG A HB3  1 
ATOM   854  H HG2  . ARG A 1 60 ? 2.944   -0.785  -0.680  1.00 0.00 ? 60 ARG A HG2  1 
ATOM   855  H HG3  . ARG A 1 60 ? 4.565   -0.244  -1.085  1.00 0.00 ? 60 ARG A HG3  1 
ATOM   856  H HD2  . ARG A 1 60 ? 3.970   -1.776  1.457   1.00 0.00 ? 60 ARG A HD2  1 
ATOM   857  H HD3  . ARG A 1 60 ? 4.396   -2.581  -0.054  1.00 0.00 ? 60 ARG A HD3  1 
ATOM   858  H HE   . ARG A 1 60 ? 6.284   -0.472  0.708   1.00 0.00 ? 60 ARG A HE   1 
ATOM   859  H HH11 . ARG A 1 60 ? 6.009   -2.512  2.903   1.00 0.00 ? 60 ARG A HH11 1 
ATOM   860  H HH12 . ARG A 1 60 ? 7.260   -3.621  2.485   1.00 0.00 ? 60 ARG A HH12 1 
ATOM   861  H HH21 . ARG A 1 60 ? 7.605   -2.283  -0.700  1.00 0.00 ? 60 ARG A HH21 1 
ATOM   862  H HH22 . ARG A 1 60 ? 8.200   -3.487  0.396   1.00 0.00 ? 60 ARG A HH22 1 
ATOM   863  N N    . ASN A 1 61 ? 3.152   2.262   3.146   1.00 0.00 ? 61 ASN A N    1 
ATOM   864  C CA   . ASN A 1 61 ? 2.952   3.560   3.859   1.00 0.00 ? 61 ASN A CA   1 
ATOM   865  C C    . ASN A 1 61 ? 4.071   4.557   3.496   1.00 0.00 ? 61 ASN A C    1 
ATOM   866  O O    . ASN A 1 61 ? 4.799   5.021   4.356   1.00 0.00 ? 61 ASN A O    1 
ATOM   867  C CB   . ASN A 1 61 ? 2.994   3.324   5.385   1.00 0.00 ? 61 ASN A CB   1 
ATOM   868  C CG   . ASN A 1 61 ? 1.682   2.797   5.896   1.00 0.00 ? 61 ASN A CG   1 
ATOM   869  O OD1  . ASN A 1 61 ? 0.631   3.205   5.457   1.00 0.00 ? 61 ASN A OD1  1 
ATOM   870  N ND2  . ASN A 1 61 ? 1.685   1.931   6.852   1.00 0.00 ? 61 ASN A ND2  1 
ATOM   871  H H    . ASN A 1 61 ? 3.970   1.745   3.296   1.00 0.00 ? 61 ASN A H    1 
ATOM   872  H HA   . ASN A 1 61 ? 1.995   3.985   3.560   1.00 0.00 ? 61 ASN A HA   1 
ATOM   873  H HB2  . ASN A 1 61 ? 3.781   2.624   5.628   1.00 0.00 ? 61 ASN A HB2  1 
ATOM   874  H HB3  . ASN A 1 61 ? 3.177   4.230   5.869   1.00 0.00 ? 61 ASN A HB3  1 
ATOM   875  H HD21 . ASN A 1 61 ? 2.536   1.622   7.237   1.00 0.00 ? 61 ASN A HD21 1 
ATOM   876  H HD22 . ASN A 1 61 ? 0.840   1.595   7.205   1.00 0.00 ? 61 ASN A HD22 1 
ATOM   877  N N    . PRO A 1 62 ? 4.174   4.878   2.215   1.00 0.00 ? 62 PRO A N    1 
ATOM   878  C CA   . PRO A 1 62 ? 5.196   5.815   1.736   1.00 0.00 ? 62 PRO A CA   1 
ATOM   879  C C    . PRO A 1 62 ? 5.150   7.150   2.482   1.00 0.00 ? 62 PRO A C    1 
ATOM   880  O O    . PRO A 1 62 ? 6.158   7.811   2.621   1.00 0.00 ? 62 PRO A O    1 
ATOM   881  C CB   . PRO A 1 62 ? 4.863   6.032   0.247   1.00 0.00 ? 62 PRO A CB   1 
ATOM   882  C CG   . PRO A 1 62 ? 3.692   5.075   -0.113  1.00 0.00 ? 62 PRO A CG   1 
ATOM   883  C CD   . PRO A 1 62 ? 3.285   4.342   1.173   1.00 0.00 ? 62 PRO A CD   1 
ATOM   884  H HA   . PRO A 1 62 ? 6.179   5.368   1.850   1.00 0.00 ? 62 PRO A HA   1 
ATOM   885  H HB2  . PRO A 1 62 ? 4.567   7.058   0.081   1.00 0.00 ? 62 PRO A HB2  1 
ATOM   886  H HB3  . PRO A 1 62 ? 5.726   5.803   -0.358  1.00 0.00 ? 62 PRO A HB3  1 
ATOM   887  H HG2  . PRO A 1 62 ? 2.858   5.642   -0.496  1.00 0.00 ? 62 PRO A HG2  1 
ATOM   888  H HG3  . PRO A 1 62 ? 4.016   4.363   -0.857  1.00 0.00 ? 62 PRO A HG3  1 
ATOM   889  H HD2  . PRO A 1 62 ? 2.254   4.544   1.417   1.00 0.00 ? 62 PRO A HD2  1 
ATOM   890  H HD3  . PRO A 1 62 ? 3.443   3.286   1.062   1.00 0.00 ? 62 PRO A HD3  1 
ATOM   891  N N    . ASP A 1 63 ? 3.986   7.527   2.931   1.00 0.00 ? 63 ASP A N    1 
ATOM   892  C CA   . ASP A 1 63 ? 3.870   8.816   3.668   1.00 0.00 ? 63 ASP A CA   1 
ATOM   893  C C    . ASP A 1 63 ? 4.090   8.598   5.168   1.00 0.00 ? 63 ASP A C    1 
ATOM   894  O O    . ASP A 1 63 ? 4.297   9.538   5.914   1.00 0.00 ? 63 ASP A O    1 
ATOM   895  C CB   . ASP A 1 63 ? 2.439   9.386   3.469   1.00 0.00 ? 63 ASP A CB   1 
ATOM   896  C CG   . ASP A 1 63 ? 1.756   8.747   2.260   1.00 0.00 ? 63 ASP A CG   1 
ATOM   897  O OD1  . ASP A 1 63 ? 1.444   7.567   2.359   1.00 0.00 ? 63 ASP A OD1  1 
ATOM   898  O OD2  . ASP A 1 63 ? 1.556   9.479   1.313   1.00 0.00 ? 63 ASP A OD2  1 
ATOM   899  H H    . ASP A 1 63 ? 3.192   6.971   2.780   1.00 0.00 ? 63 ASP A H    1 
ATOM   900  H HA   . ASP A 1 63 ? 4.622   9.512   3.298   1.00 0.00 ? 63 ASP A HA   1 
ATOM   901  H HB2  . ASP A 1 63 ? 1.844   9.192   4.351   1.00 0.00 ? 63 ASP A HB2  1 
ATOM   902  H HB3  . ASP A 1 63 ? 2.494   10.451  3.314   1.00 0.00 ? 63 ASP A HB3  1 
ATOM   903  N N    . GLY A 1 64 ? 4.068   7.356   5.571   1.00 0.00 ? 64 GLY A N    1 
ATOM   904  C CA   . GLY A 1 64 ? 4.267   7.046   7.020   1.00 0.00 ? 64 GLY A CA   1 
ATOM   905  C C    . GLY A 1 64 ? 2.909   7.074   7.716   1.00 0.00 ? 64 GLY A C    1 
ATOM   906  O O    . GLY A 1 64 ? 2.799   7.414   8.877   1.00 0.00 ? 64 GLY A O    1 
ATOM   907  H H    . GLY A 1 64 ? 3.932   6.631   4.924   1.00 0.00 ? 64 GLY A H    1 
ATOM   908  H HA2  . GLY A 1 64 ? 4.706   6.065   7.123   1.00 0.00 ? 64 GLY A HA2  1 
ATOM   909  H HA3  . GLY A 1 64 ? 4.916   7.782   7.465   1.00 0.00 ? 64 GLY A HA3  1 
ATOM   910  N N    . ASP A 1 65 ? 1.906   6.706   6.972   1.00 0.00 ? 65 ASP A N    1 
ATOM   911  C CA   . ASP A 1 65 ? 0.533   6.686   7.514   1.00 0.00 ? 65 ASP A CA   1 
ATOM   912  C C    . ASP A 1 65 ? 0.357   5.554   8.533   1.00 0.00 ? 65 ASP A C    1 
ATOM   913  O O    . ASP A 1 65 ? 1.321   4.959   8.989   1.00 0.00 ? 65 ASP A O    1 
ATOM   914  C CB   . ASP A 1 65 ? -0.415  6.453   6.316   1.00 0.00 ? 65 ASP A CB   1 
ATOM   915  C CG   . ASP A 1 65 ? -1.307  7.678   6.120   1.00 0.00 ? 65 ASP A CG   1 
ATOM   916  O OD1  . ASP A 1 65 ? -0.840  8.590   5.456   1.00 0.00 ? 65 ASP A OD1  1 
ATOM   917  O OD2  . ASP A 1 65 ? -2.404  7.632   6.646   1.00 0.00 ? 65 ASP A OD2  1 
ATOM   918  H H    . ASP A 1 65 ? 2.063   6.432   6.049   1.00 0.00 ? 65 ASP A H    1 
ATOM   919  H HA   . ASP A 1 65 ? 0.323   7.638   7.997   1.00 0.00 ? 65 ASP A HA   1 
ATOM   920  H HB2  . ASP A 1 65 ? 0.163   6.292   5.419   1.00 0.00 ? 65 ASP A HB2  1 
ATOM   921  H HB3  . ASP A 1 65 ? -1.034  5.589   6.498   1.00 0.00 ? 65 ASP A HB3  1 
ATOM   922  N N    . ALA A 1 66 ? -0.872  5.291   8.889   1.00 0.00 ? 66 ALA A N    1 
ATOM   923  C CA   . ALA A 1 66 ? -1.136  4.206   9.874   1.00 0.00 ? 66 ALA A CA   1 
ATOM   924  C C    . ALA A 1 66 ? -0.830  2.848   9.234   1.00 0.00 ? 66 ALA A C    1 
ATOM   925  O O    . ALA A 1 66 ? 0.312   2.439   9.153   1.00 0.00 ? 66 ALA A O    1 
ATOM   926  C CB   . ALA A 1 66 ? -2.624  4.273   10.271  1.00 0.00 ? 66 ALA A CB   1 
ATOM   927  H H    . ALA A 1 66 ? -1.614  5.805   8.504   1.00 0.00 ? 66 ALA A H    1 
ATOM   928  H HA   . ALA A 1 66 ? -0.489  4.344   10.740  1.00 0.00 ? 66 ALA A HA   1 
ATOM   929  H HB1  . ALA A 1 66 ? -2.890  3.402   10.851  1.00 0.00 ? 66 ALA A HB1  1 
ATOM   930  H HB2  . ALA A 1 66 ? -3.239  4.312   9.385   1.00 0.00 ? 66 ALA A HB2  1 
ATOM   931  H HB3  . ALA A 1 66 ? -2.802  5.160   10.863  1.00 0.00 ? 66 ALA A HB3  1 
ATOM   932  N N    . LYS A 1 67 ? -1.846  2.160   8.803   1.00 0.00 ? 67 LYS A N    1 
ATOM   933  C CA   . LYS A 1 67 ? -1.595  0.848   8.173   1.00 0.00 ? 67 LYS A CA   1 
ATOM   934  C C    . LYS A 1 67 ? -1.287  1.075   6.685   1.00 0.00 ? 67 LYS A C    1 
ATOM   935  O O    . LYS A 1 67 ? -1.899  1.914   6.043   1.00 0.00 ? 67 LYS A O    1 
ATOM   936  C CB   . LYS A 1 67 ? -2.855  -0.044  8.335   1.00 0.00 ? 67 LYS A CB   1 
ATOM   937  C CG   . LYS A 1 67 ? -4.095  0.663   7.748   1.00 0.00 ? 67 LYS A CG   1 
ATOM   938  C CD   . LYS A 1 67 ? -4.983  1.194   8.893   1.00 0.00 ? 67 LYS A CD   1 
ATOM   939  C CE   . LYS A 1 67 ? -5.580  0.016   9.678   1.00 0.00 ? 67 LYS A CE   1 
ATOM   940  N NZ   . LYS A 1 67 ? -7.062  0.177   9.813   1.00 0.00 ? 67 LYS A NZ   1 
ATOM   941  H H    . LYS A 1 67 ? -2.755  2.505   8.893   1.00 0.00 ? 67 LYS A H    1 
ATOM   942  H HA   . LYS A 1 67 ? -0.727  0.391   8.651   1.00 0.00 ? 67 LYS A HA   1 
ATOM   943  H HB2  . LYS A 1 67 ? -2.699  -0.981  7.820   1.00 0.00 ? 67 LYS A HB2  1 
ATOM   944  H HB3  . LYS A 1 67 ? -3.015  -0.246  9.384   1.00 0.00 ? 67 LYS A HB3  1 
ATOM   945  H HG2  . LYS A 1 67 ? -3.784  1.486   7.123   1.00 0.00 ? 67 LYS A HG2  1 
ATOM   946  H HG3  . LYS A 1 67 ? -4.659  -0.039  7.148   1.00 0.00 ? 67 LYS A HG3  1 
ATOM   947  H HD2  . LYS A 1 67 ? -4.390  1.804   9.557   1.00 0.00 ? 67 LYS A HD2  1 
ATOM   948  H HD3  . LYS A 1 67 ? -5.780  1.797   8.481   1.00 0.00 ? 67 LYS A HD3  1 
ATOM   949  H HE2  . LYS A 1 67 ? -5.369  -0.911  9.160   1.00 0.00 ? 67 LYS A HE2  1 
ATOM   950  H HE3  . LYS A 1 67 ? -5.134  -0.024  10.664  1.00 0.00 ? 67 LYS A HE3  1 
ATOM   951  H HZ1  . LYS A 1 67 ? -7.357  -0.090  10.779  1.00 0.00 ? 67 LYS A HZ1  1 
ATOM   952  H HZ2  . LYS A 1 67 ? -7.543  -0.439  9.119   1.00 0.00 ? 67 LYS A HZ2  1 
ATOM   953  H HZ3  . LYS A 1 67 ? -7.326  1.171   9.632   1.00 0.00 ? 67 LYS A HZ3  1 
ATOM   954  N N    . PRO A 1 68 ? -0.326  0.336   6.161   1.00 0.00 ? 68 PRO A N    1 
ATOM   955  C CA   . PRO A 1 68 ? 0.051   0.474   4.752   1.00 0.00 ? 68 PRO A CA   1 
ATOM   956  C C    . PRO A 1 68 ? -1.198  0.529   3.879   1.00 0.00 ? 68 PRO A C    1 
ATOM   957  O O    . PRO A 1 68 ? -2.000  -0.380  3.869   1.00 0.00 ? 68 PRO A O    1 
ATOM   958  C CB   . PRO A 1 68 ? 0.886   -0.790  4.455   1.00 0.00 ? 68 PRO A CB   1 
ATOM   959  C CG   . PRO A 1 68 ? 1.188   -1.473  5.827   1.00 0.00 ? 68 PRO A CG   1 
ATOM   960  C CD   . PRO A 1 68 ? 0.379   -0.721  6.901   1.00 0.00 ? 68 PRO A CD   1 
ATOM   961  H HA   . PRO A 1 68 ? 0.651   1.402   4.611   1.00 0.00 ? 68 PRO A HA   1 
ATOM   962  H HB2  . PRO A 1 68 ? 0.327   -1.464  3.819   1.00 0.00 ? 68 PRO A HB2  1 
ATOM   963  H HB3  . PRO A 1 68 ? 1.808   -0.518  3.971   1.00 0.00 ? 68 PRO A HB3  1 
ATOM   964  H HG2  . PRO A 1 68 ? 0.887   -2.509  5.796   1.00 0.00 ? 68 PRO A HG2  1 
ATOM   965  H HG3  . PRO A 1 68 ? 2.245   -1.408  6.048   1.00 0.00 ? 68 PRO A HG3  1 
ATOM   966  H HD2  . PRO A 1 68 ? -0.332  -1.383  7.375   1.00 0.00 ? 68 PRO A HD2  1 
ATOM   967  H HD3  . PRO A 1 68 ? 1.039   -0.287  7.639   1.00 0.00 ? 68 PRO A HD3  1 
ATOM   968  N N    . TRP A 1 69 ? -1.328  1.602   3.175   1.00 0.00 ? 69 TRP A N    1 
ATOM   969  C CA   . TRP A 1 69 ? -2.504  1.791   2.283   1.00 0.00 ? 69 TRP A CA   1 
ATOM   970  C C    . TRP A 1 69 ? -2.126  1.567   0.833   1.00 0.00 ? 69 TRP A C    1 
ATOM   971  O O    . TRP A 1 69 ? -1.091  1.001   0.523   1.00 0.00 ? 69 TRP A O    1 
ATOM   972  C CB   . TRP A 1 69 ? -2.942  3.255   2.435   1.00 0.00 ? 69 TRP A CB   1 
ATOM   973  C CG   . TRP A 1 69 ? -1.754  4.145   2.079   1.00 0.00 ? 69 TRP A CG   1 
ATOM   974  C CD1  . TRP A 1 69 ? -0.755  4.420   2.917   1.00 0.00 ? 69 TRP A CD1  1 
ATOM   975  C CD2  . TRP A 1 69 ? -1.542  4.687   0.887   1.00 0.00 ? 69 TRP A CD2  1 
ATOM   976  N NE1  . TRP A 1 69 ? 0.076   5.166   2.171   1.00 0.00 ? 69 TRP A NE1  1 
ATOM   977  C CE2  . TRP A 1 69 ? -0.344  5.371   0.877   1.00 0.00 ? 69 TRP A CE2  1 
ATOM   978  C CE3  . TRP A 1 69 ? -2.307  4.632   -0.279  1.00 0.00 ? 69 TRP A CE3  1 
ATOM   979  C CZ2  . TRP A 1 69 ? 0.097   5.988   -0.276  1.00 0.00 ? 69 TRP A CZ2  1 
ATOM   980  C CZ3  . TRP A 1 69 ? -1.858  5.251   -1.432  1.00 0.00 ? 69 TRP A CZ3  1 
ATOM   981  C CH2  . TRP A 1 69 ? -0.661  5.928   -1.432  1.00 0.00 ? 69 TRP A CH2  1 
ATOM   982  H H    . TRP A 1 69 ? -0.629  2.287   3.209   1.00 0.00 ? 69 TRP A H    1 
ATOM   983  H HA   . TRP A 1 69 ? -3.308  1.114   2.562   1.00 0.00 ? 69 TRP A HA   1 
ATOM   984  H HB2  . TRP A 1 69 ? -3.762  3.471   1.772   1.00 0.00 ? 69 TRP A HB2  1 
ATOM   985  H HB3  . TRP A 1 69 ? -3.241  3.448   3.455   1.00 0.00 ? 69 TRP A HB3  1 
ATOM   986  H HD1  . TRP A 1 69 ? -0.575  3.996   3.909   1.00 0.00 ? 69 TRP A HD1  1 
ATOM   987  H HE1  . TRP A 1 69 ? 0.898   5.570   2.531   1.00 0.00 ? 69 TRP A HE1  1 
ATOM   988  H HE3  . TRP A 1 69 ? -3.272  4.134   -0.277  1.00 0.00 ? 69 TRP A HE3  1 
ATOM   989  H HZ2  . TRP A 1 69 ? 1.034   6.522   -0.274  1.00 0.00 ? 69 TRP A HZ2  1 
ATOM   990  H HZ3  . TRP A 1 69 ? -2.446  5.195   -2.338  1.00 0.00 ? 69 TRP A HZ3  1 
ATOM   991  H HH2  . TRP A 1 69 ? -0.316  6.418   -2.339  1.00 0.00 ? 69 TRP A HH2  1 
ATOM   992  N N    . CYS A 1 70 ? -2.995  1.988   -0.031  1.00 0.00 ? 70 CYS A N    1 
ATOM   993  C CA   . CYS A 1 70 ? -2.731  1.831   -1.475  1.00 0.00 ? 70 CYS A CA   1 
ATOM   994  C C    . CYS A 1 70 ? -3.751  2.613   -2.299  1.00 0.00 ? 70 CYS A C    1 
ATOM   995  O O    . CYS A 1 70 ? -4.824  2.952   -1.821  1.00 0.00 ? 70 CYS A O    1 
ATOM   996  C CB   . CYS A 1 70 ? -2.781  0.354   -1.836  1.00 0.00 ? 70 CYS A CB   1 
ATOM   997  S SG   . CYS A 1 70 ? -4.384  -0.446  -1.937  1.00 0.00 ? 70 CYS A SG   1 
ATOM   998  H H    . CYS A 1 70 ? -3.839  2.390   0.276   1.00 0.00 ? 70 CYS A H    1 
ATOM   999  H HA   . CYS A 1 70 ? -1.742  2.241   -1.685  1.00 0.00 ? 70 CYS A HA   1 
ATOM   1000 H HB2  . CYS A 1 70 ? -2.297  0.231   -2.791  1.00 0.00 ? 70 CYS A HB2  1 
ATOM   1001 H HB3  . CYS A 1 70 ? -2.198  -0.185  -1.110  1.00 0.00 ? 70 CYS A HB3  1 
ATOM   1002 N N    . HIS A 1 71 ? -3.391  2.873   -3.520  1.00 0.00 ? 71 HIS A N    1 
ATOM   1003 C CA   . HIS A 1 71 ? -4.289  3.631   -4.427  1.00 0.00 ? 71 HIS A CA   1 
ATOM   1004 C C    . HIS A 1 71 ? -5.559  2.878   -4.781  1.00 0.00 ? 71 HIS A C    1 
ATOM   1005 O O    . HIS A 1 71 ? -5.619  1.681   -4.710  1.00 0.00 ? 71 HIS A O    1 
ATOM   1006 C CB   . HIS A 1 71 ? -3.564  3.794   -5.756  1.00 0.00 ? 71 HIS A CB   1 
ATOM   1007 C CG   . HIS A 1 71 ? -2.478  4.820   -5.704  1.00 0.00 ? 71 HIS A CG   1 
ATOM   1008 N ND1  . HIS A 1 71 ? -2.667  6.046   -5.751  1.00 0.00 ? 71 HIS A ND1  1 
ATOM   1009 C CD2  . HIS A 1 71 ? -1.130  4.646   -5.796  1.00 0.00 ? 71 HIS A CD2  1 
ATOM   1010 C CE1  . HIS A 1 71 ? -1.580  6.663   -5.886  1.00 0.00 ? 71 HIS A CE1  1 
ATOM   1011 N NE2  . HIS A 1 71 ? -0.533  5.853   -5.916  1.00 0.00 ? 71 HIS A NE2  1 
ATOM   1012 H H    . HIS A 1 71 ? -2.515  2.578   -3.842  1.00 0.00 ? 71 HIS A H    1 
ATOM   1013 H HA   . HIS A 1 71 ? -4.534  4.593   -3.996  1.00 0.00 ? 71 HIS A HA   1 
ATOM   1014 H HB2  . HIS A 1 71 ? -3.136  2.847   -6.049  1.00 0.00 ? 71 HIS A HB2  1 
ATOM   1015 H HB3  . HIS A 1 71 ? -4.259  4.097   -6.492  1.00 0.00 ? 71 HIS A HB3  1 
ATOM   1016 H HD1  . HIS A 1 71 ? -3.543  6.484   -5.635  1.00 0.00 ? 71 HIS A HD1  1 
ATOM   1017 H HD2  . HIS A 1 71 ? -0.634  3.698   -5.817  1.00 0.00 ? 71 HIS A HD2  1 
ATOM   1018 H HE1  . HIS A 1 71 ? -1.525  7.700   -6.055  1.00 0.00 ? 71 HIS A HE1  1 
ATOM   1019 N N    . VAL A 1 72 ? -6.553  3.626   -5.164  1.00 0.00 ? 72 VAL A N    1 
ATOM   1020 C CA   . VAL A 1 72 ? -7.849  3.004   -5.550  1.00 0.00 ? 72 VAL A CA   1 
ATOM   1021 C C    . VAL A 1 72 ? -8.515  3.846   -6.619  1.00 0.00 ? 72 VAL A C    1 
ATOM   1022 O O    . VAL A 1 72 ? -8.357  5.050   -6.653  1.00 0.00 ? 72 VAL A O    1 
ATOM   1023 C CB   . VAL A 1 72 ? -8.795  2.906   -4.346  1.00 0.00 ? 72 VAL A CB   1 
ATOM   1024 C CG1  . VAL A 1 72 ? -8.304  1.810   -3.416  1.00 0.00 ? 72 VAL A CG1  1 
ATOM   1025 C CG2  . VAL A 1 72 ? -8.835  4.234   -3.592  1.00 0.00 ? 72 VAL A CG2  1 
ATOM   1026 H H    . VAL A 1 72 ? -6.455  4.603   -5.169  1.00 0.00 ? 72 VAL A H    1 
ATOM   1027 H HA   . VAL A 1 72 ? -7.650  2.015   -5.965  1.00 0.00 ? 72 VAL A HA   1 
ATOM   1028 H HB   . VAL A 1 72 ? -9.787  2.662   -4.698  1.00 0.00 ? 72 VAL A HB   1 
ATOM   1029 H HG11 . VAL A 1 72 ? -7.287  2.014   -3.119  1.00 0.00 ? 72 VAL A HG11 1 
ATOM   1030 H HG12 . VAL A 1 72 ? -8.341  0.857   -3.922  1.00 0.00 ? 72 VAL A HG12 1 
ATOM   1031 H HG13 . VAL A 1 72 ? -8.932  1.772   -2.538  1.00 0.00 ? 72 VAL A HG13 1 
ATOM   1032 H HG21 . VAL A 1 72 ? -9.854  4.469   -3.321  1.00 0.00 ? 72 VAL A HG21 1 
ATOM   1033 H HG22 . VAL A 1 72 ? -8.449  5.016   -4.219  1.00 0.00 ? 72 VAL A HG22 1 
ATOM   1034 H HG23 . VAL A 1 72 ? -8.236  4.168   -2.697  1.00 0.00 ? 72 VAL A HG23 1 
ATOM   1035 N N    . LEU A 1 73 ? -9.225  3.200   -7.482  1.00 0.00 ? 73 LEU A N    1 
ATOM   1036 C CA   . LEU A 1 73 ? -9.917  3.945   -8.569  1.00 0.00 ? 73 LEU A CA   1 
ATOM   1037 C C    . LEU A 1 73 ? -11.390 4.177   -8.227  1.00 0.00 ? 73 LEU A C    1 
ATOM   1038 O O    . LEU A 1 73 ? -12.132 3.245   -7.978  1.00 0.00 ? 73 LEU A O    1 
ATOM   1039 C CB   . LEU A 1 73 ? -9.829  3.110   -9.855  1.00 0.00 ? 73 LEU A CB   1 
ATOM   1040 C CG   . LEU A 1 73 ? -9.910  4.043   -11.068 1.00 0.00 ? 73 LEU A CG   1 
ATOM   1041 C CD1  . LEU A 1 73 ? -8.594  3.969   -11.849 1.00 0.00 ? 73 LEU A CD1  1 
ATOM   1042 C CD2  . LEU A 1 73 ? -11.057 3.591   -11.973 1.00 0.00 ? 73 LEU A CD2  1 
ATOM   1043 H H    . LEU A 1 73 ? -9.297  2.229   -7.420  1.00 0.00 ? 73 LEU A H    1 
ATOM   1044 H HA   . LEU A 1 73 ? -9.430  4.910   -8.702  1.00 0.00 ? 73 LEU A HA   1 
ATOM   1045 H HB2  . LEU A 1 73 ? -8.893  2.569   -9.872  1.00 0.00 ? 73 LEU A HB2  1 
ATOM   1046 H HB3  . LEU A 1 73 ? -10.645 2.402   -9.884  1.00 0.00 ? 73 LEU A HB3  1 
ATOM   1047 H HG   . LEU A 1 73 ? -10.084 5.061   -10.740 1.00 0.00 ? 73 LEU A HG   1 
ATOM   1048 H HD11 . LEU A 1 73 ? -7.764  4.162   -11.185 1.00 0.00 ? 73 LEU A HD11 1 
ATOM   1049 H HD12 . LEU A 1 73 ? -8.596  4.708   -12.639 1.00 0.00 ? 73 LEU A HD12 1 
ATOM   1050 H HD13 . LEU A 1 73 ? -8.481  2.987   -12.283 1.00 0.00 ? 73 LEU A HD13 1 
ATOM   1051 H HD21 . LEU A 1 73 ? -11.015 2.519   -12.108 1.00 0.00 ? 73 LEU A HD21 1 
ATOM   1052 H HD22 . LEU A 1 73 ? -10.975 4.074   -12.934 1.00 0.00 ? 73 LEU A HD22 1 
ATOM   1053 H HD23 . LEU A 1 73 ? -12.002 3.856   -11.522 1.00 0.00 ? 73 LEU A HD23 1 
ATOM   1054 N N    . LYS A 1 74 ? -11.780 5.421   -8.207  1.00 0.00 ? 74 LYS A N    1 
ATOM   1055 C CA   . LYS A 1 74 ? -13.196 5.747   -7.885  1.00 0.00 ? 74 LYS A CA   1 
ATOM   1056 C C    . LYS A 1 74 ? -13.956 6.221   -9.136  1.00 0.00 ? 74 LYS A C    1 
ATOM   1057 O O    . LYS A 1 74 ? -13.444 6.165   -10.238 1.00 0.00 ? 74 LYS A O    1 
ATOM   1058 C CB   . LYS A 1 74 ? -13.199 6.872   -6.830  1.00 0.00 ? 74 LYS A CB   1 
ATOM   1059 C CG   . LYS A 1 74 ? -14.140 6.484   -5.674  1.00 0.00 ? 74 LYS A CG   1 
ATOM   1060 C CD   . LYS A 1 74 ? -13.357 6.501   -4.347  1.00 0.00 ? 74 LYS A CD   1 
ATOM   1061 C CE   . LYS A 1 74 ? -13.720 5.263   -3.522  1.00 0.00 ? 74 LYS A CE   1 
ATOM   1062 N NZ   . LYS A 1 74 ? -15.097 5.403   -2.960  1.00 0.00 ? 74 LYS A NZ   1 
ATOM   1063 H H    . LYS A 1 74 ? -11.141 6.137   -8.395  1.00 0.00 ? 74 LYS A H    1 
ATOM   1064 H HA   . LYS A 1 74 ? -13.683 4.854   -7.501  1.00 0.00 ? 74 LYS A HA   1 
ATOM   1065 H HB2  . LYS A 1 74 ? -12.195 7.016   -6.453  1.00 0.00 ? 74 LYS A HB2  1 
ATOM   1066 H HB3  . LYS A 1 74 ? -13.541 7.793   -7.282  1.00 0.00 ? 74 LYS A HB3  1 
ATOM   1067 H HG2  . LYS A 1 74 ? -14.957 7.190   -5.621  1.00 0.00 ? 74 LYS A HG2  1 
ATOM   1068 H HG3  . LYS A 1 74 ? -14.540 5.494   -5.847  1.00 0.00 ? 74 LYS A HG3  1 
ATOM   1069 H HD2  . LYS A 1 74 ? -12.295 6.498   -4.549  1.00 0.00 ? 74 LYS A HD2  1 
ATOM   1070 H HD3  . LYS A 1 74 ? -13.607 7.393   -3.790  1.00 0.00 ? 74 LYS A HD3  1 
ATOM   1071 H HE2  . LYS A 1 74 ? -13.677 4.381   -4.151  1.00 0.00 ? 74 LYS A HE2  1 
ATOM   1072 H HE3  . LYS A 1 74 ? -13.014 5.150   -2.709  1.00 0.00 ? 74 LYS A HE3  1 
ATOM   1073 H HZ1  . LYS A 1 74 ? -15.454 4.467   -2.670  1.00 0.00 ? 74 LYS A HZ1  1 
ATOM   1074 H HZ2  . LYS A 1 74 ? -15.727 5.803   -3.685  1.00 0.00 ? 74 LYS A HZ2  1 
ATOM   1075 H HZ3  . LYS A 1 74 ? -15.072 6.034   -2.134  1.00 0.00 ? 74 LYS A HZ3  1 
ATOM   1076 N N    . ASN A 1 75 ? -15.163 6.681   -8.934  1.00 0.00 ? 75 ASN A N    1 
ATOM   1077 C CA   . ASN A 1 75 ? -15.980 7.164   -10.088 1.00 0.00 ? 75 ASN A CA   1 
ATOM   1078 C C    . ASN A 1 75 ? -15.231 8.208   -10.928 1.00 0.00 ? 75 ASN A C    1 
ATOM   1079 O O    . ASN A 1 75 ? -15.244 9.384   -10.621 1.00 0.00 ? 75 ASN A O    1 
ATOM   1080 C CB   . ASN A 1 75 ? -17.270 7.800   -9.534  1.00 0.00 ? 75 ASN A CB   1 
ATOM   1081 C CG   . ASN A 1 75 ? -17.997 6.789   -8.650  1.00 0.00 ? 75 ASN A CG   1 
ATOM   1082 O OD1  . ASN A 1 75 ? -17.517 6.402   -7.604  1.00 0.00 ? 75 ASN A OD1  1 
ATOM   1083 N ND2  . ASN A 1 75 ? -19.149 6.331   -9.026  1.00 0.00 ? 75 ASN A ND2  1 
ATOM   1084 H H    . ASN A 1 75 ? -15.532 6.709   -8.026  1.00 0.00 ? 75 ASN A H    1 
ATOM   1085 H HA   . ASN A 1 75 ? -16.220 6.313   -10.724 1.00 0.00 ? 75 ASN A HA   1 
ATOM   1086 H HB2  . ASN A 1 75 ? -17.023 8.670   -8.946  1.00 0.00 ? 75 ASN A HB2  1 
ATOM   1087 H HB3  . ASN A 1 75 ? -17.914 8.091   -10.350 1.00 0.00 ? 75 ASN A HB3  1 
ATOM   1088 H HD21 . ASN A 1 75 ? -19.543 6.631   -9.867  1.00 0.00 ? 75 ASN A HD21 1 
ATOM   1089 H HD22 . ASN A 1 75 ? -19.622 5.684   -8.464  1.00 0.00 ? 75 ASN A HD22 1 
ATOM   1090 N N    . ARG A 1 76 ? -14.585 7.745   -11.972 1.00 0.00 ? 76 ARG A N    1 
ATOM   1091 C CA   . ARG A 1 76 ? -13.819 8.675   -12.865 1.00 0.00 ? 76 ARG A CA   1 
ATOM   1092 C C    . ARG A 1 76 ? -12.793 9.517   -12.093 1.00 0.00 ? 76 ARG A C    1 
ATOM   1093 O O    . ARG A 1 76 ? -12.304 10.514  -12.594 1.00 0.00 ? 76 ARG A O    1 
ATOM   1094 C CB   . ARG A 1 76 ? -14.828 9.614   -13.554 1.00 0.00 ? 76 ARG A CB   1 
ATOM   1095 C CG   . ARG A 1 76 ? -14.650 9.514   -15.073 1.00 0.00 ? 76 ARG A CG   1 
ATOM   1096 C CD   . ARG A 1 76 ? -15.795 10.252  -15.763 1.00 0.00 ? 76 ARG A CD   1 
ATOM   1097 N NE   . ARG A 1 76 ? -15.692 11.706  -15.431 1.00 0.00 ? 76 ARG A NE   1 
ATOM   1098 C CZ   . ARG A 1 76 ? -15.837 12.583  -16.360 1.00 0.00 ? 76 ARG A CZ   1 
ATOM   1099 N NH1  . ARG A 1 76 ? -17.019 12.978  -16.657 1.00 0.00 ? 76 ARG A NH1  1 
ATOM   1100 N NH2  . ARG A 1 76 ? -14.793 13.027  -16.955 1.00 0.00 ? 76 ARG A NH2  1 
ATOM   1101 H H    . ARG A 1 76 ? -14.591 6.782   -12.158 1.00 0.00 ? 76 ARG A H    1 
ATOM   1102 H HA   . ARG A 1 76 ? -13.287 8.081   -13.609 1.00 0.00 ? 76 ARG A HA   1 
ATOM   1103 H HB2  . ARG A 1 76 ? -15.834 9.326   -13.286 1.00 0.00 ? 76 ARG A HB2  1 
ATOM   1104 H HB3  . ARG A 1 76 ? -14.657 10.632  -13.234 1.00 0.00 ? 76 ARG A HB3  1 
ATOM   1105 H HG2  . ARG A 1 76 ? -13.708 9.960   -15.357 1.00 0.00 ? 76 ARG A HG2  1 
ATOM   1106 H HG3  . ARG A 1 76 ? -14.654 8.475   -15.372 1.00 0.00 ? 76 ARG A HG3  1 
ATOM   1107 H HD2  . ARG A 1 76 ? -15.725 10.119  -16.836 1.00 0.00 ? 76 ARG A HD2  1 
ATOM   1108 H HD3  . ARG A 1 76 ? -16.745 9.868   -15.415 1.00 0.00 ? 76 ARG A HD3  1 
ATOM   1109 H HE   . ARG A 1 76 ? -15.510 11.991  -14.512 1.00 0.00 ? 76 ARG A HE   1 
ATOM   1110 H HH11 . ARG A 1 76 ? -17.803 12.602  -16.168 1.00 0.00 ? 76 ARG A HH11 1 
ATOM   1111 H HH12 . ARG A 1 76 ? -17.156 13.657  -17.373 1.00 0.00 ? 76 ARG A HH12 1 
ATOM   1112 H HH21 . ARG A 1 76 ? -13.893 12.686  -16.690 1.00 0.00 ? 76 ARG A HH21 1 
ATOM   1113 H HH22 . ARG A 1 76 ? -14.880 13.707  -17.676 1.00 0.00 ? 76 ARG A HH22 1 
ATOM   1114 N N    . ARG A 1 77 ? -12.480 9.096   -10.896 1.00 0.00 ? 77 ARG A N    1 
ATOM   1115 C CA   . ARG A 1 77 ? -11.493 9.852   -10.080 1.00 0.00 ? 77 ARG A CA   1 
ATOM   1116 C C    . ARG A 1 77 ? -10.540 8.898   -9.360  1.00 0.00 ? 77 ARG A C    1 
ATOM   1117 O O    . ARG A 1 77 ? -10.880 7.761   -9.101  1.00 0.00 ? 77 ARG A O    1 
ATOM   1118 C CB   . ARG A 1 77 ? -12.265 10.664  -9.030  1.00 0.00 ? 77 ARG A CB   1 
ATOM   1119 C CG   . ARG A 1 77 ? -11.283 11.573  -8.273  1.00 0.00 ? 77 ARG A CG   1 
ATOM   1120 C CD   . ARG A 1 77 ? -11.986 12.204  -7.072  1.00 0.00 ? 77 ARG A CD   1 
ATOM   1121 N NE   . ARG A 1 77 ? -11.151 11.957  -5.848  1.00 0.00 ? 77 ARG A NE   1 
ATOM   1122 C CZ   . ARG A 1 77 ? -11.479 12.501  -4.715  1.00 0.00 ? 77 ARG A CZ   1 
ATOM   1123 N NH1  . ARG A 1 77 ? -12.407 13.397  -4.686  1.00 0.00 ? 77 ARG A NH1  1 
ATOM   1124 N NH2  . ARG A 1 77 ? -10.862 12.119  -3.653  1.00 0.00 ? 77 ARG A NH2  1 
ATOM   1125 H H    . ARG A 1 77 ? -12.896 8.286   -10.534 1.00 0.00 ? 77 ARG A H    1 
ATOM   1126 H HA   . ARG A 1 77 ? -10.914 10.507  -10.732 1.00 0.00 ? 77 ARG A HA   1 
ATOM   1127 H HB2  . ARG A 1 77 ? -13.016 11.267  -9.518  1.00 0.00 ? 77 ARG A HB2  1 
ATOM   1128 H HB3  . ARG A 1 77 ? -12.748 9.987   -8.340  1.00 0.00 ? 77 ARG A HB3  1 
ATOM   1129 H HG2  . ARG A 1 77 ? -10.441 10.992  -7.929  1.00 0.00 ? 77 ARG A HG2  1 
ATOM   1130 H HG3  . ARG A 1 77 ? -10.927 12.350  -8.934  1.00 0.00 ? 77 ARG A HG3  1 
ATOM   1131 H HD2  . ARG A 1 77 ? -12.092 13.270  -7.231  1.00 0.00 ? 77 ARG A HD2  1 
ATOM   1132 H HD3  . ARG A 1 77 ? -12.966 11.760  -6.940  1.00 0.00 ? 77 ARG A HD3  1 
ATOM   1133 H HE   . ARG A 1 77 ? -10.351 11.380  -5.906  1.00 0.00 ? 77 ARG A HE   1 
ATOM   1134 H HH11 . ARG A 1 77 ? -12.866 13.664  -5.530  1.00 0.00 ? 77 ARG A HH11 1 
ATOM   1135 H HH12 . ARG A 1 77 ? -12.667 13.822  -3.822  1.00 0.00 ? 77 ARG A HH12 1 
ATOM   1136 H HH21 . ARG A 1 77 ? -10.150 11.419  -3.712  1.00 0.00 ? 77 ARG A HH21 1 
ATOM   1137 H HH22 . ARG A 1 77 ? -11.094 12.517  -2.772  1.00 0.00 ? 77 ARG A HH22 1 
ATOM   1138 N N    . LEU A 1 78 ? -9.356  9.378   -9.064  1.00 0.00 ? 78 LEU A N    1 
ATOM   1139 C CA   . LEU A 1 78 ? -8.359  8.518   -8.358  1.00 0.00 ? 78 LEU A CA   1 
ATOM   1140 C C    . LEU A 1 78 ? -8.480  8.690   -6.832  1.00 0.00 ? 78 LEU A C    1 
ATOM   1141 O O    . LEU A 1 78 ? -9.005  9.691   -6.354  1.00 0.00 ? 78 LEU A O    1 
ATOM   1142 C CB   . LEU A 1 78 ? -6.949  8.962   -8.809  1.00 0.00 ? 78 LEU A CB   1 
ATOM   1143 C CG   . LEU A 1 78 ? -5.917  7.877   -8.441  1.00 0.00 ? 78 LEU A CG   1 
ATOM   1144 C CD1  . LEU A 1 78 ? -5.583  7.054   -9.687  1.00 0.00 ? 78 LEU A CD1  1 
ATOM   1145 C CD2  . LEU A 1 78 ? -4.635  8.541   -7.918  1.00 0.00 ? 78 LEU A CD2  1 
ATOM   1146 H H    . LEU A 1 78 ? -9.126  10.296  -9.308  1.00 0.00 ? 78 LEU A H    1 
ATOM   1147 H HA   . LEU A 1 78 ? -8.540  7.475   -8.615  1.00 0.00 ? 78 LEU A HA   1 
ATOM   1148 H HB2  . LEU A 1 78 ? -6.945  9.116   -9.878  1.00 0.00 ? 78 LEU A HB2  1 
ATOM   1149 H HB3  . LEU A 1 78 ? -6.690  9.891   -8.320  1.00 0.00 ? 78 LEU A HB3  1 
ATOM   1150 H HG   . LEU A 1 78 ? -6.321  7.231   -7.682  1.00 0.00 ? 78 LEU A HG   1 
ATOM   1151 H HD11 . LEU A 1 78 ? -4.718  6.436   -9.496  1.00 0.00 ? 78 LEU A HD11 1 
ATOM   1152 H HD12 . LEU A 1 78 ? -5.374  7.711   -10.517 1.00 0.00 ? 78 LEU A HD12 1 
ATOM   1153 H HD13 . LEU A 1 78 ? -6.422  6.421   -9.939  1.00 0.00 ? 78 LEU A HD13 1 
ATOM   1154 H HD21 . LEU A 1 78 ? -4.705  9.613   -8.020  1.00 0.00 ? 78 LEU A HD21 1 
ATOM   1155 H HD22 . LEU A 1 78 ? -3.783  8.183   -8.471  1.00 0.00 ? 78 LEU A HD22 1 
ATOM   1156 H HD23 . LEU A 1 78 ? -4.503  8.296   -6.877  1.00 0.00 ? 78 LEU A HD23 1 
ATOM   1157 N N    . THR A 1 79 ? -8.007  7.705   -6.102  1.00 0.00 ? 79 THR A N    1 
ATOM   1158 C CA   . THR A 1 79 ? -8.079  7.778   -4.611  1.00 0.00 ? 79 THR A CA   1 
ATOM   1159 C C    . THR A 1 79 ? -7.029  6.863   -3.959  1.00 0.00 ? 79 THR A C    1 
ATOM   1160 O O    . THR A 1 79 ? -6.111  6.395   -4.614  1.00 0.00 ? 79 THR A O    1 
ATOM   1161 C CB   . THR A 1 79 ? -9.486  7.314   -4.170  1.00 0.00 ? 79 THR A CB   1 
ATOM   1162 O OG1  . THR A 1 79 ? -10.022 6.598   -5.270  1.00 0.00 ? 79 THR A OG1  1 
ATOM   1163 C CG2  . THR A 1 79 ? -10.432 8.508   -4.012  1.00 0.00 ? 79 THR A CG2  1 
ATOM   1164 H H    . THR A 1 79 ? -7.616  6.918   -6.533  1.00 0.00 ? 79 THR A H    1 
ATOM   1165 H HA   . THR A 1 79 ? -7.892  8.801   -4.297  1.00 0.00 ? 79 THR A HA   1 
ATOM   1166 H HB   . THR A 1 79 ? -9.450  6.688   -3.282  1.00 0.00 ? 79 THR A HB   1 
ATOM   1167 H HG1  . THR A 1 79 ? -9.282  6.212   -5.761  1.00 0.00 ? 79 THR A HG1  1 
ATOM   1168 H HG21 . THR A 1 79 ? -11.326 8.196   -3.494  1.00 0.00 ? 79 THR A HG21 1 
ATOM   1169 H HG22 . THR A 1 79 ? -10.699 8.892   -4.985  1.00 0.00 ? 79 THR A HG22 1 
ATOM   1170 H HG23 . THR A 1 79 ? -9.946  9.285   -3.442  1.00 0.00 ? 79 THR A HG23 1 
ATOM   1171 N N    . TRP A 1 80 ? -7.195  6.633   -2.677  1.00 0.00 ? 80 TRP A N    1 
ATOM   1172 C CA   . TRP A 1 80 ? -6.241  5.756   -1.918  1.00 0.00 ? 80 TRP A CA   1 
ATOM   1173 C C    . TRP A 1 80 ? -6.747  5.568   -0.486  1.00 0.00 ? 80 TRP A C    1 
ATOM   1174 O O    . TRP A 1 80 ? -7.040  6.536   0.187   1.00 0.00 ? 80 TRP A O    1 
ATOM   1175 C CB   . TRP A 1 80 ? -4.869  6.448   -1.873  1.00 0.00 ? 80 TRP A CB   1 
ATOM   1176 C CG   . TRP A 1 80 ? -4.946  7.730   -1.028  1.00 0.00 ? 80 TRP A CG   1 
ATOM   1177 C CD1  . TRP A 1 80 ? -5.301  8.933   -1.490  1.00 0.00 ? 80 TRP A CD1  1 
ATOM   1178 C CD2  . TRP A 1 80 ? -4.626  7.801   0.245   1.00 0.00 ? 80 TRP A CD2  1 
ATOM   1179 N NE1  . TRP A 1 80 ? -5.166  9.732   -0.413  1.00 0.00 ? 80 TRP A NE1  1 
ATOM   1180 C CE2  . TRP A 1 80 ? -4.744  9.091   0.709   1.00 0.00 ? 80 TRP A CE2  1 
ATOM   1181 C CE3  . TRP A 1 80 ? -4.216  6.801   1.105   1.00 0.00 ? 80 TRP A CE3  1 
ATOM   1182 C CZ2  . TRP A 1 80 ? -4.455  9.398   2.004   1.00 0.00 ? 80 TRP A CZ2  1 
ATOM   1183 C CZ3  . TRP A 1 80 ? -3.920  7.105   2.422   1.00 0.00 ? 80 TRP A CZ3  1 
ATOM   1184 C CH2  . TRP A 1 80 ? -4.040  8.406   2.874   1.00 0.00 ? 80 TRP A CH2  1 
ATOM   1185 H H    . TRP A 1 80 ? -7.952  7.043   -2.207  1.00 0.00 ? 80 TRP A H    1 
ATOM   1186 H HA   . TRP A 1 80 ? -6.171  4.782   -2.406  1.00 0.00 ? 80 TRP A HA   1 
ATOM   1187 H HB2  . TRP A 1 80 ? -4.150  5.783   -1.434  1.00 0.00 ? 80 TRP A HB2  1 
ATOM   1188 H HB3  . TRP A 1 80 ? -4.557  6.696   -2.871  1.00 0.00 ? 80 TRP A HB3  1 
ATOM   1189 H HD1  . TRP A 1 80 ? -5.636  9.197   -2.485  1.00 0.00 ? 80 TRP A HD1  1 
ATOM   1190 H HE1  . TRP A 1 80 ? -5.366  10.687  -0.423  1.00 0.00 ? 80 TRP A HE1  1 
ATOM   1191 H HE3  . TRP A 1 80 ? -4.156  5.780   0.756   1.00 0.00 ? 80 TRP A HE3  1 
ATOM   1192 H HZ2  . TRP A 1 80 ? -4.553  10.414  2.341   1.00 0.00 ? 80 TRP A HZ2  1 
ATOM   1193 H HZ3  . TRP A 1 80 ? -3.600  6.323   3.099   1.00 0.00 ? 80 TRP A HZ3  1 
ATOM   1194 H HH2  . TRP A 1 80 ? -3.812  8.646   3.905   1.00 0.00 ? 80 TRP A HH2  1 
ATOM   1195 N N    . GLU A 1 81 ? -6.846  4.334   -0.030  1.00 0.00 ? 81 GLU A N    1 
ATOM   1196 C CA   . GLU A 1 81 ? -7.341  4.140   1.363   1.00 0.00 ? 81 GLU A CA   1 
ATOM   1197 C C    . GLU A 1 81 ? -6.490  3.147   2.139   1.00 0.00 ? 81 GLU A C    1 
ATOM   1198 O O    . GLU A 1 81 ? -5.649  2.454   1.577   1.00 0.00 ? 81 GLU A O    1 
ATOM   1199 C CB   . GLU A 1 81 ? -8.780  3.595   1.279   1.00 0.00 ? 81 GLU A CB   1 
ATOM   1200 C CG   . GLU A 1 81 ? -9.787  4.717   1.653   1.00 0.00 ? 81 GLU A CG   1 
ATOM   1201 C CD   . GLU A 1 81 ? -10.185 5.551   0.404   1.00 0.00 ? 81 GLU A CD   1 
ATOM   1202 O OE1  . GLU A 1 81 ? -9.565  5.340   -0.628  1.00 0.00 ? 81 GLU A OE1  1 
ATOM   1203 O OE2  . GLU A 1 81 ? -11.089 6.362   0.562   1.00 0.00 ? 81 GLU A OE2  1 
ATOM   1204 H H    . GLU A 1 81 ? -6.601  3.547   -0.600  1.00 0.00 ? 81 GLU A H    1 
ATOM   1205 H HA   . GLU A 1 81 ? -7.324  5.096   1.881   1.00 0.00 ? 81 GLU A HA   1 
ATOM   1206 H HB2  . GLU A 1 81 ? -8.978  3.250   0.273   1.00 0.00 ? 81 GLU A HB2  1 
ATOM   1207 H HB3  . GLU A 1 81 ? -8.895  2.765   1.962   1.00 0.00 ? 81 GLU A HB3  1 
ATOM   1208 H HG2  . GLU A 1 81 ? -10.677 4.275   2.072   1.00 0.00 ? 81 GLU A HG2  1 
ATOM   1209 H HG3  . GLU A 1 81 ? -9.344  5.374   2.386   1.00 0.00 ? 81 GLU A HG3  1 
ATOM   1210 N N    . TYR A 1 82 ? -6.705  3.114   3.431   1.00 0.00 ? 82 TYR A N    1 
ATOM   1211 C CA   . TYR A 1 82 ? -5.928  2.177   4.266   1.00 0.00 ? 82 TYR A CA   1 
ATOM   1212 C C    . TYR A 1 82 ? -6.144  0.776   3.743   1.00 0.00 ? 82 TYR A C    1 
ATOM   1213 O O    . TYR A 1 82 ? -7.247  0.412   3.419   1.00 0.00 ? 82 TYR A O    1 
ATOM   1214 C CB   . TYR A 1 82 ? -6.451  2.256   5.711   1.00 0.00 ? 82 TYR A CB   1 
ATOM   1215 C CG   . TYR A 1 82 ? -5.968  3.559   6.359   1.00 0.00 ? 82 TYR A CG   1 
ATOM   1216 C CD1  . TYR A 1 82 ? -4.625  3.889   6.362   1.00 0.00 ? 82 TYR A CD1  1 
ATOM   1217 C CD2  . TYR A 1 82 ? -6.867  4.419   6.951   1.00 0.00 ? 82 TYR A CD2  1 
ATOM   1218 C CE1  . TYR A 1 82 ? -4.195  5.061   6.949   1.00 0.00 ? 82 TYR A CE1  1 
ATOM   1219 C CE2  . TYR A 1 82 ? -6.432  5.592   7.538   1.00 0.00 ? 82 TYR A CE2  1 
ATOM   1220 C CZ   . TYR A 1 82 ? -5.096  5.918   7.541   1.00 0.00 ? 82 TYR A CZ   1 
ATOM   1221 O OH   . TYR A 1 82 ? -4.670  7.083   8.132   1.00 0.00 ? 82 TYR A OH   1 
ATOM   1222 H H    . TYR A 1 82 ? -7.377  3.704   3.838   1.00 0.00 ? 82 TYR A H    1 
ATOM   1223 H HA   . TYR A 1 82 ? -4.873  2.427   4.208   1.00 0.00 ? 82 TYR A HA   1 
ATOM   1224 H HB2  . TYR A 1 82 ? -7.532  2.236   5.710   1.00 0.00 ? 82 TYR A HB2  1 
ATOM   1225 H HB3  . TYR A 1 82 ? -6.079  1.417   6.279   1.00 0.00 ? 82 TYR A HB3  1 
ATOM   1226 H HD1  . TYR A 1 82 ? -3.907  3.228   5.901   1.00 0.00 ? 82 TYR A HD1  1 
ATOM   1227 H HD2  . TYR A 1 82 ? -7.921  4.176   6.954   1.00 0.00 ? 82 TYR A HD2  1 
ATOM   1228 H HE1  . TYR A 1 82 ? -3.146  5.311   6.939   1.00 0.00 ? 82 TYR A HE1  1 
ATOM   1229 H HE2  . TYR A 1 82 ? -7.145  6.262   7.995   1.00 0.00 ? 82 TYR A HE2  1 
ATOM   1230 H HH   . TYR A 1 82 ? -3.917  7.415   7.626   1.00 0.00 ? 82 TYR A HH   1 
ATOM   1231 N N    . CYS A 1 83 ? -5.107  0.013   3.654   1.00 0.00 ? 83 CYS A N    1 
ATOM   1232 C CA   . CYS A 1 83 ? -5.295  -1.356  3.144   1.00 0.00 ? 83 CYS A CA   1 
ATOM   1233 C C    . CYS A 1 83 ? -5.925  -2.208  4.231   1.00 0.00 ? 83 CYS A C    1 
ATOM   1234 O O    . CYS A 1 83 ? -5.801  -1.897  5.403   1.00 0.00 ? 83 CYS A O    1 
ATOM   1235 C CB   . CYS A 1 83 ? -3.916  -1.917  2.778   1.00 0.00 ? 83 CYS A CB   1 
ATOM   1236 S SG   . CYS A 1 83 ? -3.818  -3.294  1.626   1.00 0.00 ? 83 CYS A SG   1 
ATOM   1237 H H    . CYS A 1 83 ? -4.223  0.330   3.933   1.00 0.00 ? 83 CYS A H    1 
ATOM   1238 H HA   . CYS A 1 83 ? -5.950  -1.321  2.293   1.00 0.00 ? 83 CYS A HA   1 
ATOM   1239 H HB2  . CYS A 1 83 ? -3.325  -1.115  2.376   1.00 0.00 ? 83 CYS A HB2  1 
ATOM   1240 H HB3  . CYS A 1 83 ? -3.451  -2.246  3.684   1.00 0.00 ? 83 CYS A HB3  1 
ATOM   1241 N N    . ASP A 1 84 ? -6.579  -3.266  3.852   1.00 0.00 ? 84 ASP A N    1 
ATOM   1242 C CA   . ASP A 1 84 ? -7.208  -4.118  4.894   1.00 0.00 ? 84 ASP A CA   1 
ATOM   1243 C C    . ASP A 1 84 ? -6.158  -5.003  5.569   1.00 0.00 ? 84 ASP A C    1 
ATOM   1244 O O    . ASP A 1 84 ? -6.149  -6.207  5.420   1.00 0.00 ? 84 ASP A O    1 
ATOM   1245 C CB   . ASP A 1 84 ? -8.281  -5.002  4.235   1.00 0.00 ? 84 ASP A CB   1 
ATOM   1246 C CG   . ASP A 1 84 ? -9.317  -5.407  5.289   1.00 0.00 ? 84 ASP A CG   1 
ATOM   1247 O OD1  . ASP A 1 84 ? -8.920  -6.124  6.196   1.00 0.00 ? 84 ASP A OD1  1 
ATOM   1248 O OD2  . ASP A 1 84 ? -10.441 -4.968  5.133   1.00 0.00 ? 84 ASP A OD2  1 
ATOM   1249 H H    . ASP A 1 84 ? -6.652  -3.500  2.900   1.00 0.00 ? 84 ASP A H    1 
ATOM   1250 H HA   . ASP A 1 84 ? -7.654  -3.471  5.650   1.00 0.00 ? 84 ASP A HA   1 
ATOM   1251 H HB2  . ASP A 1 84 ? -8.772  -4.457  3.443   1.00 0.00 ? 84 ASP A HB2  1 
ATOM   1252 H HB3  . ASP A 1 84 ? -7.827  -5.892  3.827   1.00 0.00 ? 84 ASP A HB3  1 
ATOM   1253 N N    . VAL A 1 85 ? -5.279  -4.372  6.297   1.00 0.00 ? 85 VAL A N    1 
ATOM   1254 C CA   . VAL A 1 85 ? -4.213  -5.140  7.000   1.00 0.00 ? 85 VAL A CA   1 
ATOM   1255 C C    . VAL A 1 85 ? -4.625  -5.401  8.462   1.00 0.00 ? 85 VAL A C    1 
ATOM   1256 O O    . VAL A 1 85 ? -4.605  -4.503  9.288   1.00 0.00 ? 85 VAL A O    1 
ATOM   1257 C CB   . VAL A 1 85 ? -2.919  -4.296  6.977   1.00 0.00 ? 85 VAL A CB   1 
ATOM   1258 C CG1  . VAL A 1 85 ? -1.725  -5.194  7.313   1.00 0.00 ? 85 VAL A CG1  1 
ATOM   1259 C CG2  . VAL A 1 85 ? -2.720  -3.704  5.573   1.00 0.00 ? 85 VAL A CG2  1 
ATOM   1260 H H    . VAL A 1 85 ? -5.317  -3.393  6.378   1.00 0.00 ? 85 VAL A H    1 
ATOM   1261 H HA   . VAL A 1 85 ? -4.065  -6.090  6.490   1.00 0.00 ? 85 VAL A HA   1 
ATOM   1262 H HB   . VAL A 1 85 ? -2.991  -3.496  7.702   1.00 0.00 ? 85 VAL A HB   1 
ATOM   1263 H HG11 . VAL A 1 85 ? -0.802  -4.669  7.105   1.00 0.00 ? 85 VAL A HG11 1 
ATOM   1264 H HG12 . VAL A 1 85 ? -1.764  -6.096  6.715   1.00 0.00 ? 85 VAL A HG12 1 
ATOM   1265 H HG13 . VAL A 1 85 ? -1.752  -5.461  8.359   1.00 0.00 ? 85 VAL A HG13 1 
ATOM   1266 H HG21 . VAL A 1 85 ? -3.006  -2.662  5.575   1.00 0.00 ? 85 VAL A HG21 1 
ATOM   1267 H HG22 . VAL A 1 85 ? -3.332  -4.239  4.859   1.00 0.00 ? 85 VAL A HG22 1 
ATOM   1268 H HG23 . VAL A 1 85 ? -1.683  -3.787  5.283   1.00 0.00 ? 85 VAL A HG23 1 
ATOM   1269 N N    . PRO A 1 86 ? -4.989  -6.645  8.754   1.00 0.00 ? 86 PRO A N    1 
ATOM   1270 C CA   . PRO A 1 86 ? -5.406  -7.027  10.109  1.00 0.00 ? 86 PRO A CA   1 
ATOM   1271 C C    . PRO A 1 86 ? -4.318  -6.720  11.141  1.00 0.00 ? 86 PRO A C    1 
ATOM   1272 O O    . PRO A 1 86 ? -3.316  -7.397  11.211  1.00 0.00 ? 86 PRO A O    1 
ATOM   1273 C CB   . PRO A 1 86 ? -5.655  -8.552  10.028  1.00 0.00 ? 86 PRO A CB   1 
ATOM   1274 C CG   . PRO A 1 86 ? -5.397  -8.990  8.556   1.00 0.00 ? 86 PRO A CG   1 
ATOM   1275 C CD   . PRO A 1 86 ? -4.976  -7.741  7.770   1.00 0.00 ? 86 PRO A CD   1 
ATOM   1276 H HA   . PRO A 1 86 ? -6.319  -6.496  10.369  1.00 0.00 ? 86 PRO A HA   1 
ATOM   1277 H HB2  . PRO A 1 86 ? -4.980  -9.073  10.692  1.00 0.00 ? 86 PRO A HB2  1 
ATOM   1278 H HB3  . PRO A 1 86 ? -6.676  -8.774  10.305  1.00 0.00 ? 86 PRO A HB3  1 
ATOM   1279 H HG2  . PRO A 1 86 ? -4.608  -9.728  8.525   1.00 0.00 ? 86 PRO A HG2  1 
ATOM   1280 H HG3  . PRO A 1 86 ? -6.299  -9.406  8.130   1.00 0.00 ? 86 PRO A HG3  1 
ATOM   1281 H HD2  . PRO A 1 86 ? -3.981  -7.867  7.367   1.00 0.00 ? 86 PRO A HD2  1 
ATOM   1282 H HD3  . PRO A 1 86 ? -5.678  -7.540  6.979   1.00 0.00 ? 86 PRO A HD3  1 
ATOM   1283 N N    . SER A 1 87 ? -4.540  -5.690  11.916  1.00 0.00 ? 87 SER A N    1 
ATOM   1284 C CA   . SER A 1 87 ? -3.536  -5.309  12.957  1.00 0.00 ? 87 SER A CA   1 
ATOM   1285 C C    . SER A 1 87 ? -3.283  -6.455  13.930  1.00 0.00 ? 87 SER A C    1 
ATOM   1286 O O    . SER A 1 87 ? -4.094  -7.352  14.069  1.00 0.00 ? 87 SER A O    1 
ATOM   1287 C CB   . SER A 1 87 ? -4.088  -4.112  13.748  1.00 0.00 ? 87 SER A CB   1 
ATOM   1288 O OG   . SER A 1 87 ? -3.021  -3.754  14.625  1.00 0.00 ? 87 SER A OG   1 
ATOM   1289 H H    . SER A 1 87 ? -5.360  -5.168  11.809  1.00 0.00 ? 87 SER A H    1 
ATOM   1290 H HA   . SER A 1 87 ? -2.600  -5.048  12.468  1.00 0.00 ? 87 SER A HA   1 
ATOM   1291 H HB2  . SER A 1 87 ? -4.320  -3.289  13.088  1.00 0.00 ? 87 SER A HB2  1 
ATOM   1292 H HB3  . SER A 1 87 ? -4.964  -4.398  14.318  1.00 0.00 ? 87 SER A HB3  1 
ATOM   1293 H HG   . SER A 1 87 ? -3.405  -3.482  15.471  1.00 0.00 ? 87 SER A HG   1 
ATOM   1294 N N    . CYS A 1 88 ? -2.152  -6.412  14.582  1.00 0.00 ? 88 CYS A N    1 
ATOM   1295 C CA   . CYS A 1 88 ? -1.825  -7.495  15.555  1.00 0.00 ? 88 CYS A CA   1 
ATOM   1296 C C    . CYS A 1 88 ? -2.479  -7.213  16.914  1.00 0.00 ? 88 CYS A C    1 
ATOM   1297 O O    . CYS A 1 88 ? -2.748  -8.117  17.671  1.00 0.00 ? 88 CYS A O    1 
ATOM   1298 C CB   . CYS A 1 88 ? -0.295  -7.550  15.729  1.00 0.00 ? 88 CYS A CB   1 
ATOM   1299 S SG   . CYS A 1 88 ? 0.721   -7.230  14.258  1.00 0.00 ? 88 CYS A SG   1 
ATOM   1300 H H    . CYS A 1 88 ? -1.524  -5.668  14.432  1.00 0.00 ? 88 CYS A H    1 
ATOM   1301 H HA   . CYS A 1 88 ? -2.206  -8.442  15.171  1.00 0.00 ? 88 CYS A HA   1 
ATOM   1302 H HB2  . CYS A 1 88 ? -0.014  -6.828  16.482  1.00 0.00 ? 88 CYS A HB2  1 
ATOM   1303 H HB3  . CYS A 1 88 ? -0.034  -8.529  16.102  1.00 0.00 ? 88 CYS A HB3  1 
ATOM   1304 N N    . SER A 1 89 ? -2.725  -5.949  17.177  1.00 0.00 ? 89 SER A N    1 
ATOM   1305 C CA   . SER A 1 89 ? -3.363  -5.544  18.476  1.00 0.00 ? 89 SER A CA   1 
ATOM   1306 C C    . SER A 1 89 ? -2.500  -5.916  19.687  1.00 0.00 ? 89 SER A C    1 
ATOM   1307 O O    . SER A 1 89 ? -1.821  -5.072  20.244  1.00 0.00 ? 89 SER A O    1 
ATOM   1308 C CB   . SER A 1 89 ? -4.732  -6.244  18.598  1.00 0.00 ? 89 SER A CB   1 
ATOM   1309 O OG   . SER A 1 89 ? -5.600  -5.448  17.798  1.00 0.00 ? 89 SER A OG   1 
ATOM   1310 H H    . SER A 1 89 ? -2.492  -5.265  16.519  1.00 0.00 ? 89 SER A H    1 
ATOM   1311 H HA   . SER A 1 89 ? -3.495  -4.462  18.471  1.00 0.00 ? 89 SER A HA   1 
ATOM   1312 H HB2  . SER A 1 89 ? -4.687  -7.252  18.211  1.00 0.00 ? 89 SER A HB2  1 
ATOM   1313 H HB3  . SER A 1 89 ? -5.069  -6.250  19.626  1.00 0.00 ? 89 SER A HB3  1 
ATOM   1314 H HG   . SER A 1 89 ? -6.506  -5.609  18.087  1.00 0.00 ? 89 SER A HG   1 
ATOM   1315 N N    . THR A 1 90 ? -2.540  -7.166  20.070  1.00 0.00 ? 90 THR A N    1 
ATOM   1316 C CA   . THR A 1 90 ? -1.728  -7.607  21.242  1.00 0.00 ? 90 THR A CA   1 
ATOM   1317 C C    . THR A 1 90 ? -1.230  -9.035  21.048  1.00 0.00 ? 90 THR A C    1 
ATOM   1318 O O    . THR A 1 90 ? -2.080  -9.876  20.796  1.00 0.00 ? 90 THR A O    1 
ATOM   1319 C CB   . THR A 1 90 ? -2.614  -7.565  22.500  1.00 0.00 ? 90 THR A CB   1 
ATOM   1320 O OG1  . THR A 1 90 ? -3.230  -6.292  22.495  1.00 0.00 ? 90 THR A OG1  1 
ATOM   1321 C CG2  . THR A 1 90 ? -1.758  -7.560  23.773  1.00 0.00 ? 90 THR A CG2  1 
ATOM   1322 O OXT  . THR A 1 90 ? -0.030  -9.209  21.166  1.00 0.00 ? 90 THR A OXT  1 
ATOM   1323 H H    . THR A 1 90 ? -3.089  -7.815  19.581  1.00 0.00 ? 90 THR A H    1 
ATOM   1324 H HA   . THR A 1 90 ? -0.871  -6.947  21.350  1.00 0.00 ? 90 THR A HA   1 
ATOM   1325 H HB   . THR A 1 90 ? -3.359  -8.359  22.497  1.00 0.00 ? 90 THR A HB   1 
ATOM   1326 H HG1  . THR A 1 90 ? -2.564  -5.641  22.739  1.00 0.00 ? 90 THR A HG1  1 
ATOM   1327 H HG21 . THR A 1 90 ? -2.394  -7.454  24.639  1.00 0.00 ? 90 THR A HG21 1 
ATOM   1328 H HG22 . THR A 1 90 ? -1.061  -6.736  23.741  1.00 0.00 ? 90 THR A HG22 1 
ATOM   1329 H HG23 . THR A 1 90 ? -1.209  -8.487  23.847  1.00 0.00 ? 90 THR A HG23 1 
HETATM 1330 C C    . ACA B 2 .  ? -4.508  9.909   -5.111  1.00 0.00 ? 91 ACA A C    1 
HETATM 1331 O O    . ACA B 2 .  ? -5.708  9.700   -5.081  1.00 0.00 ? 91 ACA A O    1 
HETATM 1332 O OXT  . ACA B 2 .  ? -3.932  10.827  -5.664  1.00 0.00 ? 91 ACA A OXT  1 
HETATM 1333 C C2   . ACA B 2 .  ? -3.624  8.891   -4.381  1.00 0.00 ? 91 ACA A C2   1 
HETATM 1334 C C3   . ACA B 2 .  ? -2.546  9.620   -3.576  1.00 0.00 ? 91 ACA A C3   1 
HETATM 1335 C C4   . ACA B 2 .  ? -2.010  8.688   -2.488  1.00 0.00 ? 91 ACA A C4   1 
HETATM 1336 C C5   . ACA B 2 .  ? -1.884  9.462   -1.167  1.00 0.00 ? 91 ACA A C5   1 
HETATM 1337 C C6   . ACA B 2 .  ? -1.349  8.516   -0.097  1.00 0.00 ? 91 ACA A C6   1 
HETATM 1338 N N    . ACA B 2 .  ? -1.361  9.161   1.244   1.00 0.00 ? 91 ACA A N    1 
HETATM 1339 H H2   . ACA B 2 .  ? -0.373  9.241   1.596   1.00 0.00 ? 91 ACA A H2   1 
HETATM 1340 H H21  . ACA B 2 .  ? -3.166  8.246   -5.103  1.00 0.00 ? 91 ACA A H21  1 
HETATM 1341 H H22  . ACA B 2 .  ? -4.237  8.306   -3.723  1.00 0.00 ? 91 ACA A H22  1 
HETATM 1342 H H31  . ACA B 2 .  ? -2.968  10.505  -3.123  1.00 0.00 ? 91 ACA A H31  1 
HETATM 1343 H H32  . ACA B 2 .  ? -1.739  9.913   -4.232  1.00 0.00 ? 91 ACA A H32  1 
HETATM 1344 H H41  . ACA B 2 .  ? -1.041  8.313   -2.781  1.00 0.00 ? 91 ACA A H41  1 
HETATM 1345 H H42  . ACA B 2 .  ? -2.685  7.856   -2.357  1.00 0.00 ? 91 ACA A H42  1 
HETATM 1346 H H51  . ACA B 2 .  ? -2.851  9.838   -0.872  1.00 0.00 ? 91 ACA A H51  1 
HETATM 1347 H H52  . ACA B 2 .  ? -1.203  10.291  -1.295  1.00 0.00 ? 91 ACA A H52  1 
HETATM 1348 H H61  . ACA B 2 .  ? -0.337  8.242   -0.344  1.00 0.00 ? 91 ACA A H61  1 
HETATM 1349 H H62  . ACA B 2 .  ? -1.960  7.621   -0.067  1.00 0.00 ? 91 ACA A H62  1 
HETATM 1350 H H    . ACA B 2 .  ? -1.783  10.108  1.174   1.00 0.00 ? 91 ACA A H    1 
HETATM 1351 H HN63 . ACA B 2 .  ? -1.922  8.576   1.908   1.00 0.00 ? 91 ACA A HN63 1 
# 
